data_5OF4
#
_entry.id   5OF4
#
_cell.length_a   1.000
_cell.length_b   1.000
_cell.length_c   1.000
_cell.angle_alpha   90.00
_cell.angle_beta   90.00
_cell.angle_gamma   90.00
#
_symmetry.space_group_name_H-M   'P 1'
#
loop_
_entity.id
_entity.type
_entity.pdbx_description
1 polymer 'TFIIH basal transcription factor complex helicase XPB subunit,XPB,TFIIH basal transcription factor complex helicase XPB subunit'
2 polymer 'TFIIH basal transcription factor complex helicase XPD subunit'
3 polymer 'General transcription factor IIH subunit 4,p52,General transcription factor IIH subunit 4'
4 polymer 'General transcription factor IIH subunit 2'
5 polymer 'General transcription factor IIH subunit 3'
6 polymer 'General transcription factor IIH subunit 5'
7 polymer MAT1
8 polymer 'Unassigned secondary structure elements.'
9 polymer 'Unassigned secondary structure elements (p52 region)'
10 polymer 'Unassigned secondary structure elements (XPB NTE region)'
11 non-polymer 'IRON/SULFUR CLUSTER'
#
loop_
_entity_poly.entity_id
_entity_poly.type
_entity_poly.pdbx_seq_one_letter_code
_entity_poly.pdbx_strand_id
1 'polypeptide(L)'
;(UNK)(UNK)(UNK)(UNK)(UNK)(UNK)(UNK)(UNK)(UNK)(UNK)(UNK)(UNK)(UNK)(UNK)(UNK)(UNK)
(UNK)(UNK)(UNK)(UNK)(UNK)(UNK)(UNK)(UNK)(UNK)(UNK)(UNK)(UNK)(UNK)(UNK)(UNK)(UNK)
(UNK)(UNK)(UNK)(UNK)QTVSFEVKQEMIEELQKRCIHLEYPLLAEYDFRNDSVNPDINIDLKPTAVLRPYQEKSLR
KMFGNGRARSGVIVLPCGAGKSLVGVTAACTVRKRCLVLGNSAVSVEQWKAQFKMWSTIDDSQICRFTSDAKDKPIGCSV
AISTYSMLGHTTKRSWEAERVMEWLKTQEWGLMILDEVHTIPAKMFRRVLTIVQAHCKLGLTATLVREDDKIVDLNFLIG
PKLYEANWMELQNNGYIAKVQCAEVWCPMSPEFYREYVAIKTKKRILLYTMNPNKFRACQFLIKFHERRNDKIIVFADNV
FALKEYAIRLNKPYIYGPTSQGERMQILQNFKHNPKINTIFISKVGDTSFDLPEANVLIQISSHGGSRRQEAQRLGRVLR
AKKGMVAEEYNAFFYSLVSQDTQEMAYSTKRQRFLVDQGYSFKVITKLAGMEEEDLAFSTKEEQQQLLQKVLAATDLDAE
EEVVAGEFGSRSSQASRRFGTMSSMSGADDTVYMEYHSSRSKAPSKHVHPLFKRFRK
;
A
2 'polypeptide(L)'
;MKLNVDGLLVYFPYDYIYPEQFSYMRELKRTLDAKGHGVLEMPSGTGKTVSLLALIMAYQRAYPLEVTKLIYCSRTVPEI
EKVIEELRKLLNFYEKQEGEKLPFLGLALSSRKNLCIHPEVTPLRFGKDVDGKCHSLTASYVRAQYQHDTSLPHCRFYEE
FDAHGREVPLPAGIYNLDDLKALGRRQGWCPYFLARYSILHANVVVYSYHYLLDPKIADLVSKELARKAVVVFDEAHNID
NVCIDSMSVNLTRRTLDRCQGNLETLQKTVLRIKETDEQRLRDEYRRLVEGLREASAARETDAHLANPVLPDEVLQEAVP
GSIRTAEHFLGFLRRLLEYVKWRLRVQHVVQESPPAFLSGLAQRVCIQRKPLRFCAERLRSLLHTLEITDLADFSPLTLL
ANFATLVSTYAKGFTIIIEPFDDRTPTIANPILHFSCMDASLAIKPVFERFQSVIITSGTLSPLDIYPKILDFHPVTMAT
FTMTLARVCLCPMIIGRGNDQVAISSKFETREDIAVIRNYGNLLLEMSAVVPDGIVAFFTSYQYMESTVASWYEQGILEN
IQRNKLLFIETQDGAETSVALEKYQEACENGRGAILLSVARGKVSEGIDFVHHYGRAVIMFGVPYVYTQSRILKARLEYL
RDQFQIRENDFLTFDAMRHAAQCVGRAIRGKTDYGLMVFADKRFARGDKRGKLPRWIQEHLTDANLNLTVDEGVQVAKYF
LRQMAQPFHREDQLGLSLLSLEQLESEETLKRIEQIAQQL
;
B
3 'polypeptide(L)'
;(UNK)(UNK)(UNK)(UNK)(UNK)LPPTITDQIRLWELERDRLRFTEGVLYNQFLSQVDFELLLAHARELGVLVFENSA
KRLMVVTPAGHSDVKRFWKRQKHSS
;
D
4 'polypeptide(L)'
;MDEEPERTKRWEGGYERTWEILKEDESGSLKATIEDILFKAKRKRVFEHHGQVRLGMMRHLYVVVDGSRTMEDQDLKPNR
LTCTLKLLEYFVEEYFDQNPISQIGIIVTKSKRAEKLTELSGNPRKHITSLKKAVDMTCHGEPSLYNSLSIAMQTLKHMP
GHTSREVLIIFSSLTTCDPSNIYDLIKTLKAAKIRVSVIGLSAEVRVCTVLARETGGTYHVILDESHYKELLTHHVSPPP
ASSSSECSLIRMGFPQHTIASLSDQDAKPSFSMAHLDGNTEPGLTLGGYFCPQCRAKYCELPVECKICGLTLVSAPHLAR
SYHHLFPLDAFQEIPLEEYNGERFCYGCQGELKDQHVYVCAVCQNVFCVDCDVFVHDSLHCCPGCIHKIPAPSGV
;
E
5 'polypeptide(L)'
;MVSDEDELNLLVIVVDANPIWWGKQALKESQFTLSKCIDAVMVLGNSHLFMNRSNKLAVIASHIQESRFLYPGKNGRLGD
FFGDPGNPPEFNPSGSKDGKYELLTSANEVIVEEIKDLMTKSDIKGQHTETLLAGSLAKALCYIHRMNKEVKDNQEMKSR
ILVIKAAEDSALQYMNFMNVIFAAQKQNILIDACVLDSDSGLLQQACDITGGLYLKVPQMPSLLQYLLWVFLPDQDQRSQ
LILPPPVHVDYRAACFCHRNLIEIGYVCSVCLSIFCNFSPICTTCETAFKISLPPVLKAKKKKLKVSA
;
F
6 'polypeptide(L)' MVNVLKGVLIECDPAMKQFLLYLDESNALGKKFIIQDIDDTHVFVIAELVNVLQERVGELMDQNAFSLTQK G
7 'polypeptide(L)'
;(UNK)(UNK)(UNK)(UNK)(UNK)(UNK)(UNK)(UNK)(UNK)(UNK)(UNK)(UNK)(UNK)(UNK)(UNK)(UNK)
(UNK)(UNK)(UNK)(UNK)(UNK)(UNK)(UNK)(UNK)(UNK)(UNK)(UNK)(UNK)(UNK)(UNK)(UNK)(UNK)
(UNK)(UNK)(UNK)(UNK)(UNK)(UNK)(UNK)(UNK)(UNK)(UNK)(UNK)(UNK)(UNK)(UNK)(UNK)(UNK)
(UNK)(UNK)(UNK)(UNK)(UNK)(UNK)(UNK)(UNK)(UNK)(UNK)(UNK)(UNK)(UNK)(UNK)(UNK)(UNK)
(UNK)(UNK)(UNK)(UNK)(UNK)(UNK)(UNK)(UNK)(UNK)(UNK)(UNK)(UNK)(UNK)(UNK)(UNK)(UNK)
(UNK)(UNK)(UNK)(UNK)(UNK)(UNK)(UNK)(UNK)(UNK)(UNK)(UNK)(UNK)(UNK)(UNK)(UNK)(UNK)
(UNK)(UNK)(UNK)(UNK)(UNK)(UNK)(UNK)(UNK)(UNK)(UNK)(UNK)(UNK)(UNK)(UNK)(UNK)(UNK)
(UNK)(UNK)(UNK)(UNK)(UNK)(UNK)(UNK)(UNK)(UNK)(UNK)(UNK)(UNK)
;
H
8 'polypeptide(L)'
;(UNK)(UNK)(UNK)(UNK)(UNK)(UNK)(UNK)(UNK)(UNK)(UNK)(UNK)(UNK)(UNK)(UNK)(UNK)(UNK)
(UNK)(UNK)(UNK)(UNK)(UNK)(UNK)(UNK)(UNK)(UNK)(UNK)(UNK)(UNK)(UNK)(UNK)(UNK)(UNK)
(UNK)(UNK)(UNK)(UNK)(UNK)(UNK)(UNK)(UNK)(UNK)(UNK)(UNK)(UNK)(UNK)(UNK)(UNK)(UNK)
(UNK)(UNK)(UNK)(UNK)(UNK)(UNK)(UNK)(UNK)(UNK)(UNK)(UNK)(UNK)(UNK)(UNK)(UNK)(UNK)
(UNK)(UNK)(UNK)(UNK)(UNK)(UNK)(UNK)(UNK)(UNK)(UNK)(UNK)(UNK)(UNK)(UNK)(UNK)(UNK)
(UNK)(UNK)(UNK)(UNK)(UNK)(UNK)(UNK)(UNK)(UNK)(UNK)(UNK)(UNK)(UNK)(UNK)(UNK)(UNK)
(UNK)(UNK)(UNK)(UNK)(UNK)(UNK)(UNK)(UNK)(UNK)(UNK)(UNK)(UNK)(UNK)(UNK)(UNK)(UNK)
(UNK)(UNK)(UNK)(UNK)(UNK)(UNK)(UNK)(UNK)(UNK)(UNK)(UNK)(UNK)(UNK)(UNK)(UNK)(UNK)
(UNK)(UNK)(UNK)(UNK)(UNK)(UNK)(UNK)(UNK)(UNK)(UNK)(UNK)(UNK)(UNK)(UNK)(UNK)(UNK)
(UNK)(UNK)(UNK)(UNK)(UNK)(UNK)(UNK)(UNK)(UNK)(UNK)(UNK)(UNK)(UNK)(UNK)(UNK)(UNK)
(UNK)(UNK)(UNK)(UNK)(UNK)(UNK)(UNK)(UNK)(UNK)(UNK)(UNK)(UNK)(UNK)(UNK)(UNK)(UNK)
(UNK)(UNK)(UNK)(UNK)(UNK)(UNK)(UNK)(UNK)(UNK)(UNK)(UNK)(UNK)(UNK)(UNK)(UNK)(UNK)
(UNK)(UNK)(UNK)(UNK)(UNK)(UNK)(UNK)(UNK)(UNK)(UNK)(UNK)(UNK)(UNK)(UNK)(UNK)(UNK)
(UNK)(UNK)(UNK)(UNK)(UNK)(UNK)(UNK)(UNK)(UNK)(UNK)(UNK)(UNK)(UNK)(UNK)(UNK)(UNK)
(UNK)(UNK)(UNK)(UNK)(UNK)(UNK)(UNK)(UNK)(UNK)(UNK)(UNK)(UNK)(UNK)(UNK)(UNK)(UNK)
(UNK)(UNK)(UNK)(UNK)(UNK)(UNK)(UNK)(UNK)(UNK)(UNK)(UNK)(UNK)(UNK)(UNK)(UNK)(UNK)
(UNK)(UNK)(UNK)(UNK)(UNK)(UNK)(UNK)(UNK)(UNK)(UNK)(UNK)(UNK)(UNK)(UNK)
;
Z
9 'polypeptide(L)'
;(UNK)(UNK)(UNK)(UNK)(UNK)(UNK)(UNK)(UNK)(UNK)(UNK)(UNK)(UNK)(UNK)(UNK)(UNK)(UNK)
(UNK)(UNK)(UNK)(UNK)(UNK)(UNK)(UNK)(UNK)(UNK)(UNK)(UNK)(UNK)(UNK)(UNK)(UNK)(UNK)
(UNK)(UNK)(UNK)(UNK)(UNK)(UNK)(UNK)(UNK)(UNK)(UNK)(UNK)(UNK)(UNK)(UNK)(UNK)(UNK)
(UNK)(UNK)(UNK)(UNK)(UNK)(UNK)(UNK)(UNK)(UNK)(UNK)(UNK)(UNK)(UNK)(UNK)(UNK)(UNK)
(UNK)(UNK)(UNK)(UNK)(UNK)(UNK)(UNK)(UNK)(UNK)(UNK)(UNK)(UNK)(UNK)(UNK)(UNK)(UNK)
(UNK)(UNK)(UNK)(UNK)(UNK)(UNK)(UNK)(UNK)(UNK)(UNK)(UNK)(UNK)(UNK)(UNK)(UNK)(UNK)
(UNK)(UNK)(UNK)(UNK)(UNK)(UNK)(UNK)(UNK)(UNK)(UNK)(UNK)(UNK)(UNK)(UNK)(UNK)(UNK)
(UNK)(UNK)(UNK)(UNK)(UNK)(UNK)(UNK)(UNK)(UNK)(UNK)(UNK)(UNK)(UNK)(UNK)(UNK)(UNK)
(UNK)(UNK)(UNK)(UNK)(UNK)(UNK)(UNK)(UNK)(UNK)(UNK)(UNK)(UNK)(UNK)(UNK)(UNK)(UNK)
(UNK)(UNK)(UNK)(UNK)(UNK)(UNK)(UNK)(UNK)(UNK)(UNK)(UNK)(UNK)(UNK)(UNK)(UNK)(UNK)
(UNK)(UNK)(UNK)(UNK)(UNK)(UNK)(UNK)(UNK)(UNK)(UNK)(UNK)(UNK)(UNK)(UNK)(UNK)(UNK)
(UNK)(UNK)(UNK)(UNK)(UNK)(UNK)(UNK)(UNK)(UNK)(UNK)(UNK)(UNK)(UNK)(UNK)(UNK)(UNK)
(UNK)(UNK)(UNK)(UNK)(UNK)(UNK)(UNK)(UNK)(UNK)(UNK)(UNK)(UNK)(UNK)(UNK)(UNK)(UNK)
(UNK)(UNK)(UNK)(UNK)(UNK)(UNK)(UNK)(UNK)(UNK)(UNK)(UNK)(UNK)(UNK)(UNK)(UNK)(UNK)
(UNK)(UNK)(UNK)(UNK)(UNK)(UNK)(UNK)(UNK)
;
Y
10 'polypeptide(L)'
;(UNK)(UNK)(UNK)(UNK)(UNK)(UNK)(UNK)(UNK)(UNK)(UNK)(UNK)(UNK)(UNK)(UNK)(UNK)(UNK)
(UNK)(UNK)(UNK)(UNK)(UNK)(UNK)(UNK)(UNK)(UNK)(UNK)(UNK)(UNK)(UNK)(UNK)(UNK)(UNK)
(UNK)(UNK)(UNK)(UNK)(UNK)(UNK)(UNK)(UNK)(UNK)(UNK)(UNK)(UNK)(UNK)(UNK)(UNK)(UNK)
(UNK)(UNK)(UNK)(UNK)(UNK)(UNK)(UNK)(UNK)(UNK)(UNK)(UNK)(UNK)(UNK)(UNK)(UNK)(UNK)
(UNK)(UNK)(UNK)(UNK)(UNK)(UNK)(UNK)(UNK)(UNK)(UNK)(UNK)(UNK)(UNK)(UNK)
;
X
#
# COMPACT_ATOMS: atom_id res chain seq x y z
N UNK A 1 -31.34 10.78 -24.91
CA UNK A 1 -30.92 9.46 -24.42
C UNK A 1 -30.77 9.54 -22.80
N UNK A 2 -31.95 9.53 -22.20
CA UNK A 2 -32.05 9.45 -20.77
C UNK A 2 -31.73 8.05 -20.13
N UNK A 3 -32.11 7.97 -18.85
CA UNK A 3 -32.00 6.84 -17.96
C UNK A 3 -33.37 6.29 -17.57
N UNK A 4 -33.74 5.20 -18.24
CA UNK A 4 -34.67 4.18 -17.66
C UNK A 4 -33.95 2.85 -17.84
N UNK A 5 -34.36 1.83 -17.10
CA UNK A 5 -33.55 0.65 -16.93
C UNK A 5 -34.36 -0.62 -16.80
N UNK A 6 -34.29 -1.50 -17.86
CA UNK A 6 -35.16 -2.71 -17.95
C UNK A 6 -34.55 -3.91 -17.22
N UNK A 7 -35.15 -4.27 -16.06
CA UNK A 7 -34.54 -5.33 -15.20
C UNK A 7 -35.01 -6.70 -15.72
N UNK A 8 -34.28 -7.77 -15.38
CA UNK A 8 -34.71 -9.13 -15.66
C UNK A 8 -34.36 -9.98 -14.44
N UNK A 9 -35.43 -10.45 -13.78
CA UNK A 9 -35.41 -10.80 -12.36
C UNK A 9 -36.27 -12.05 -12.13
N UNK A 10 -36.65 -12.30 -10.90
CA UNK A 10 -37.61 -13.34 -10.59
C UNK A 10 -39.03 -13.16 -11.28
N UNK A 11 -39.23 -12.04 -11.97
CA UNK A 11 -40.25 -11.80 -13.00
C UNK A 11 -40.10 -12.78 -14.18
N UNK A 12 -38.89 -13.37 -14.35
CA UNK A 12 -38.52 -14.29 -15.43
C UNK A 12 -38.58 -13.85 -16.93
N UNK A 13 -39.05 -12.65 -17.22
CA UNK A 13 -38.94 -12.10 -18.63
C UNK A 13 -38.17 -10.80 -18.65
N UNK A 14 -38.84 -9.84 -18.00
CA UNK A 14 -38.32 -8.56 -17.69
C UNK A 14 -39.39 -7.85 -16.73
N UNK A 15 -38.91 -7.04 -15.80
CA UNK A 15 -39.78 -6.02 -15.17
C UNK A 15 -39.07 -4.64 -15.25
N UNK A 16 -39.72 -3.66 -15.87
CA UNK A 16 -39.07 -2.29 -16.00
C UNK A 16 -39.47 -1.47 -14.79
N UNK A 17 -38.75 -1.73 -13.71
CA UNK A 17 -38.75 -0.81 -12.58
C UNK A 17 -37.60 0.18 -12.81
N UNK A 18 -37.83 1.15 -13.67
CA UNK A 18 -36.73 1.79 -14.35
C UNK A 18 -35.93 2.85 -13.52
N UNK A 19 -36.53 3.97 -13.12
CA UNK A 19 -35.73 5.16 -12.67
C UNK A 19 -36.09 5.61 -11.29
N UNK A 20 -35.10 6.05 -10.51
CA UNK A 20 -35.34 6.64 -9.15
C UNK A 20 -35.88 8.06 -9.25
N UNK A 21 -35.40 8.84 -10.23
CA UNK A 21 -35.99 10.18 -10.45
C UNK A 21 -37.42 10.00 -11.06
N UNK A 22 -38.45 10.36 -10.30
CA UNK A 22 -39.83 9.86 -10.50
C UNK A 22 -40.59 10.42 -11.73
N UNK A 23 -40.03 11.51 -12.23
CA UNK A 23 -40.66 12.38 -13.19
C UNK A 23 -40.82 11.70 -14.55
N UNK A 24 -39.76 11.07 -15.07
CA UNK A 24 -39.81 10.53 -16.39
C UNK A 24 -40.72 9.33 -16.50
N UNK A 25 -40.95 8.65 -15.37
CA UNK A 25 -41.83 7.49 -15.37
C UNK A 25 -43.28 7.91 -15.78
N UNK A 26 -43.71 9.15 -15.50
CA UNK A 26 -44.98 9.66 -15.96
C UNK A 26 -45.16 9.78 -17.47
N UNK A 27 -44.18 10.38 -18.12
CA UNK A 27 -44.25 10.48 -19.59
C UNK A 27 -44.12 9.10 -20.21
N UNK A 28 -43.28 8.26 -19.55
CA UNK A 28 -43.14 6.86 -20.02
C UNK A 28 -44.42 6.14 -19.86
N UNK A 29 -45.20 6.42 -18.82
CA UNK A 29 -46.51 5.81 -18.59
C UNK A 29 -47.52 6.19 -19.64
N UNK A 30 -47.53 7.48 -20.03
CA UNK A 30 -48.39 7.92 -21.15
C UNK A 30 -48.05 7.09 -22.46
N UNK A 31 -46.71 6.98 -22.67
CA UNK A 31 -46.20 6.24 -23.82
C UNK A 31 -46.54 4.71 -23.83
N UNK A 32 -46.31 4.05 -22.72
CA UNK A 32 -46.46 2.58 -22.63
C UNK A 32 -47.89 2.20 -22.52
N UNK A 33 -48.75 3.07 -21.99
CA UNK A 33 -50.22 2.79 -22.04
C UNK A 33 -50.74 3.00 -23.44
N UNK A 34 -50.24 4.05 -24.14
CA UNK A 34 -50.63 4.27 -25.54
C UNK A 34 -50.12 3.12 -26.47
N UNK A 35 -48.99 2.54 -26.12
CA UNK A 35 -48.39 1.47 -26.87
C UNK A 35 -48.86 0.06 -26.40
N UNK A 36 -49.14 -0.14 -25.12
CA UNK A 36 -49.63 -1.46 -24.57
C UNK A 36 -50.82 -1.21 -23.69
N GLN A 37 -36.73 5.47 -4.92
CA GLN A 37 -36.73 4.26 -5.65
C GLN A 37 -37.60 4.31 -6.90
N THR A 38 -37.93 3.14 -7.49
CA THR A 38 -38.37 3.08 -8.90
C THR A 38 -39.82 2.70 -9.00
N VAL A 39 -40.29 2.53 -10.24
CA VAL A 39 -41.67 2.21 -10.50
C VAL A 39 -41.81 1.02 -11.39
N SER A 40 -42.36 -0.04 -10.86
CA SER A 40 -42.30 -1.33 -11.53
C SER A 40 -43.44 -1.45 -12.52
N PHE A 41 -43.15 -1.81 -13.74
CA PHE A 41 -44.18 -2.29 -14.71
C PHE A 41 -43.70 -3.69 -15.03
N GLU A 42 -44.42 -4.66 -14.54
CA GLU A 42 -43.90 -5.99 -14.85
C GLU A 42 -44.16 -6.29 -16.34
N VAL A 43 -43.15 -6.20 -17.21
CA VAL A 43 -43.37 -6.17 -18.62
C VAL A 43 -43.62 -7.59 -19.19
N LYS A 44 -44.68 -7.60 -20.01
CA LYS A 44 -45.63 -8.65 -20.16
C LYS A 44 -45.25 -9.61 -21.29
N GLN A 45 -45.51 -10.88 -21.02
CA GLN A 45 -45.76 -11.92 -22.01
C GLN A 45 -44.63 -12.34 -22.95
N GLU A 46 -43.40 -11.92 -22.65
CA GLU A 46 -42.22 -12.37 -23.41
C GLU A 46 -42.11 -12.05 -24.93
N MET A 47 -43.13 -11.41 -25.54
CA MET A 47 -43.03 -10.96 -26.95
C MET A 47 -43.38 -9.48 -27.19
N ILE A 48 -43.70 -8.77 -26.12
CA ILE A 48 -43.88 -7.34 -26.17
C ILE A 48 -42.49 -6.64 -26.17
N GLU A 49 -41.44 -7.31 -25.68
CA GLU A 49 -40.30 -6.60 -25.05
C GLU A 49 -39.47 -5.84 -26.09
N GLU A 50 -39.28 -6.46 -27.24
CA GLU A 50 -38.55 -5.87 -28.36
C GLU A 50 -39.23 -4.60 -28.88
N LEU A 51 -40.54 -4.75 -29.07
CA LEU A 51 -41.41 -3.68 -29.53
C LEU A 51 -41.35 -2.53 -28.51
N GLN A 52 -41.33 -2.86 -27.21
CA GLN A 52 -41.24 -1.86 -26.15
C GLN A 52 -39.92 -1.10 -26.21
N LYS A 53 -38.83 -1.83 -26.38
CA LYS A 53 -37.54 -1.21 -26.44
C LYS A 53 -37.41 -0.25 -27.65
N ARG A 54 -37.91 -0.69 -28.80
CA ARG A 54 -37.83 0.16 -29.98
C ARG A 54 -38.76 1.36 -29.92
N CYS A 55 -39.91 1.22 -29.26
CA CYS A 55 -40.78 2.39 -29.09
C CYS A 55 -40.25 3.39 -28.05
N ILE A 56 -39.61 2.87 -27.02
CA ILE A 56 -38.98 3.72 -26.02
C ILE A 56 -37.81 4.49 -26.64
N HIS A 57 -36.95 3.81 -27.40
CA HIS A 57 -35.92 4.53 -28.11
C HIS A 57 -36.48 5.40 -29.24
N LEU A 58 -37.68 5.13 -29.75
CA LEU A 58 -38.40 6.07 -30.61
C LEU A 58 -38.77 7.33 -29.83
N GLU A 59 -39.06 7.18 -28.53
CA GLU A 59 -39.28 8.36 -27.71
C GLU A 59 -37.98 8.94 -27.19
N TYR A 60 -38.13 9.87 -26.23
CA TYR A 60 -37.01 10.42 -25.50
C TYR A 60 -36.08 9.38 -24.80
N PRO A 61 -36.64 8.54 -23.90
CA PRO A 61 -35.76 7.81 -23.08
C PRO A 61 -35.10 6.60 -23.73
N LEU A 62 -34.10 6.12 -22.95
CA LEU A 62 -33.33 4.97 -23.36
C LEU A 62 -33.18 4.10 -22.13
N LEU A 63 -33.40 2.80 -22.34
CA LEU A 63 -33.34 1.83 -21.22
C LEU A 63 -32.02 1.05 -21.36
N ALA A 64 -31.19 1.13 -20.33
CA ALA A 64 -30.06 0.24 -20.24
C ALA A 64 -30.63 -1.12 -19.78
N GLU A 65 -30.12 -2.18 -20.38
CA GLU A 65 -30.68 -3.50 -20.15
C GLU A 65 -30.00 -4.11 -18.98
N TYR A 66 -30.56 -3.98 -17.79
CA TYR A 66 -29.86 -4.57 -16.65
C TYR A 66 -30.04 -6.09 -16.67
N ASP A 67 -29.22 -6.74 -15.87
CA ASP A 67 -29.16 -8.20 -15.72
C ASP A 67 -29.24 -8.44 -14.26
N PHE A 68 -29.96 -9.46 -13.87
CA PHE A 68 -29.94 -9.76 -12.44
C PHE A 68 -29.97 -11.22 -12.28
N ARG A 69 -29.17 -11.92 -13.08
CA ARG A 69 -29.11 -13.34 -12.95
C ARG A 69 -28.03 -13.89 -12.01
N ASN A 70 -27.26 -12.95 -11.48
CA ASN A 70 -26.52 -13.17 -10.27
C ASN A 70 -27.52 -13.49 -9.13
N ASP A 71 -28.61 -12.73 -9.09
CA ASP A 71 -29.75 -13.02 -8.22
C ASP A 71 -30.35 -14.34 -8.60
N SER A 72 -31.07 -14.94 -7.64
CA SER A 72 -31.73 -16.22 -7.83
C SER A 72 -32.72 -16.17 -8.99
N VAL A 73 -32.29 -16.84 -10.07
CA VAL A 73 -33.08 -17.06 -11.25
C VAL A 73 -33.14 -18.58 -11.41
N ASN A 74 -34.27 -19.00 -11.90
CA ASN A 74 -34.78 -20.34 -11.76
C ASN A 74 -34.06 -21.38 -12.65
N PRO A 75 -33.59 -21.06 -13.91
CA PRO A 75 -32.92 -22.17 -14.65
C PRO A 75 -31.57 -22.54 -14.06
N ASP A 76 -31.03 -23.63 -14.57
CA ASP A 76 -29.93 -24.34 -13.96
C ASP A 76 -28.60 -23.57 -13.94
N ILE A 77 -27.67 -24.09 -13.14
CA ILE A 77 -26.47 -23.39 -12.66
C ILE A 77 -25.30 -24.36 -12.79
N ASN A 78 -24.18 -23.92 -13.36
CA ASN A 78 -23.09 -24.87 -13.62
C ASN A 78 -22.18 -25.03 -12.42
N ILE A 79 -21.16 -25.88 -12.53
CA ILE A 79 -20.25 -26.11 -11.40
C ILE A 79 -18.96 -25.30 -11.61
N ASP A 80 -18.85 -24.13 -10.99
CA ASP A 80 -17.83 -23.15 -11.36
C ASP A 80 -17.07 -22.58 -10.20
N LEU A 81 -15.74 -22.64 -10.18
CA LEU A 81 -14.95 -22.16 -9.02
C LEU A 81 -13.67 -21.52 -9.50
N LYS A 82 -12.73 -21.33 -8.58
CA LYS A 82 -11.55 -20.45 -8.76
C LYS A 82 -10.28 -21.13 -8.23
N PRO A 83 -9.55 -21.88 -9.11
CA PRO A 83 -8.28 -22.57 -8.72
C PRO A 83 -7.23 -21.53 -8.51
N THR A 84 -7.14 -21.20 -7.22
CA THR A 84 -7.04 -19.83 -6.68
C THR A 84 -6.54 -18.73 -7.63
N ALA A 85 -5.25 -18.64 -7.86
CA ALA A 85 -4.70 -17.69 -8.85
C ALA A 85 -5.22 -16.22 -8.77
N VAL A 86 -4.91 -15.53 -7.67
CA VAL A 86 -5.52 -14.21 -7.35
C VAL A 86 -5.07 -13.14 -8.36
N LEU A 87 -6.00 -12.31 -8.79
CA LEU A 87 -5.79 -11.40 -9.91
C LEU A 87 -5.57 -9.91 -9.51
N ARG A 88 -4.67 -9.29 -10.30
CA ARG A 88 -4.24 -7.90 -10.55
C ARG A 88 -5.31 -6.81 -10.48
N PRO A 89 -4.99 -5.69 -9.82
CA PRO A 89 -6.07 -4.76 -9.38
C PRO A 89 -6.78 -3.88 -10.45
N TYR A 90 -6.25 -3.75 -11.66
CA TYR A 90 -6.98 -3.03 -12.66
C TYR A 90 -8.19 -3.88 -13.12
N GLN A 91 -7.97 -5.20 -13.15
CA GLN A 91 -9.00 -6.13 -13.52
C GLN A 91 -10.12 -6.02 -12.46
N GLU A 92 -9.75 -5.82 -11.22
CA GLU A 92 -10.71 -5.70 -10.12
C GLU A 92 -11.40 -4.39 -10.17
N LYS A 93 -10.77 -3.33 -10.58
CA LYS A 93 -11.52 -2.07 -10.73
C LYS A 93 -12.54 -2.25 -11.86
N SER A 94 -12.18 -2.96 -12.94
CA SER A 94 -13.11 -3.22 -14.04
C SER A 94 -14.33 -4.09 -13.64
N LEU A 95 -14.08 -5.11 -12.88
CA LEU A 95 -15.16 -5.96 -12.49
C LEU A 95 -16.02 -5.36 -11.27
N ARG A 96 -15.43 -4.54 -10.44
CA ARG A 96 -16.17 -3.70 -9.51
C ARG A 96 -17.00 -2.61 -10.19
N LYS A 97 -16.51 -2.13 -11.33
CA LYS A 97 -17.29 -1.17 -12.08
C LYS A 97 -18.42 -1.86 -12.82
N MET A 98 -18.20 -3.11 -13.20
CA MET A 98 -19.23 -3.91 -13.87
C MET A 98 -20.34 -4.36 -12.98
N PHE A 99 -20.06 -5.20 -12.01
CA PHE A 99 -21.18 -5.81 -11.21
C PHE A 99 -21.71 -4.93 -10.09
N GLY A 100 -20.82 -4.12 -9.50
CA GLY A 100 -21.18 -2.75 -9.02
C GLY A 100 -22.29 -2.61 -8.01
N ASN A 101 -23.30 -1.85 -8.39
CA ASN A 101 -24.44 -1.64 -7.49
C ASN A 101 -25.49 -2.72 -7.61
N GLY A 102 -25.68 -3.23 -8.82
CA GLY A 102 -26.58 -4.32 -8.97
C GLY A 102 -26.04 -5.67 -8.48
N ARG A 103 -26.81 -6.71 -8.67
CA ARG A 103 -26.31 -8.08 -8.67
C ARG A 103 -25.60 -8.37 -9.96
N ALA A 104 -26.24 -8.08 -11.12
CA ALA A 104 -25.52 -8.12 -12.39
C ALA A 104 -25.81 -6.89 -13.24
N ARG A 105 -25.18 -6.85 -14.43
CA ARG A 105 -25.10 -5.63 -15.25
C ARG A 105 -24.65 -5.88 -16.66
N SER A 106 -25.19 -5.06 -17.59
CA SER A 106 -24.68 -5.07 -18.96
C SER A 106 -23.38 -4.36 -19.00
N GLY A 107 -22.40 -4.94 -19.68
CA GLY A 107 -21.06 -4.45 -19.62
C GLY A 107 -20.30 -4.49 -20.92
N VAL A 108 -19.46 -3.47 -21.13
CA VAL A 108 -18.32 -3.49 -22.06
C VAL A 108 -17.15 -2.94 -21.29
N ILE A 109 -16.08 -3.70 -21.23
CA ILE A 109 -14.89 -3.24 -20.58
C ILE A 109 -13.74 -3.32 -21.63
N VAL A 110 -12.90 -2.29 -21.64
CA VAL A 110 -11.76 -2.17 -22.51
C VAL A 110 -10.46 -2.18 -21.71
N LEU A 111 -9.61 -3.15 -22.01
CA LEU A 111 -8.26 -3.33 -21.43
C LEU A 111 -7.21 -3.45 -22.51
N PRO A 112 -5.99 -2.88 -22.36
CA PRO A 112 -5.08 -2.70 -23.48
C PRO A 112 -4.45 -4.01 -24.02
N CYS A 113 -3.67 -3.90 -25.10
CA CYS A 113 -3.26 -5.06 -25.86
C CYS A 113 -2.26 -5.92 -25.06
N GLY A 114 -2.66 -7.15 -24.80
CA GLY A 114 -1.90 -8.05 -23.98
C GLY A 114 -2.30 -8.07 -22.51
N ALA A 115 -3.29 -7.28 -22.07
CA ALA A 115 -3.78 -7.25 -20.67
C ALA A 115 -4.79 -8.41 -20.49
N GLY A 116 -5.46 -8.48 -19.33
CA GLY A 116 -6.42 -9.58 -18.98
C GLY A 116 -7.62 -9.65 -19.88
N LYS A 117 -7.56 -10.43 -20.96
CA LYS A 117 -8.64 -10.58 -21.93
C LYS A 117 -9.06 -11.98 -22.10
N SER A 118 -8.55 -12.86 -21.24
CA SER A 118 -8.99 -14.22 -21.07
C SER A 118 -9.06 -14.58 -19.60
N LEU A 119 -9.10 -13.57 -18.74
CA LEU A 119 -9.19 -13.81 -17.34
C LEU A 119 -10.45 -13.18 -16.78
N VAL A 120 -10.79 -12.01 -17.27
CA VAL A 120 -11.91 -11.36 -16.62
C VAL A 120 -13.20 -12.05 -17.10
N GLY A 121 -13.28 -12.52 -18.33
CA GLY A 121 -14.50 -13.18 -18.80
C GLY A 121 -14.76 -14.54 -18.16
N VAL A 122 -13.70 -15.29 -17.95
CA VAL A 122 -13.78 -16.52 -17.21
C VAL A 122 -14.25 -16.17 -15.81
N THR A 123 -13.69 -15.11 -15.21
CA THR A 123 -14.13 -14.65 -13.92
C THR A 123 -15.62 -14.34 -13.90
N ALA A 124 -16.11 -13.71 -14.96
CA ALA A 124 -17.50 -13.38 -15.06
C ALA A 124 -18.40 -14.60 -15.14
N ALA A 125 -18.01 -15.55 -15.96
CA ALA A 125 -18.74 -16.78 -16.09
C ALA A 125 -18.78 -17.49 -14.74
N CYS A 126 -17.69 -17.41 -13.96
CA CYS A 126 -17.67 -18.03 -12.64
C CYS A 126 -18.57 -17.34 -11.61
N THR A 127 -18.62 -16.02 -11.69
CA THR A 127 -19.18 -15.29 -10.59
C THR A 127 -20.62 -14.89 -10.79
N VAL A 128 -21.09 -14.81 -12.04
CA VAL A 128 -22.55 -14.64 -12.21
C VAL A 128 -23.18 -16.00 -12.03
N ARG A 129 -22.39 -17.05 -12.28
CA ARG A 129 -22.80 -18.41 -12.04
C ARG A 129 -24.00 -18.68 -12.93
N LYS A 130 -23.88 -18.20 -14.16
CA LYS A 130 -24.90 -18.46 -15.20
C LYS A 130 -24.49 -19.70 -15.91
N ARG A 131 -25.12 -19.91 -17.06
CA ARG A 131 -24.46 -20.70 -18.08
C ARG A 131 -24.14 -19.79 -19.28
N CYS A 132 -22.87 -19.81 -19.71
CA CYS A 132 -22.22 -18.65 -20.32
C CYS A 132 -21.87 -18.82 -21.81
N LEU A 133 -21.51 -17.71 -22.46
CA LEU A 133 -21.20 -17.68 -23.88
C LEU A 133 -19.99 -16.81 -24.17
N VAL A 134 -19.03 -17.33 -24.94
CA VAL A 134 -17.84 -16.64 -25.33
C VAL A 134 -17.64 -16.72 -26.84
N LEU A 135 -17.31 -15.59 -27.47
CA LEU A 135 -17.00 -15.54 -28.89
C LEU A 135 -15.67 -14.80 -29.08
N GLY A 136 -14.81 -15.39 -29.88
CA GLY A 136 -13.59 -14.73 -30.34
C GLY A 136 -13.54 -14.62 -31.83
N ASN A 137 -12.53 -13.89 -32.31
CA ASN A 137 -12.26 -13.76 -33.75
C ASN A 137 -12.01 -15.09 -34.48
N SER A 138 -11.08 -15.91 -34.02
CA SER A 138 -10.73 -17.15 -34.73
C SER A 138 -10.78 -18.30 -33.74
N ALA A 139 -10.37 -19.45 -34.19
CA ALA A 139 -10.03 -20.53 -33.32
C ALA A 139 -8.87 -20.20 -32.37
N VAL A 140 -8.02 -19.24 -32.73
CA VAL A 140 -6.96 -18.83 -31.86
C VAL A 140 -7.52 -18.32 -30.53
N SER A 141 -8.54 -17.47 -30.64
CA SER A 141 -9.20 -16.96 -29.45
C SER A 141 -9.92 -18.06 -28.71
N VAL A 142 -10.47 -19.02 -29.42
CA VAL A 142 -11.11 -20.17 -28.81
C VAL A 142 -10.13 -20.93 -27.94
N GLU A 143 -8.95 -21.13 -28.49
CA GLU A 143 -7.94 -21.91 -27.81
C GLU A 143 -7.35 -21.16 -26.65
N GLN A 144 -7.14 -19.87 -26.79
CA GLN A 144 -6.65 -19.05 -25.68
C GLN A 144 -7.65 -19.03 -24.52
N TRP A 145 -8.90 -18.76 -24.84
CA TRP A 145 -9.93 -18.81 -23.84
C TRP A 145 -10.10 -20.17 -23.18
N LYS A 146 -10.08 -21.26 -23.92
CA LYS A 146 -10.30 -22.55 -23.33
C LYS A 146 -9.10 -23.00 -22.54
N ALA A 147 -7.89 -22.62 -22.93
CA ALA A 147 -6.72 -23.07 -22.21
C ALA A 147 -6.60 -22.30 -20.88
N GLN A 148 -6.70 -20.99 -20.96
CA GLN A 148 -6.66 -20.17 -19.75
C GLN A 148 -7.96 -20.37 -18.94
N PHE A 149 -8.96 -20.95 -19.58
CA PHE A 149 -10.16 -21.35 -18.90
C PHE A 149 -9.92 -22.57 -18.05
N LYS A 150 -9.25 -23.56 -18.62
CA LYS A 150 -8.93 -24.79 -17.89
C LYS A 150 -7.94 -24.53 -16.76
N MET A 151 -6.99 -23.64 -16.99
CA MET A 151 -6.03 -23.30 -15.96
C MET A 151 -6.42 -22.11 -15.13
N TRP A 152 -7.65 -21.62 -15.27
CA TRP A 152 -8.17 -20.66 -14.32
C TRP A 152 -9.55 -20.96 -13.79
N SER A 153 -10.16 -22.04 -14.27
CA SER A 153 -11.43 -22.43 -13.73
C SER A 153 -11.49 -23.91 -13.61
N THR A 154 -12.22 -24.35 -12.59
CA THR A 154 -12.52 -25.77 -12.42
C THR A 154 -13.79 -26.20 -13.12
N ILE A 155 -14.17 -25.46 -14.15
CA ILE A 155 -15.23 -25.83 -15.06
C ILE A 155 -14.67 -26.70 -16.15
N ASP A 156 -13.35 -26.87 -16.13
CA ASP A 156 -12.63 -27.71 -17.08
C ASP A 156 -13.01 -29.18 -17.15
N ASP A 157 -13.71 -29.72 -16.14
CA ASP A 157 -14.03 -31.13 -16.25
C ASP A 157 -15.22 -31.32 -17.19
N SER A 158 -14.97 -31.17 -18.50
CA SER A 158 -15.94 -31.39 -19.60
C SER A 158 -17.29 -30.70 -19.40
N GLN A 159 -17.20 -29.40 -19.18
CA GLN A 159 -18.36 -28.53 -19.15
C GLN A 159 -18.11 -27.34 -20.12
N ILE A 160 -17.12 -27.52 -21.01
CA ILE A 160 -16.67 -26.49 -21.93
C ILE A 160 -17.18 -26.94 -23.25
N CYS A 161 -17.45 -25.98 -24.15
CA CYS A 161 -17.65 -26.27 -25.57
C CYS A 161 -16.80 -25.40 -26.42
N ARG A 162 -16.12 -26.05 -27.35
CA ARG A 162 -15.21 -25.36 -28.27
C ARG A 162 -15.72 -25.59 -29.71
N PHE A 163 -16.09 -24.48 -30.37
CA PHE A 163 -16.85 -24.51 -31.63
C PHE A 163 -16.09 -23.74 -32.68
N THR A 164 -15.20 -24.43 -33.41
CA THR A 164 -14.36 -23.73 -34.39
C THR A 164 -13.88 -24.66 -35.50
N SER A 165 -14.31 -24.37 -36.73
CA SER A 165 -13.92 -25.12 -37.96
C SER A 165 -14.27 -26.63 -37.86
N ASP A 166 -15.52 -26.86 -37.56
CA ASP A 166 -16.08 -28.19 -37.26
C ASP A 166 -15.35 -28.92 -36.10
N ALA A 167 -15.06 -28.19 -35.01
CA ALA A 167 -14.53 -28.78 -33.74
C ALA A 167 -15.59 -29.63 -33.01
N LYS A 168 -16.71 -28.97 -32.66
CA LYS A 168 -17.94 -29.62 -32.15
C LYS A 168 -17.72 -30.46 -30.90
N ASP A 169 -17.24 -29.80 -29.84
CA ASP A 169 -17.04 -30.50 -28.57
C ASP A 169 -18.24 -30.34 -27.64
N LYS A 170 -18.63 -31.46 -27.01
CA LYS A 170 -19.71 -31.56 -26.03
C LYS A 170 -21.04 -31.10 -26.65
N PRO A 171 -21.65 -31.98 -27.46
CA PRO A 171 -22.90 -31.55 -28.13
C PRO A 171 -24.10 -31.34 -27.19
N ILE A 172 -24.39 -32.36 -26.39
CA ILE A 172 -25.54 -32.33 -25.50
C ILE A 172 -25.06 -31.77 -24.16
N GLY A 173 -25.69 -30.67 -23.74
CA GLY A 173 -25.47 -30.10 -22.39
C GLY A 173 -24.30 -29.11 -22.38
N CYS A 174 -24.36 -28.14 -23.28
CA CYS A 174 -23.36 -27.09 -23.34
C CYS A 174 -23.62 -26.16 -22.17
N SER A 175 -22.56 -25.89 -21.40
CA SER A 175 -22.71 -25.18 -20.12
C SER A 175 -21.89 -23.88 -20.05
N VAL A 176 -20.69 -23.93 -20.61
CA VAL A 176 -19.95 -22.75 -20.95
C VAL A 176 -19.51 -22.88 -22.41
N ALA A 177 -20.19 -22.13 -23.27
CA ALA A 177 -20.01 -22.28 -24.72
C ALA A 177 -19.01 -21.30 -25.26
N ILE A 178 -18.26 -21.74 -26.25
CA ILE A 178 -17.37 -20.87 -26.99
C ILE A 178 -17.56 -21.11 -28.46
N SER A 179 -17.89 -20.04 -29.16
CA SER A 179 -18.12 -20.16 -30.56
C SER A 179 -17.34 -19.11 -31.32
N THR A 180 -17.65 -19.03 -32.62
CA THR A 180 -17.12 -18.08 -33.56
C THR A 180 -18.32 -17.65 -34.44
N TYR A 181 -18.15 -16.42 -34.94
CA TYR A 181 -19.20 -15.56 -35.47
C TYR A 181 -19.87 -16.20 -36.70
N SER A 182 -21.12 -16.60 -36.50
CA SER A 182 -21.91 -17.22 -37.54
C SER A 182 -22.33 -16.18 -38.58
N MET A 183 -21.41 -15.89 -39.50
CA MET A 183 -21.59 -14.90 -40.57
C MET A 183 -22.23 -15.51 -41.84
N LEU A 184 -22.85 -16.67 -41.66
CA LEU A 184 -22.76 -17.78 -42.61
C LEU A 184 -23.05 -17.37 -44.06
N GLY A 185 -24.30 -17.06 -44.36
CA GLY A 185 -24.72 -16.79 -45.75
C GLY A 185 -24.66 -17.98 -46.72
N HIS A 186 -24.23 -19.16 -46.25
CA HIS A 186 -24.04 -20.33 -47.09
C HIS A 186 -25.12 -21.37 -46.79
N THR A 187 -25.74 -21.92 -47.83
CA THR A 187 -26.63 -23.05 -47.67
C THR A 187 -25.78 -24.28 -47.35
N THR A 188 -25.97 -24.87 -46.16
CA THR A 188 -25.14 -25.95 -45.64
C THR A 188 -23.63 -25.58 -45.64
N LYS A 189 -23.29 -24.58 -44.83
CA LYS A 189 -21.93 -24.51 -44.24
C LYS A 189 -21.88 -25.40 -42.98
N ARG A 190 -22.97 -25.37 -42.21
CA ARG A 190 -23.16 -26.23 -41.10
C ARG A 190 -24.66 -26.58 -40.99
N SER A 191 -25.02 -27.75 -41.47
CA SER A 191 -26.43 -28.18 -41.53
C SER A 191 -26.96 -28.58 -40.16
N TRP A 192 -26.41 -29.67 -39.61
CA TRP A 192 -26.79 -30.13 -38.27
C TRP A 192 -25.92 -29.45 -37.18
N GLU A 193 -24.88 -28.75 -37.62
CA GLU A 193 -23.97 -28.07 -36.74
C GLU A 193 -24.43 -26.66 -36.33
N ALA A 194 -24.72 -25.81 -37.29
CA ALA A 194 -25.28 -24.47 -37.00
C ALA A 194 -26.73 -24.54 -36.55
N GLU A 195 -27.43 -25.63 -36.84
CA GLU A 195 -28.72 -25.88 -36.20
C GLU A 195 -28.55 -26.04 -34.71
N ARG A 196 -27.53 -26.78 -34.29
CA ARG A 196 -27.18 -26.87 -32.88
C ARG A 196 -26.82 -25.51 -32.33
N VAL A 197 -26.13 -24.69 -33.11
CA VAL A 197 -25.80 -23.34 -32.68
C VAL A 197 -27.05 -22.53 -32.43
N MET A 198 -28.02 -22.63 -33.34
CA MET A 198 -29.29 -21.96 -33.20
C MET A 198 -30.08 -22.39 -31.96
N GLU A 199 -30.28 -23.69 -31.86
CA GLU A 199 -31.17 -24.21 -30.84
C GLU A 199 -30.52 -24.11 -29.46
N TRP A 200 -29.24 -24.50 -29.36
CA TRP A 200 -28.51 -24.36 -28.12
C TRP A 200 -28.22 -22.91 -27.77
N LEU A 201 -28.29 -21.99 -28.74
CA LEU A 201 -28.20 -20.58 -28.45
C LEU A 201 -29.50 -20.05 -27.83
N LYS A 202 -30.63 -20.41 -28.44
CA LYS A 202 -31.92 -19.93 -27.95
C LYS A 202 -32.27 -20.53 -26.60
N THR A 203 -31.81 -21.76 -26.35
CA THR A 203 -31.97 -22.34 -25.04
C THR A 203 -30.86 -21.95 -24.07
N GLN A 204 -29.68 -21.62 -24.61
CA GLN A 204 -28.47 -21.50 -23.80
C GLN A 204 -28.60 -20.37 -22.83
N GLU A 205 -28.76 -19.18 -23.39
CA GLU A 205 -28.55 -18.01 -22.58
C GLU A 205 -29.40 -16.89 -23.09
N TRP A 206 -29.89 -16.12 -22.11
CA TRP A 206 -30.08 -14.68 -22.30
C TRP A 206 -28.91 -14.00 -21.60
N GLY A 207 -27.94 -14.83 -21.18
CA GLY A 207 -26.90 -14.51 -20.26
C GLY A 207 -25.63 -13.96 -20.83
N LEU A 208 -24.49 -14.28 -20.20
CA LEU A 208 -23.26 -13.54 -20.46
C LEU A 208 -22.71 -13.77 -21.85
N MET A 209 -23.06 -12.83 -22.72
CA MET A 209 -22.36 -12.73 -23.98
C MET A 209 -21.00 -12.16 -23.65
N ILE A 210 -19.91 -12.84 -23.97
CA ILE A 210 -18.56 -12.29 -23.77
C ILE A 210 -17.89 -12.24 -25.13
N LEU A 211 -17.75 -11.01 -25.61
CA LEU A 211 -17.35 -10.81 -26.97
C LEU A 211 -15.91 -10.41 -26.98
N ASP A 212 -15.14 -10.91 -27.95
CA ASP A 212 -13.75 -10.49 -28.17
C ASP A 212 -13.68 -9.64 -29.40
N GLU A 213 -12.93 -8.54 -29.24
CA GLU A 213 -12.56 -7.63 -30.31
C GLU A 213 -13.78 -7.08 -31.04
N VAL A 214 -14.61 -6.34 -30.35
CA VAL A 214 -15.85 -5.82 -30.93
C VAL A 214 -15.60 -4.71 -31.94
N HIS A 215 -14.42 -4.10 -31.88
CA HIS A 215 -14.09 -3.04 -32.79
C HIS A 215 -13.93 -3.61 -34.20
N THR A 216 -13.29 -4.77 -34.34
CA THR A 216 -13.21 -5.45 -35.61
C THR A 216 -14.29 -6.48 -35.61
N ILE A 217 -15.52 -6.02 -35.43
CA ILE A 217 -16.67 -6.74 -35.86
C ILE A 217 -17.42 -5.77 -36.80
N PRO A 218 -17.69 -6.19 -38.05
CA PRO A 218 -18.30 -5.24 -38.98
C PRO A 218 -19.76 -4.95 -38.65
N ALA A 219 -20.30 -3.94 -39.33
CA ALA A 219 -21.66 -3.48 -39.15
C ALA A 219 -22.71 -4.56 -39.54
N LYS A 220 -22.47 -5.20 -40.67
CA LYS A 220 -23.27 -6.31 -41.13
C LYS A 220 -23.22 -7.49 -40.12
N MET A 221 -22.07 -7.70 -39.50
CA MET A 221 -21.98 -8.78 -38.57
C MET A 221 -22.72 -8.44 -37.27
N PHE A 222 -22.73 -7.17 -36.87
CA PHE A 222 -23.58 -6.74 -35.74
C PHE A 222 -25.07 -6.86 -36.04
N ARG A 223 -25.44 -6.61 -37.30
CA ARG A 223 -26.80 -6.89 -37.75
C ARG A 223 -27.12 -8.39 -37.56
N ARG A 224 -26.17 -9.26 -37.93
CA ARG A 224 -26.37 -10.67 -37.71
C ARG A 224 -26.31 -11.13 -36.25
N VAL A 225 -25.59 -10.42 -35.39
CA VAL A 225 -25.58 -10.70 -33.94
C VAL A 225 -26.95 -10.39 -33.35
N LEU A 226 -27.50 -9.22 -33.66
CA LEU A 226 -28.79 -8.89 -33.12
C LEU A 226 -29.90 -9.73 -33.76
N THR A 227 -29.70 -10.19 -35.00
CA THR A 227 -30.64 -11.08 -35.65
C THR A 227 -30.61 -12.44 -34.97
N ILE A 228 -29.42 -12.95 -34.67
CA ILE A 228 -29.28 -14.35 -34.30
C ILE A 228 -29.25 -14.52 -32.79
N VAL A 229 -28.38 -13.77 -32.15
CA VAL A 229 -28.26 -13.82 -30.70
C VAL A 229 -29.28 -12.87 -30.09
N GLN A 230 -30.14 -13.45 -29.26
CA GLN A 230 -31.17 -12.75 -28.54
C GLN A 230 -30.88 -12.94 -27.06
N ALA A 231 -30.27 -11.92 -26.47
CA ALA A 231 -29.92 -11.93 -25.09
C ALA A 231 -29.93 -10.54 -24.55
N HIS A 232 -30.30 -10.44 -23.27
CA HIS A 232 -30.35 -9.14 -22.57
C HIS A 232 -29.09 -8.86 -21.78
N CYS A 233 -28.39 -9.92 -21.34
CA CYS A 233 -27.09 -9.75 -20.69
C CYS A 233 -26.03 -9.67 -21.74
N LYS A 234 -25.10 -8.71 -21.60
CA LYS A 234 -24.04 -8.58 -22.57
C LYS A 234 -22.73 -8.29 -21.89
N LEU A 235 -21.62 -8.46 -22.64
CA LEU A 235 -20.24 -8.16 -22.18
C LEU A 235 -19.26 -8.07 -23.30
N GLY A 236 -18.59 -6.96 -23.46
CA GLY A 236 -17.66 -6.76 -24.55
C GLY A 236 -16.23 -6.52 -24.09
N LEU A 237 -15.39 -7.51 -24.33
CA LEU A 237 -13.98 -7.45 -24.03
C LEU A 237 -13.24 -7.15 -25.30
N THR A 238 -12.63 -5.97 -25.31
CA THR A 238 -12.09 -5.40 -26.54
C THR A 238 -11.12 -4.30 -26.14
N ALA A 239 -9.94 -4.27 -26.71
CA ALA A 239 -8.97 -3.25 -26.37
C ALA A 239 -9.23 -1.83 -27.02
N THR A 240 -10.06 -1.75 -28.07
CA THR A 240 -10.16 -0.57 -28.89
C THR A 240 -11.54 0.07 -28.89
N LEU A 241 -11.53 1.36 -28.65
CA LEU A 241 -12.74 2.14 -28.51
C LEU A 241 -13.29 2.75 -29.80
N VAL A 242 -12.43 3.17 -30.70
CA VAL A 242 -12.90 3.92 -31.87
C VAL A 242 -12.53 3.11 -33.10
N ARG A 243 -13.50 2.82 -33.95
CA ARG A 243 -13.23 1.81 -34.98
C ARG A 243 -13.76 2.21 -36.36
N GLU A 244 -12.98 1.88 -37.40
CA GLU A 244 -13.41 1.83 -38.83
C GLU A 244 -13.97 3.10 -39.50
N ASP A 245 -14.08 4.20 -38.76
CA ASP A 245 -14.92 5.34 -39.13
C ASP A 245 -16.31 4.93 -39.60
N ASP A 246 -17.05 4.21 -38.77
CA ASP A 246 -18.53 4.13 -38.96
C ASP A 246 -19.12 5.31 -38.17
N LYS A 247 -19.09 6.46 -38.81
CA LYS A 247 -19.47 7.75 -38.11
C LYS A 247 -20.95 7.86 -37.74
N ILE A 248 -21.76 7.13 -38.51
CA ILE A 248 -23.19 7.05 -38.35
C ILE A 248 -23.54 6.19 -37.12
N VAL A 249 -22.97 4.99 -37.07
CA VAL A 249 -23.33 3.99 -36.09
C VAL A 249 -22.14 3.70 -35.17
N ASP A 250 -22.26 4.06 -33.90
CA ASP A 250 -21.43 3.47 -32.83
C ASP A 250 -22.18 2.35 -32.20
N LEU A 251 -21.48 1.24 -32.04
CA LEU A 251 -22.10 -0.02 -31.69
C LEU A 251 -22.35 -0.10 -30.20
N ASN A 252 -22.02 0.99 -29.46
CA ASN A 252 -22.54 1.27 -28.09
C ASN A 252 -24.09 1.35 -28.03
N PHE A 253 -24.72 1.60 -29.21
CA PHE A 253 -26.17 1.35 -29.45
C PHE A 253 -26.53 -0.09 -29.22
N LEU A 254 -25.58 -1.02 -29.49
CA LEU A 254 -25.81 -2.45 -29.25
C LEU A 254 -25.43 -2.98 -27.89
N ILE A 255 -24.22 -2.70 -27.47
CA ILE A 255 -23.64 -3.36 -26.27
C ILE A 255 -23.51 -2.46 -25.01
N GLY A 256 -24.39 -1.47 -24.96
CA GLY A 256 -24.43 -0.67 -23.81
C GLY A 256 -23.32 0.37 -23.76
N PRO A 257 -23.07 0.89 -22.53
CA PRO A 257 -22.09 1.96 -22.43
C PRO A 257 -20.69 1.45 -22.28
N LYS A 258 -19.72 2.32 -22.41
CA LYS A 258 -18.35 1.95 -22.07
C LYS A 258 -18.18 1.91 -20.58
N LEU A 259 -18.02 0.74 -20.00
CA LEU A 259 -18.04 0.67 -18.51
C LEU A 259 -16.67 1.04 -17.90
N TYR A 260 -15.62 0.25 -18.19
CA TYR A 260 -14.29 0.58 -17.71
C TYR A 260 -13.25 0.85 -18.89
N GLU A 261 -12.54 1.92 -18.83
CA GLU A 261 -11.45 2.39 -19.74
C GLU A 261 -10.22 2.01 -18.81
N ALA A 262 -9.20 1.57 -19.51
CA ALA A 262 -7.98 1.07 -18.79
C ALA A 262 -6.84 1.99 -19.02
N ASN A 263 -6.28 2.50 -17.94
CA ASN A 263 -5.34 3.61 -18.04
C ASN A 263 -3.95 3.10 -18.52
N TRP A 264 -3.44 3.61 -19.62
CA TRP A 264 -2.13 3.13 -20.16
C TRP A 264 -0.99 3.51 -19.25
N MET A 265 -1.10 4.61 -18.48
CA MET A 265 -0.04 5.00 -17.54
C MET A 265 0.15 3.95 -16.45
N GLU A 266 -0.98 3.68 -15.73
CA GLU A 266 -0.96 2.74 -14.61
C GLU A 266 -0.52 1.34 -14.99
N LEU A 267 -0.63 0.98 -16.27
CA LEU A 267 -0.34 -0.37 -16.67
C LEU A 267 1.06 -0.48 -17.23
N GLN A 268 1.41 0.36 -18.20
CA GLN A 268 2.70 0.25 -18.85
C GLN A 268 3.78 0.66 -17.92
N ASN A 269 3.61 1.81 -17.29
CA ASN A 269 4.69 2.35 -16.52
C ASN A 269 4.56 2.17 -15.00
N ASN A 270 3.53 1.45 -14.53
CA ASN A 270 3.45 1.04 -13.14
C ASN A 270 3.16 -0.45 -13.04
N GLY A 271 4.22 -1.22 -13.19
CA GLY A 271 4.13 -2.66 -13.12
C GLY A 271 3.92 -3.42 -14.47
N TYR A 272 2.77 -4.08 -14.58
CA TYR A 272 2.61 -5.32 -15.28
C TYR A 272 2.03 -5.25 -16.63
N ILE A 273 2.52 -4.31 -17.40
CA ILE A 273 2.39 -4.38 -18.86
C ILE A 273 3.73 -3.89 -19.35
N ALA A 274 4.24 -4.59 -20.37
CA ALA A 274 5.55 -4.34 -20.92
C ALA A 274 5.66 -2.91 -21.48
N LYS A 275 6.41 -2.06 -20.75
CA LYS A 275 6.69 -0.69 -21.15
C LYS A 275 7.63 -0.78 -22.36
N VAL A 276 7.30 -0.08 -23.45
CA VAL A 276 8.13 -0.18 -24.63
C VAL A 276 8.71 1.18 -24.99
N GLN A 277 9.96 1.20 -25.45
CA GLN A 277 10.51 2.30 -26.23
C GLN A 277 10.55 1.82 -27.71
N CYS A 278 9.50 2.10 -28.44
CA CYS A 278 9.46 1.75 -29.81
C CYS A 278 10.47 2.58 -30.57
N ALA A 279 10.81 2.06 -31.74
CA ALA A 279 11.77 2.69 -32.60
C ALA A 279 11.52 2.31 -34.03
N GLU A 280 11.43 3.31 -34.88
CA GLU A 280 11.60 3.14 -36.31
C GLU A 280 13.08 3.38 -36.64
N VAL A 281 13.56 2.67 -37.65
CA VAL A 281 14.83 2.91 -38.29
C VAL A 281 14.61 2.83 -39.77
N TRP A 282 14.72 3.95 -40.45
CA TRP A 282 15.02 3.88 -41.88
C TRP A 282 16.54 3.70 -42.05
N CYS A 283 16.92 2.88 -43.04
CA CYS A 283 18.28 2.35 -43.11
C CYS A 283 18.99 2.93 -44.32
N PRO A 284 20.26 3.36 -44.14
CA PRO A 284 21.01 3.90 -45.27
C PRO A 284 21.35 2.80 -46.33
N MET A 285 20.77 2.97 -47.51
CA MET A 285 20.80 1.97 -48.58
C MET A 285 22.10 1.96 -49.37
N SER A 286 22.13 1.10 -50.39
CA SER A 286 23.10 1.16 -51.49
C SER A 286 22.37 1.75 -52.72
N PRO A 287 23.08 2.55 -53.54
CA PRO A 287 22.36 3.38 -54.53
C PRO A 287 21.78 2.64 -55.75
N GLU A 288 22.31 1.42 -56.00
CA GLU A 288 21.78 0.61 -57.07
C GLU A 288 20.31 0.31 -56.86
N PHE A 289 19.96 0.05 -55.60
CA PHE A 289 18.57 -0.17 -55.18
C PHE A 289 17.68 0.98 -55.57
N TYR A 290 18.18 2.19 -55.37
CA TYR A 290 17.43 3.38 -55.74
C TYR A 290 17.24 3.50 -57.25
N ARG A 291 18.32 3.23 -58.02
CA ARG A 291 18.22 3.34 -59.47
C ARG A 291 17.29 2.31 -60.11
N GLU A 292 17.50 1.04 -59.74
CA GLU A 292 16.63 0.01 -60.27
C GLU A 292 15.22 0.05 -59.71
N TYR A 293 15.04 0.68 -58.56
CA TYR A 293 13.70 0.89 -58.04
C TYR A 293 12.97 1.94 -58.91
N VAL A 294 13.60 3.10 -59.10
CA VAL A 294 12.95 4.15 -59.86
C VAL A 294 12.92 3.88 -61.36
N ALA A 295 13.65 2.88 -61.83
CA ALA A 295 13.67 2.52 -63.22
C ALA A 295 12.29 2.10 -63.75
N ILE A 296 11.73 1.00 -63.27
CA ILE A 296 10.52 0.42 -63.86
C ILE A 296 9.43 0.30 -62.79
N LYS A 297 8.20 0.66 -63.13
CA LYS A 297 7.06 0.65 -62.19
C LYS A 297 6.33 -0.71 -62.21
N THR A 298 7.00 -1.71 -61.66
CA THR A 298 6.50 -3.07 -61.67
C THR A 298 7.04 -3.74 -60.40
N LYS A 299 6.27 -4.66 -59.83
CA LYS A 299 6.52 -5.31 -58.54
C LYS A 299 7.90 -5.96 -58.36
N LYS A 300 8.61 -6.19 -59.46
CA LYS A 300 10.03 -6.48 -59.42
C LYS A 300 10.80 -5.39 -58.65
N ARG A 301 10.41 -4.13 -58.81
CA ARG A 301 11.03 -3.06 -58.03
C ARG A 301 10.75 -3.18 -56.53
N ILE A 302 9.60 -3.74 -56.22
CA ILE A 302 9.21 -3.91 -54.84
C ILE A 302 10.08 -5.02 -54.22
N LEU A 303 10.34 -6.08 -54.98
CA LEU A 303 11.27 -7.07 -54.47
C LEU A 303 12.72 -6.63 -54.54
N LEU A 304 13.00 -5.64 -55.39
CA LEU A 304 14.33 -5.02 -55.42
C LEU A 304 14.62 -4.28 -54.13
N TYR A 305 13.70 -3.43 -53.69
CA TYR A 305 13.96 -2.80 -52.40
C TYR A 305 13.68 -3.66 -51.22
N THR A 306 13.08 -4.84 -51.45
CA THR A 306 12.83 -5.74 -50.36
C THR A 306 14.14 -6.34 -49.83
N MET A 307 14.98 -6.82 -50.72
CA MET A 307 16.12 -7.60 -50.28
C MET A 307 17.41 -6.82 -50.24
N ASN A 308 17.37 -5.58 -49.74
CA ASN A 308 18.58 -4.80 -49.52
C ASN A 308 19.40 -5.42 -48.39
N PRO A 309 20.69 -5.74 -48.60
CA PRO A 309 21.55 -6.21 -47.51
C PRO A 309 21.82 -5.19 -46.39
N ASN A 310 21.42 -3.94 -46.56
CA ASN A 310 21.45 -3.01 -45.46
C ASN A 310 20.37 -3.31 -44.43
N LYS A 311 19.21 -3.76 -44.91
CA LYS A 311 18.19 -4.36 -44.06
C LYS A 311 18.75 -5.61 -43.33
N PHE A 312 19.55 -6.39 -44.03
CA PHE A 312 20.19 -7.54 -43.44
C PHE A 312 21.16 -7.15 -42.37
N ARG A 313 21.95 -6.10 -42.61
CA ARG A 313 22.92 -5.61 -41.64
C ARG A 313 22.21 -5.12 -40.41
N ALA A 314 21.10 -4.42 -40.58
CA ALA A 314 20.37 -3.96 -39.43
C ALA A 314 19.78 -5.16 -38.65
N CYS A 315 19.25 -6.15 -39.35
CA CYS A 315 18.71 -7.31 -38.68
C CYS A 315 19.80 -8.08 -37.94
N GLN A 316 20.97 -8.24 -38.57
CA GLN A 316 22.12 -8.89 -37.97
C GLN A 316 22.59 -8.16 -36.73
N PHE A 317 22.57 -6.82 -36.81
CA PHE A 317 22.89 -5.93 -35.68
C PHE A 317 21.95 -6.20 -34.54
N LEU A 318 20.66 -6.23 -34.82
CA LEU A 318 19.70 -6.44 -33.76
C LEU A 318 19.79 -7.84 -33.16
N ILE A 319 20.11 -8.81 -34.00
CA ILE A 319 20.20 -10.18 -33.57
C ILE A 319 21.35 -10.34 -32.55
N LYS A 320 22.55 -9.89 -32.93
CA LYS A 320 23.65 -9.98 -31.98
C LYS A 320 23.51 -9.04 -30.77
N PHE A 321 22.78 -7.95 -30.98
CA PHE A 321 22.48 -7.00 -29.93
C PHE A 321 21.67 -7.68 -28.84
N HIS A 322 20.70 -8.50 -29.23
CA HIS A 322 19.89 -9.19 -28.21
C HIS A 322 20.35 -10.62 -27.87
N GLU A 323 21.39 -11.08 -28.55
CA GLU A 323 22.19 -12.15 -27.99
C GLU A 323 23.06 -11.57 -26.84
N ARG A 324 23.55 -10.33 -26.97
CA ARG A 324 24.14 -9.60 -25.83
C ARG A 324 23.09 -9.26 -24.74
N ARG A 325 21.82 -9.14 -25.13
CA ARG A 325 20.74 -8.88 -24.15
C ARG A 325 19.89 -10.15 -23.82
N ASN A 326 20.27 -11.30 -24.39
CA ASN A 326 19.85 -12.67 -24.00
C ASN A 326 18.40 -13.11 -24.24
N ASP A 327 17.55 -12.22 -24.73
CA ASP A 327 16.13 -12.45 -24.59
C ASP A 327 15.39 -12.66 -25.88
N LYS A 328 14.09 -12.88 -25.73
CA LYS A 328 13.23 -13.33 -26.81
C LYS A 328 13.11 -12.29 -27.92
N ILE A 329 13.14 -12.74 -29.16
CA ILE A 329 13.17 -11.84 -30.28
C ILE A 329 12.55 -12.46 -31.54
N ILE A 330 11.75 -11.66 -32.22
CA ILE A 330 10.99 -12.06 -33.36
C ILE A 330 11.24 -11.07 -34.48
N VAL A 331 11.10 -11.55 -35.71
CA VAL A 331 11.00 -10.71 -36.89
C VAL A 331 9.74 -11.01 -37.70
N PHE A 332 8.86 -10.05 -37.81
CA PHE A 332 7.82 -10.04 -38.81
C PHE A 332 8.45 -9.44 -40.05
N ALA A 333 8.36 -10.16 -41.16
CA ALA A 333 8.92 -9.67 -42.42
C ALA A 333 7.72 -9.28 -43.30
N ASP A 334 8.04 -8.39 -44.24
CA ASP A 334 7.03 -7.84 -45.15
C ASP A 334 6.47 -8.95 -46.09
N ASN A 335 7.33 -9.50 -46.91
CA ASN A 335 7.04 -10.74 -47.63
C ASN A 335 7.80 -11.88 -46.95
N VAL A 336 7.86 -13.00 -47.66
CA VAL A 336 8.21 -14.24 -47.03
C VAL A 336 9.49 -14.84 -47.56
N PHE A 337 9.69 -14.91 -48.88
CA PHE A 337 10.83 -15.67 -49.41
C PHE A 337 12.16 -14.95 -49.20
N ALA A 338 12.08 -13.63 -49.15
CA ALA A 338 13.19 -12.85 -48.64
C ALA A 338 13.55 -13.29 -47.23
N LEU A 339 12.55 -13.41 -46.35
CA LEU A 339 12.76 -13.91 -45.01
C LEU A 339 13.28 -15.34 -45.01
N LYS A 340 12.90 -16.14 -45.99
CA LYS A 340 13.41 -17.51 -46.11
C LYS A 340 14.93 -17.46 -46.32
N GLU A 341 15.38 -16.56 -47.20
CA GLU A 341 16.82 -16.38 -47.36
C GLU A 341 17.49 -15.74 -46.15
N TYR A 342 16.76 -14.91 -45.41
CA TYR A 342 17.26 -14.40 -44.14
C TYR A 342 17.53 -15.55 -43.16
N ALA A 343 16.55 -16.41 -42.96
CA ALA A 343 16.62 -17.50 -41.99
C ALA A 343 17.67 -18.53 -42.37
N ILE A 344 17.75 -18.83 -43.67
CA ILE A 344 18.79 -19.73 -44.16
C ILE A 344 20.16 -19.09 -44.00
N ARG A 345 20.23 -17.79 -44.21
CA ARG A 345 21.50 -17.10 -44.25
C ARG A 345 22.12 -16.96 -42.86
N LEU A 346 21.33 -16.46 -41.90
CA LEU A 346 21.82 -16.21 -40.54
C LEU A 346 21.16 -17.10 -39.50
N ASN A 347 20.93 -18.36 -39.85
CA ASN A 347 20.69 -19.48 -38.93
C ASN A 347 19.55 -19.33 -37.91
N LYS A 348 18.45 -18.70 -38.30
CA LYS A 348 17.37 -18.54 -37.31
C LYS A 348 16.15 -19.37 -37.69
N PRO A 349 15.32 -19.76 -36.67
CA PRO A 349 14.06 -20.49 -36.96
C PRO A 349 13.08 -19.72 -37.81
N TYR A 350 12.25 -20.48 -38.50
CA TYR A 350 11.44 -19.92 -39.66
C TYR A 350 10.03 -20.46 -39.58
N ILE A 351 9.02 -19.64 -39.79
CA ILE A 351 7.65 -20.17 -39.89
C ILE A 351 6.93 -19.49 -41.02
N TYR A 352 6.11 -20.26 -41.72
CA TYR A 352 5.35 -19.82 -42.86
C TYR A 352 4.00 -20.52 -42.85
N GLY A 353 3.36 -20.60 -44.02
CA GLY A 353 1.95 -20.99 -44.09
C GLY A 353 1.57 -22.46 -43.89
N PRO A 354 1.80 -23.31 -44.92
CA PRO A 354 1.03 -24.58 -44.98
C PRO A 354 1.42 -25.77 -44.07
N THR A 355 2.71 -25.94 -43.82
CA THR A 355 3.29 -27.23 -43.45
C THR A 355 3.09 -27.58 -41.96
N SER A 356 3.82 -28.58 -41.46
CA SER A 356 3.53 -29.30 -40.23
C SER A 356 3.51 -28.46 -38.98
N GLN A 357 2.34 -28.34 -38.37
CA GLN A 357 2.10 -27.52 -37.20
C GLN A 357 2.77 -28.07 -35.95
N GLY A 358 3.03 -29.38 -35.91
CA GLY A 358 3.68 -30.00 -34.77
C GLY A 358 5.13 -29.58 -34.70
N GLU A 359 5.78 -29.54 -35.85
CA GLU A 359 7.14 -29.02 -35.92
C GLU A 359 7.17 -27.55 -35.55
N ARG A 360 6.14 -26.82 -35.91
CA ARG A 360 6.01 -25.39 -35.56
C ARG A 360 5.83 -25.20 -34.05
N MET A 361 5.09 -26.08 -33.40
CA MET A 361 4.94 -26.04 -31.97
C MET A 361 6.21 -26.45 -31.21
N GLN A 362 6.96 -27.39 -31.79
CA GLN A 362 8.28 -27.72 -31.26
C GLN A 362 9.23 -26.51 -31.37
N ILE A 363 9.14 -25.77 -32.47
CA ILE A 363 9.91 -24.55 -32.65
C ILE A 363 9.49 -23.46 -31.64
N LEU A 364 8.20 -23.34 -31.39
CA LEU A 364 7.67 -22.43 -30.41
C LEU A 364 8.25 -22.75 -29.01
N GLN A 365 8.25 -24.01 -28.63
CA GLN A 365 8.84 -24.38 -27.36
C GLN A 365 10.36 -24.32 -27.34
N ASN A 366 11.00 -24.46 -28.51
CA ASN A 366 12.43 -24.19 -28.62
C ASN A 366 12.77 -22.72 -28.39
N PHE A 367 11.85 -21.85 -28.78
CA PHE A 367 12.01 -20.42 -28.61
C PHE A 367 11.65 -19.95 -27.20
N LYS A 368 10.70 -20.62 -26.55
CA LYS A 368 10.17 -20.16 -25.27
C LYS A 368 10.52 -21.05 -24.08
N HIS A 369 10.25 -22.35 -24.21
CA HIS A 369 10.67 -23.29 -23.18
C HIS A 369 12.20 -23.49 -23.14
N ASN A 370 12.82 -23.68 -24.30
CA ASN A 370 14.27 -23.98 -24.36
C ASN A 370 15.10 -22.69 -24.37
N PRO A 371 15.82 -22.38 -23.29
CA PRO A 371 16.57 -21.11 -23.24
C PRO A 371 17.94 -21.10 -23.96
N LYS A 372 18.26 -22.15 -24.71
CA LYS A 372 19.55 -22.19 -25.40
C LYS A 372 19.56 -21.57 -26.83
N ILE A 373 18.39 -21.45 -27.46
CA ILE A 373 18.26 -20.82 -28.79
C ILE A 373 17.02 -19.92 -28.74
N ASN A 374 17.23 -18.60 -28.80
CA ASN A 374 16.14 -17.65 -28.64
C ASN A 374 16.06 -16.59 -29.74
N THR A 375 15.53 -17.02 -30.89
CA THR A 375 15.30 -16.19 -32.08
C THR A 375 14.18 -16.84 -32.92
N ILE A 376 13.35 -16.05 -33.58
CA ILE A 376 12.32 -16.63 -34.43
C ILE A 376 11.91 -15.67 -35.51
N PHE A 377 11.65 -16.22 -36.69
CA PHE A 377 11.13 -15.44 -37.82
C PHE A 377 9.75 -15.88 -38.20
N ILE A 378 8.84 -14.95 -38.39
CA ILE A 378 7.47 -15.25 -38.78
C ILE A 378 7.07 -14.70 -40.14
N SER A 379 6.27 -15.45 -40.87
CA SER A 379 5.68 -14.95 -42.10
C SER A 379 4.48 -14.08 -41.79
N LYS A 380 3.69 -13.75 -42.83
CA LYS A 380 2.47 -12.95 -42.68
C LYS A 380 1.21 -13.76 -42.32
N VAL A 381 1.38 -14.96 -41.77
CA VAL A 381 0.28 -15.89 -41.64
C VAL A 381 -0.26 -15.90 -40.21
N GLY A 382 0.58 -16.34 -39.26
CA GLY A 382 0.07 -16.82 -37.99
C GLY A 382 -0.42 -15.77 -37.00
N ASP A 383 -0.13 -14.50 -37.25
CA ASP A 383 -0.52 -13.45 -36.32
C ASP A 383 -2.06 -13.36 -36.19
N THR A 384 -2.76 -13.62 -37.29
CA THR A 384 -4.20 -13.68 -37.35
C THR A 384 -4.71 -15.15 -37.29
N SER A 385 -3.98 -16.08 -37.90
CA SER A 385 -4.48 -17.45 -38.15
C SER A 385 -3.95 -18.51 -37.20
N PHE A 386 -2.67 -18.50 -36.86
CA PHE A 386 -2.11 -19.65 -36.14
C PHE A 386 -1.31 -19.29 -34.89
N ASP A 387 -0.50 -18.24 -34.94
CA ASP A 387 0.60 -18.11 -34.00
C ASP A 387 0.15 -17.62 -32.65
N LEU A 388 1.05 -17.87 -31.69
CA LEU A 388 1.12 -17.20 -30.43
C LEU A 388 2.50 -16.53 -30.40
N PRO A 389 2.62 -15.35 -31.05
CA PRO A 389 3.92 -14.68 -31.05
C PRO A 389 4.19 -13.96 -29.70
N GLU A 390 5.13 -14.48 -28.94
CA GLU A 390 5.39 -13.98 -27.59
C GLU A 390 6.88 -13.73 -27.42
N ALA A 391 7.37 -12.61 -27.94
CA ALA A 391 8.79 -12.23 -27.84
C ALA A 391 8.98 -11.03 -26.90
N ASN A 392 10.20 -10.52 -26.85
CA ASN A 392 10.48 -9.26 -26.13
C ASN A 392 10.93 -8.15 -27.05
N VAL A 393 11.28 -8.49 -28.30
CA VAL A 393 11.61 -7.54 -29.34
C VAL A 393 10.90 -7.95 -30.63
N LEU A 394 10.06 -7.08 -31.16
CA LEU A 394 9.51 -7.24 -32.51
C LEU A 394 10.28 -6.43 -33.48
N ILE A 395 10.71 -7.06 -34.55
CA ILE A 395 11.33 -6.37 -35.66
C ILE A 395 10.46 -6.51 -36.89
N GLN A 396 9.66 -5.48 -37.13
CA GLN A 396 8.85 -5.48 -38.32
C GLN A 396 9.64 -4.90 -39.43
N ILE A 397 9.47 -5.49 -40.60
CA ILE A 397 9.98 -4.95 -41.82
C ILE A 397 8.83 -4.39 -42.68
N SER A 398 7.58 -4.84 -42.48
CA SER A 398 6.44 -4.34 -43.25
C SER A 398 5.99 -2.96 -42.81
N SER A 399 6.79 -1.97 -43.19
CA SER A 399 6.37 -0.58 -43.11
C SER A 399 5.76 -0.18 -44.50
N HIS A 400 4.80 -0.97 -44.96
CA HIS A 400 4.11 -0.74 -46.22
C HIS A 400 2.59 -0.87 -46.22
N GLY A 401 2.03 -1.75 -45.37
CA GLY A 401 0.61 -2.10 -45.38
C GLY A 401 -0.33 -0.98 -44.95
N GLY A 402 -1.55 -0.95 -45.47
CA GLY A 402 -2.59 -0.04 -45.03
C GLY A 402 -3.44 -0.51 -43.84
N SER A 403 -2.82 -1.06 -42.78
CA SER A 403 -3.52 -1.70 -41.64
C SER A 403 -2.99 -1.22 -40.30
N ARG A 404 -3.03 0.10 -40.13
CA ARG A 404 -2.23 0.78 -39.15
C ARG A 404 -2.66 0.37 -37.73
N ARG A 405 -3.97 0.27 -37.51
CA ARG A 405 -4.49 -0.12 -36.22
C ARG A 405 -4.25 -1.62 -35.95
N GLN A 406 -4.36 -2.43 -37.00
CA GLN A 406 -4.00 -3.84 -36.92
C GLN A 406 -2.54 -3.98 -36.52
N GLU A 407 -1.69 -3.14 -37.14
CA GLU A 407 -0.26 -3.16 -36.86
C GLU A 407 0.00 -2.83 -35.38
N ALA A 408 -0.70 -1.81 -34.88
CA ALA A 408 -0.52 -1.40 -33.50
C ALA A 408 -0.93 -2.53 -32.55
N GLN A 409 -2.01 -3.22 -32.86
CA GLN A 409 -2.48 -4.27 -31.97
C GLN A 409 -1.58 -5.51 -32.03
N ARG A 410 -1.02 -5.79 -33.20
CA ARG A 410 -0.05 -6.88 -33.31
C ARG A 410 1.21 -6.55 -32.48
N LEU A 411 1.74 -5.34 -32.61
CA LEU A 411 2.92 -5.02 -31.87
C LEU A 411 2.61 -4.89 -30.35
N GLY A 412 1.36 -4.63 -29.98
CA GLY A 412 0.95 -4.69 -28.58
C GLY A 412 0.93 -6.10 -28.03
N ARG A 413 0.34 -7.04 -28.76
CA ARG A 413 0.22 -8.42 -28.27
C ARG A 413 1.51 -9.21 -28.37
N VAL A 414 2.37 -8.83 -29.30
CA VAL A 414 3.64 -9.52 -29.43
C VAL A 414 4.54 -9.17 -28.24
N LEU A 415 4.73 -7.89 -27.99
CA LEU A 415 5.66 -7.43 -26.96
C LEU A 415 5.20 -7.76 -25.54
N ARG A 416 5.48 -8.98 -25.10
CA ARG A 416 5.24 -9.35 -23.71
C ARG A 416 6.37 -8.89 -22.86
N ALA A 417 6.22 -9.06 -21.55
CA ALA A 417 7.19 -8.53 -20.58
C ALA A 417 8.55 -9.19 -20.74
N LYS A 418 9.58 -8.36 -20.81
CA LYS A 418 10.94 -8.86 -21.02
C LYS A 418 11.55 -9.43 -19.73
N LYS A 419 11.77 -8.56 -18.76
CA LYS A 419 12.38 -8.99 -17.48
C LYS A 419 11.62 -8.33 -16.35
N GLY A 420 11.86 -8.83 -15.12
CA GLY A 420 11.55 -8.09 -13.90
C GLY A 420 12.72 -7.16 -13.62
N MET A 421 12.87 -6.11 -14.42
CA MET A 421 14.00 -5.20 -14.31
C MET A 421 13.73 -4.29 -13.10
N VAL A 422 14.77 -4.11 -12.31
CA VAL A 422 14.67 -3.35 -11.07
C VAL A 422 14.55 -1.86 -11.36
N ALA A 423 15.22 -1.40 -12.43
CA ALA A 423 15.17 0.01 -12.84
C ALA A 423 13.76 0.36 -13.34
N GLU A 424 13.54 1.65 -13.52
CA GLU A 424 12.19 2.16 -13.75
C GLU A 424 11.89 2.45 -15.24
N GLU A 425 12.68 1.89 -16.16
CA GLU A 425 12.46 2.11 -17.60
C GLU A 425 11.62 0.99 -18.25
N TYR A 426 11.42 1.19 -19.54
CA TYR A 426 10.94 0.21 -20.44
C TYR A 426 11.78 -1.02 -20.46
N ASN A 427 11.26 -2.01 -21.15
CA ASN A 427 12.12 -3.13 -21.46
C ASN A 427 12.12 -3.50 -22.89
N ALA A 428 10.94 -3.51 -23.49
CA ALA A 428 10.78 -4.13 -24.79
C ALA A 428 11.29 -3.24 -25.87
N PHE A 429 11.37 -3.82 -27.07
CA PHE A 429 11.82 -3.10 -28.21
C PHE A 429 11.03 -3.43 -29.44
N PHE A 430 10.65 -2.39 -30.15
CA PHE A 430 10.18 -2.52 -31.49
C PHE A 430 11.20 -1.92 -32.44
N TYR A 431 11.34 -2.53 -33.60
CA TYR A 431 12.19 -2.00 -34.64
C TYR A 431 11.59 -2.22 -36.01
N SER A 432 11.11 -1.16 -36.64
CA SER A 432 10.73 -1.24 -38.01
C SER A 432 11.96 -0.90 -38.84
N LEU A 433 12.35 -1.76 -39.78
CA LEU A 433 13.56 -1.52 -40.59
C LEU A 433 13.07 -1.15 -42.00
N VAL A 434 13.19 0.14 -42.29
CA VAL A 434 12.46 0.80 -43.36
C VAL A 434 13.40 1.18 -44.50
N SER A 435 12.97 0.95 -45.73
CA SER A 435 13.63 1.52 -46.88
C SER A 435 13.48 3.03 -46.86
N GLN A 436 14.58 3.75 -46.68
CA GLN A 436 14.62 5.21 -46.85
C GLN A 436 14.40 5.59 -48.35
N ASP A 437 13.99 6.83 -48.56
CA ASP A 437 13.80 7.43 -49.88
C ASP A 437 12.89 6.64 -50.89
N THR A 438 12.02 5.80 -50.37
CA THR A 438 11.22 4.88 -51.17
C THR A 438 9.75 5.10 -50.76
N GLN A 439 8.84 4.23 -51.18
CA GLN A 439 7.48 4.32 -50.69
C GLN A 439 7.47 4.09 -49.18
N GLU A 440 8.41 3.27 -48.68
CA GLU A 440 8.39 2.98 -47.26
C GLU A 440 8.69 4.22 -46.43
N MET A 441 9.51 5.12 -46.94
CA MET A 441 9.76 6.38 -46.25
C MET A 441 8.53 7.26 -46.21
N ALA A 442 7.75 7.26 -47.28
CA ALA A 442 6.49 7.97 -47.34
C ALA A 442 5.46 7.41 -46.34
N TYR A 443 5.36 6.09 -46.29
CA TYR A 443 4.47 5.47 -45.29
C TYR A 443 4.96 5.73 -43.84
N SER A 444 6.26 5.82 -43.66
CA SER A 444 6.83 6.07 -42.40
C SER A 444 6.39 7.41 -41.84
N THR A 445 6.01 8.37 -42.69
CA THR A 445 5.51 9.63 -42.20
C THR A 445 4.18 9.42 -41.42
N LYS A 446 3.21 8.77 -42.08
CA LYS A 446 1.97 8.45 -41.43
C LYS A 446 2.13 7.51 -40.26
N ARG A 447 3.08 6.61 -40.37
CA ARG A 447 3.36 5.65 -39.30
C ARG A 447 3.85 6.36 -38.04
N GLN A 448 4.78 7.30 -38.20
CA GLN A 448 5.31 7.99 -37.02
C GLN A 448 4.28 8.93 -36.46
N ARG A 449 3.50 9.62 -37.32
CA ARG A 449 2.42 10.49 -36.85
C ARG A 449 1.39 9.67 -36.09
N PHE A 450 1.10 8.48 -36.59
CA PHE A 450 0.09 7.62 -36.02
C PHE A 450 0.56 7.13 -34.64
N LEU A 451 1.80 6.67 -34.56
CA LEU A 451 2.33 6.14 -33.33
C LEU A 451 2.54 7.22 -32.27
N VAL A 452 2.85 8.43 -32.70
CA VAL A 452 2.97 9.50 -31.73
C VAL A 452 1.62 10.00 -31.31
N ASP A 453 0.59 9.83 -32.13
CA ASP A 453 -0.75 10.21 -31.72
C ASP A 453 -1.29 9.21 -30.70
N GLN A 454 -1.00 7.93 -30.87
CA GLN A 454 -1.50 6.97 -29.91
C GLN A 454 -0.87 7.03 -28.50
N GLY A 455 0.36 7.55 -28.41
CA GLY A 455 1.08 7.64 -27.15
C GLY A 455 2.28 6.71 -26.99
N TYR A 456 2.79 6.11 -28.08
CA TYR A 456 3.98 5.26 -27.99
C TYR A 456 5.24 6.07 -27.85
N SER A 457 6.09 5.72 -26.87
CA SER A 457 7.41 6.33 -26.76
C SER A 457 8.30 5.85 -27.94
N PHE A 458 8.93 6.81 -28.60
CA PHE A 458 9.32 6.66 -29.99
C PHE A 458 10.65 7.32 -30.30
N LYS A 459 11.37 6.73 -31.26
CA LYS A 459 12.62 7.29 -31.74
C LYS A 459 12.88 6.85 -33.15
N VAL A 460 13.21 7.77 -34.05
CA VAL A 460 13.73 7.47 -35.38
C VAL A 460 15.25 7.47 -35.37
N ILE A 461 15.87 6.37 -35.81
CA ILE A 461 17.30 6.18 -35.69
C ILE A 461 17.94 6.07 -37.05
N THR A 462 18.91 6.92 -37.35
CA THR A 462 19.72 6.77 -38.57
C THR A 462 20.91 5.82 -38.34
N LYS A 463 21.80 6.18 -37.41
CA LYS A 463 23.06 5.45 -37.19
C LYS A 463 23.00 4.66 -35.90
N LEU A 464 23.54 3.46 -35.92
CA LEU A 464 23.46 2.59 -34.73
C LEU A 464 24.72 2.72 -33.85
N ALA A 465 24.91 1.86 -32.84
CA ALA A 465 25.88 2.01 -31.75
C ALA A 465 27.30 1.52 -32.09
N GLY A 466 27.86 2.07 -33.15
CA GLY A 466 29.10 1.53 -33.72
C GLY A 466 28.89 0.17 -34.38
N MET A 467 28.15 0.13 -35.50
CA MET A 467 27.90 -1.10 -36.28
C MET A 467 29.15 -1.81 -36.82
N GLU A 468 30.16 -1.05 -37.20
CA GLU A 468 31.34 -1.64 -37.88
C GLU A 468 32.25 -2.34 -36.87
N GLU A 469 32.09 -2.05 -35.57
CA GLU A 469 32.79 -2.83 -34.54
C GLU A 469 32.18 -4.23 -34.43
N GLU A 470 30.88 -4.34 -34.71
CA GLU A 470 30.26 -5.64 -34.95
C GLU A 470 30.74 -6.16 -36.33
N ASP A 471 31.10 -7.43 -36.37
CA ASP A 471 31.32 -8.16 -37.61
C ASP A 471 30.05 -8.15 -38.50
N LEU A 472 30.11 -7.43 -39.61
CA LEU A 472 28.97 -7.25 -40.48
C LEU A 472 29.15 -8.11 -41.73
N ALA A 473 28.07 -8.81 -42.07
CA ALA A 473 28.02 -9.53 -43.31
C ALA A 473 27.74 -8.57 -44.47
N PHE A 474 27.78 -9.16 -45.65
CA PHE A 474 27.73 -8.45 -46.94
C PHE A 474 28.79 -7.32 -47.03
N SER A 475 30.00 -7.57 -46.52
CA SER A 475 31.10 -6.58 -46.61
C SER A 475 31.59 -6.42 -48.06
N THR A 476 31.71 -7.55 -48.76
CA THR A 476 32.03 -7.54 -50.18
C THR A 476 30.81 -7.04 -50.96
N LYS A 477 31.05 -6.07 -51.84
CA LYS A 477 29.99 -5.53 -52.66
C LYS A 477 29.53 -6.53 -53.72
N GLU A 478 30.38 -7.50 -54.06
CA GLU A 478 29.96 -8.55 -54.98
C GLU A 478 28.87 -9.41 -54.36
N GLU A 479 28.88 -9.60 -53.05
CA GLU A 479 27.85 -10.40 -52.40
C GLU A 479 26.47 -9.70 -52.37
N GLN A 480 26.50 -8.40 -52.11
CA GLN A 480 25.32 -7.56 -52.25
C GLN A 480 24.82 -7.59 -53.70
N GLN A 481 25.73 -7.61 -54.67
CA GLN A 481 25.37 -7.81 -56.07
C GLN A 481 24.81 -9.20 -56.30
N GLN A 482 25.32 -10.23 -55.61
CA GLN A 482 24.82 -11.58 -55.78
C GLN A 482 23.36 -11.67 -55.33
N LEU A 483 23.04 -11.03 -54.20
CA LEU A 483 21.67 -11.02 -53.73
C LEU A 483 20.77 -10.16 -54.63
N LEU A 484 21.29 -9.04 -55.12
CA LEU A 484 20.57 -8.19 -56.03
C LEU A 484 20.28 -8.88 -57.36
N GLN A 485 21.19 -9.73 -57.81
CA GLN A 485 20.99 -10.47 -59.05
C GLN A 485 20.18 -11.77 -58.84
N LYS A 486 20.09 -12.25 -57.60
CA LYS A 486 19.04 -13.24 -57.24
C LYS A 486 17.65 -12.62 -57.25
N VAL A 487 17.58 -11.35 -56.86
CA VAL A 487 16.35 -10.58 -57.04
C VAL A 487 16.06 -10.38 -58.54
N LEU A 488 17.07 -10.06 -59.33
CA LEU A 488 16.95 -10.05 -60.78
C LEU A 488 16.59 -11.44 -61.35
N ALA A 489 16.96 -12.51 -60.64
CA ALA A 489 16.46 -13.86 -60.92
C ALA A 489 15.08 -14.12 -60.30
N ALA A 490 14.70 -13.35 -59.27
CA ALA A 490 13.40 -13.50 -58.65
C ALA A 490 12.30 -12.85 -59.52
N THR A 491 11.17 -13.54 -59.60
CA THR A 491 10.00 -13.04 -60.32
C THR A 491 9.07 -12.28 -59.35
N ASP A 492 7.88 -12.00 -59.84
CA ASP A 492 6.91 -11.14 -59.19
C ASP A 492 6.23 -11.82 -58.00
N LEU A 493 6.15 -13.15 -58.06
CA LEU A 493 5.29 -13.91 -57.15
C LEU A 493 5.98 -14.30 -55.87
N ASP A 494 7.17 -13.79 -55.58
CA ASP A 494 7.66 -13.84 -54.18
C ASP A 494 7.27 -12.59 -53.36
N ALA A 495 6.49 -11.68 -53.99
CA ALA A 495 6.27 -10.34 -53.49
C ALA A 495 4.86 -10.02 -52.99
N GLU A 496 3.89 -10.87 -53.22
CA GLU A 496 2.54 -10.63 -52.66
C GLU A 496 2.47 -11.19 -51.25
N GLU A 497 1.37 -10.92 -50.55
CA GLU A 497 1.14 -11.51 -49.21
C GLU A 497 -0.23 -12.21 -49.19
N GLU A 498 -0.82 -12.36 -48.00
CA GLU A 498 -1.86 -13.36 -47.75
C GLU A 498 -3.17 -13.16 -48.47
N VAL A 499 -3.56 -11.90 -48.65
CA VAL A 499 -4.82 -11.60 -49.34
C VAL A 499 -4.47 -10.81 -50.58
N TYR B 11 -13.98 8.65 44.64
CA TYR B 11 -14.59 8.64 43.28
C TYR B 11 -13.60 8.20 42.13
N PHE B 12 -12.37 7.83 42.53
CA PHE B 12 -11.39 7.05 41.78
C PHE B 12 -11.21 7.32 40.28
N PRO B 13 -10.55 8.44 39.95
CA PRO B 13 -10.20 8.57 38.51
C PRO B 13 -8.79 7.97 38.11
N TYR B 14 -7.87 8.06 39.08
CA TYR B 14 -6.42 7.67 39.03
C TYR B 14 -5.52 8.28 37.89
N ASP B 15 -6.16 9.04 37.03
CA ASP B 15 -5.62 9.63 35.86
C ASP B 15 -6.85 10.37 35.29
N TYR B 16 -6.75 11.06 34.16
CA TYR B 16 -7.94 11.62 33.54
C TYR B 16 -8.58 10.66 32.49
N ILE B 17 -9.90 10.66 32.48
CA ILE B 17 -10.74 9.52 32.07
C ILE B 17 -11.01 9.65 30.57
N TYR B 18 -11.73 8.68 30.03
CA TYR B 18 -12.11 8.64 28.60
C TYR B 18 -12.82 9.84 28.02
N PRO B 19 -13.84 10.43 28.64
CA PRO B 19 -14.52 10.18 29.92
C PRO B 19 -15.62 9.11 29.87
N GLU B 20 -15.61 8.29 30.90
CA GLU B 20 -16.70 7.37 31.15
C GLU B 20 -17.35 7.60 32.51
N GLN B 21 -16.53 7.96 33.49
CA GLN B 21 -17.03 8.30 34.81
C GLN B 21 -17.88 9.58 34.72
N PHE B 22 -17.64 10.42 33.70
CA PHE B 22 -18.55 11.54 33.40
C PHE B 22 -19.89 11.02 32.92
N SER B 23 -19.91 9.85 32.28
CA SER B 23 -21.18 9.24 31.88
C SER B 23 -21.76 8.32 32.98
N TYR B 24 -21.01 7.30 33.37
CA TYR B 24 -21.49 6.37 34.36
C TYR B 24 -21.62 6.89 35.77
N MET B 25 -21.02 8.03 36.09
CA MET B 25 -21.30 8.70 37.35
C MET B 25 -22.80 9.11 37.39
N ARG B 26 -23.25 9.74 36.32
CA ARG B 26 -24.62 10.18 36.26
C ARG B 26 -25.58 9.02 36.09
N GLU B 27 -25.14 8.03 35.30
CA GLU B 27 -25.93 6.79 35.09
C GLU B 27 -26.13 6.05 36.42
N LEU B 28 -25.09 5.90 37.21
CA LEU B 28 -25.19 5.18 38.43
C LEU B 28 -25.91 5.97 39.49
N LYS B 29 -25.74 7.31 39.52
CA LYS B 29 -26.52 8.15 40.43
C LYS B 29 -28.01 8.05 40.09
N ARG B 30 -28.35 7.85 38.79
CA ARG B 30 -29.73 7.65 38.41
C ARG B 30 -30.25 6.26 38.79
N THR B 31 -29.42 5.23 38.67
CA THR B 31 -29.83 3.89 39.10
C THR B 31 -29.91 3.75 40.62
N LEU B 32 -29.27 4.66 41.37
CA LEU B 32 -29.27 4.58 42.83
C LEU B 32 -30.20 5.57 43.52
N ASP B 33 -30.52 6.68 42.85
CA ASP B 33 -31.61 7.49 43.36
C ASP B 33 -32.91 6.68 43.25
N ALA B 34 -33.30 6.39 41.99
CA ALA B 34 -34.51 5.62 41.71
C ALA B 34 -34.17 4.16 41.92
N LYS B 35 -34.85 3.54 42.89
CA LYS B 35 -34.59 2.17 43.23
C LYS B 35 -35.20 1.30 42.14
N GLY B 36 -34.38 0.95 41.14
CA GLY B 36 -34.86 0.25 40.00
C GLY B 36 -33.80 -0.57 39.40
N HIS B 37 -34.24 -1.33 38.41
CA HIS B 37 -33.42 -2.29 37.72
C HIS B 37 -32.31 -1.65 36.77
N GLY B 38 -32.66 -1.04 35.66
CA GLY B 38 -31.61 -0.46 34.79
C GLY B 38 -30.89 -1.45 33.84
N VAL B 39 -30.57 -0.98 32.63
CA VAL B 39 -29.78 -1.72 31.64
C VAL B 39 -28.63 -0.78 31.25
N LEU B 40 -27.41 -1.20 31.51
CA LEU B 40 -26.25 -0.42 31.09
C LEU B 40 -25.69 -0.98 29.81
N GLU B 41 -24.99 -0.13 29.09
CA GLU B 41 -24.26 -0.54 27.88
C GLU B 41 -22.81 -0.04 27.96
N MET B 42 -21.85 -0.90 27.63
CA MET B 42 -20.44 -0.53 27.72
C MET B 42 -19.92 -0.34 26.31
N PRO B 43 -19.37 0.84 26.03
CA PRO B 43 -18.47 0.92 24.92
C PRO B 43 -17.19 0.16 25.24
N SER B 44 -16.88 -0.95 24.56
CA SER B 44 -15.94 -2.00 24.93
C SER B 44 -14.50 -1.58 25.34
N GLY B 45 -14.09 -0.39 24.94
CA GLY B 45 -12.82 0.17 25.40
C GLY B 45 -12.84 0.67 26.81
N THR B 46 -14.02 0.83 27.34
CA THR B 46 -14.19 1.18 28.72
C THR B 46 -13.72 0.02 29.58
N GLY B 47 -13.00 0.38 30.66
CA GLY B 47 -12.83 -0.47 31.81
C GLY B 47 -14.10 -0.33 32.64
N LYS B 48 -15.16 -1.07 32.23
CA LYS B 48 -16.45 -0.97 32.89
C LYS B 48 -16.28 -1.44 34.31
N THR B 49 -15.39 -2.35 34.48
CA THR B 49 -15.14 -2.97 35.73
C THR B 49 -14.69 -1.91 36.73
N VAL B 50 -13.79 -1.03 36.30
CA VAL B 50 -13.22 -0.03 37.18
C VAL B 50 -14.30 0.95 37.68
N SER B 51 -15.07 1.48 36.75
CA SER B 51 -16.10 2.45 37.09
C SER B 51 -17.16 1.82 37.96
N LEU B 52 -17.60 0.61 37.61
CA LEU B 52 -18.71 -0.04 38.34
C LEU B 52 -18.30 -0.35 39.74
N LEU B 53 -17.14 -0.97 39.87
CA LEU B 53 -16.69 -1.34 41.19
C LEU B 53 -16.44 -0.11 42.04
N ALA B 54 -15.91 0.94 41.41
CA ALA B 54 -15.63 2.21 42.12
C ALA B 54 -16.87 2.88 42.64
N LEU B 55 -17.85 3.06 41.78
CA LEU B 55 -19.05 3.81 42.21
C LEU B 55 -19.90 2.95 43.13
N ILE B 56 -19.84 1.64 42.97
CA ILE B 56 -20.51 0.76 43.92
C ILE B 56 -19.84 0.87 45.29
N MET B 57 -18.51 0.88 45.35
CA MET B 57 -17.84 1.09 46.62
C MET B 57 -18.14 2.45 47.23
N ALA B 58 -18.30 3.47 46.38
CA ALA B 58 -18.75 4.78 46.82
C ALA B 58 -20.12 4.71 47.47
N TYR B 59 -20.98 3.83 46.97
CA TYR B 59 -22.26 3.63 47.62
C TYR B 59 -22.15 2.71 48.82
N GLN B 60 -21.15 1.85 48.88
CA GLN B 60 -20.92 1.04 50.09
C GLN B 60 -20.53 1.89 51.29
N ARG B 61 -19.60 2.83 51.11
CA ARG B 61 -19.13 3.65 52.21
C ARG B 61 -19.99 4.88 52.53
N ALA B 62 -21.14 4.96 51.87
CA ALA B 62 -22.17 5.91 52.25
C ALA B 62 -23.43 5.11 52.50
N TYR B 63 -24.38 5.77 53.15
CA TYR B 63 -25.64 5.15 53.45
C TYR B 63 -26.78 6.19 53.37
N PRO B 64 -27.25 6.51 52.14
CA PRO B 64 -28.62 7.01 52.06
C PRO B 64 -29.62 5.86 52.32
N LEU B 65 -29.22 4.62 52.04
CA LEU B 65 -29.89 3.43 52.60
C LEU B 65 -28.94 2.66 53.48
N GLU B 66 -29.41 2.25 54.65
CA GLU B 66 -28.49 1.65 55.62
C GLU B 66 -28.07 0.24 55.22
N VAL B 67 -29.01 -0.54 54.77
CA VAL B 67 -28.70 -1.88 54.27
C VAL B 67 -28.19 -1.76 52.82
N THR B 68 -26.95 -2.15 52.60
CA THR B 68 -26.26 -1.96 51.33
C THR B 68 -25.48 -3.24 51.03
N LYS B 69 -25.72 -3.83 49.87
CA LYS B 69 -24.99 -5.08 49.51
C LYS B 69 -24.39 -4.96 48.14
N LEU B 70 -23.51 -5.89 47.83
CA LEU B 70 -23.27 -6.21 46.41
C LEU B 70 -22.92 -7.65 46.27
N ILE B 71 -23.73 -8.34 45.49
CA ILE B 71 -23.29 -9.55 44.86
C ILE B 71 -23.05 -9.24 43.35
N TYR B 72 -21.82 -9.52 42.91
CA TYR B 72 -21.44 -9.21 41.57
C TYR B 72 -21.05 -10.53 40.94
N CYS B 73 -21.47 -10.69 39.70
CA CYS B 73 -21.13 -11.94 39.05
C CYS B 73 -20.22 -11.69 37.84
N SER B 74 -19.87 -12.84 37.25
CA SER B 74 -19.29 -12.94 35.92
C SER B 74 -19.57 -14.33 35.40
N ARG B 75 -19.05 -14.70 34.24
CA ARG B 75 -19.41 -15.95 33.59
C ARG B 75 -18.31 -16.99 33.33
N THR B 76 -17.09 -16.67 33.70
CA THR B 76 -15.96 -17.55 33.54
C THR B 76 -15.09 -17.50 34.76
N VAL B 77 -14.48 -18.63 35.04
CA VAL B 77 -13.62 -18.75 36.16
C VAL B 77 -12.33 -17.85 36.08
N PRO B 78 -11.81 -17.51 34.85
CA PRO B 78 -10.73 -16.52 34.93
C PRO B 78 -11.23 -15.11 35.24
N GLU B 79 -12.38 -14.73 34.71
CA GLU B 79 -12.84 -13.39 34.90
C GLU B 79 -13.16 -13.12 36.31
N ILE B 80 -13.48 -14.14 37.07
CA ILE B 80 -13.67 -13.97 38.50
C ILE B 80 -12.37 -13.35 39.06
N GLU B 81 -11.25 -14.01 38.77
CA GLU B 81 -9.95 -13.56 39.23
C GLU B 81 -9.55 -12.15 38.71
N LYS B 82 -9.97 -11.86 37.50
CA LYS B 82 -9.79 -10.55 36.92
C LYS B 82 -10.53 -9.43 37.69
N VAL B 83 -11.79 -9.70 38.02
CA VAL B 83 -12.56 -8.81 38.86
C VAL B 83 -11.91 -8.59 40.25
N ILE B 84 -11.44 -9.71 40.81
CA ILE B 84 -10.74 -9.64 42.05
C ILE B 84 -9.55 -8.65 42.02
N GLU B 85 -8.59 -8.89 41.14
CA GLU B 85 -7.34 -8.15 41.12
C GLU B 85 -7.66 -6.67 40.88
N GLU B 86 -8.58 -6.38 39.97
CA GLU B 86 -8.86 -4.99 39.66
C GLU B 86 -9.50 -4.26 40.86
N LEU B 87 -10.28 -4.97 41.62
CA LEU B 87 -10.72 -4.29 42.82
C LEU B 87 -9.74 -4.33 44.00
N ARG B 88 -8.74 -5.18 43.95
CA ARG B 88 -7.58 -5.05 44.82
C ARG B 88 -6.85 -3.74 44.56
N LYS B 89 -6.70 -3.43 43.27
CA LYS B 89 -6.16 -2.14 42.83
C LYS B 89 -7.01 -0.96 43.37
N LEU B 90 -8.32 -1.12 43.22
CA LEU B 90 -9.28 -0.14 43.73
C LEU B 90 -9.24 0.08 45.23
N LEU B 91 -9.08 -1.02 45.95
CA LEU B 91 -8.89 -1.02 47.39
C LEU B 91 -7.64 -0.19 47.75
N ASN B 92 -6.55 -0.48 47.03
CA ASN B 92 -5.27 0.07 47.35
C ASN B 92 -5.27 1.60 47.26
N PHE B 93 -5.78 2.09 46.14
CA PHE B 93 -5.64 3.50 45.79
C PHE B 93 -6.21 4.48 46.84
N TYR B 94 -7.51 4.44 47.05
CA TYR B 94 -8.04 5.40 48.04
C TYR B 94 -8.19 4.73 49.43
N GLU B 95 -7.63 3.51 49.60
CA GLU B 95 -7.21 3.15 50.95
C GLU B 95 -6.04 4.05 51.39
N LYS B 96 -5.06 4.25 50.49
CA LYS B 96 -4.00 5.20 50.76
C LYS B 96 -4.55 6.63 50.89
N GLN B 97 -5.41 7.02 49.93
CA GLN B 97 -5.84 8.42 49.87
C GLN B 97 -6.76 8.83 51.00
N GLU B 98 -7.73 7.96 51.32
CA GLU B 98 -8.65 8.29 52.41
C GLU B 98 -8.01 8.09 53.79
N GLY B 99 -6.81 7.50 53.85
CA GLY B 99 -6.00 7.50 55.07
C GLY B 99 -6.25 6.32 55.99
N GLU B 100 -7.35 6.38 56.73
CA GLU B 100 -7.65 5.38 57.78
C GLU B 100 -8.59 4.32 57.22
N LYS B 101 -8.18 3.05 57.31
CA LYS B 101 -8.77 1.96 56.54
C LYS B 101 -9.92 1.29 57.28
N LEU B 102 -11.07 1.20 56.62
CA LEU B 102 -12.21 0.45 57.14
C LEU B 102 -12.30 -0.87 56.35
N PRO B 103 -12.58 -1.99 57.07
CA PRO B 103 -12.46 -3.32 56.49
C PRO B 103 -13.45 -3.64 55.39
N PHE B 104 -13.15 -4.77 54.75
CA PHE B 104 -13.75 -5.12 53.47
C PHE B 104 -13.73 -6.62 53.26
N LEU B 105 -14.65 -7.10 52.41
CA LEU B 105 -14.66 -8.47 51.94
C LEU B 105 -15.35 -8.60 50.63
N GLY B 106 -14.60 -9.20 49.70
CA GLY B 106 -15.13 -9.67 48.41
C GLY B 106 -14.88 -11.14 48.24
N LEU B 107 -15.93 -11.92 48.08
CA LEU B 107 -15.84 -13.36 48.13
C LEU B 107 -15.98 -13.97 46.81
N ALA B 108 -14.84 -14.40 46.28
CA ALA B 108 -14.95 -15.22 45.13
C ALA B 108 -15.40 -16.64 45.50
N LEU B 109 -16.67 -16.96 45.33
CA LEU B 109 -17.16 -18.29 45.96
C LEU B 109 -17.10 -19.42 45.07
N SER B 110 -15.93 -19.92 44.73
CA SER B 110 -15.84 -21.00 43.68
C SER B 110 -15.99 -22.33 44.37
N SER B 111 -17.05 -22.98 44.03
CA SER B 111 -17.35 -24.25 44.56
C SER B 111 -16.44 -25.44 44.06
N ARG B 112 -16.46 -25.70 42.78
CA ARG B 112 -16.36 -27.07 42.22
C ARG B 112 -14.94 -27.64 42.19
N LYS B 113 -14.12 -27.03 41.39
CA LYS B 113 -12.78 -27.47 41.07
C LYS B 113 -11.73 -26.76 41.94
N ASN B 114 -12.16 -25.96 42.90
CA ASN B 114 -11.26 -25.11 43.67
C ASN B 114 -11.47 -25.41 45.10
N LEU B 115 -11.40 -26.71 45.39
CA LEU B 115 -12.03 -27.28 46.55
C LEU B 115 -11.03 -27.84 47.56
N CYS B 116 -10.32 -28.90 47.17
CA CYS B 116 -9.77 -29.81 48.14
C CYS B 116 -8.30 -29.84 48.11
N ILE B 117 -7.76 -29.89 49.34
CA ILE B 117 -6.34 -29.81 49.64
C ILE B 117 -5.82 -31.21 49.94
N HIS B 118 -6.66 -32.22 49.95
CA HIS B 118 -6.18 -33.59 50.22
C HIS B 118 -5.68 -34.20 48.92
N PRO B 119 -4.48 -34.79 48.93
CA PRO B 119 -3.90 -35.25 47.65
C PRO B 119 -4.59 -36.45 47.05
N GLU B 120 -5.30 -37.21 47.87
CA GLU B 120 -6.04 -38.37 47.41
C GLU B 120 -7.24 -37.91 46.60
N VAL B 121 -7.80 -36.76 46.96
CA VAL B 121 -9.04 -36.30 46.38
C VAL B 121 -8.79 -35.38 45.20
N THR B 122 -7.80 -34.49 45.29
CA THR B 122 -7.69 -33.38 44.41
C THR B 122 -7.56 -33.73 42.91
N PRO B 123 -6.47 -34.41 42.49
CA PRO B 123 -6.17 -34.38 41.04
C PRO B 123 -6.98 -35.31 40.11
N LEU B 124 -8.14 -35.79 40.55
CA LEU B 124 -9.08 -36.44 39.60
C LEU B 124 -9.85 -35.38 38.83
N ARG B 125 -9.97 -35.51 37.52
CA ARG B 125 -10.16 -34.31 36.64
C ARG B 125 -11.47 -33.55 36.80
N PHE B 126 -12.56 -34.28 36.93
CA PHE B 126 -13.88 -33.60 36.89
C PHE B 126 -14.16 -32.99 38.25
N GLY B 127 -15.23 -32.21 38.30
CA GLY B 127 -15.62 -31.50 39.51
C GLY B 127 -16.66 -32.20 40.39
N LYS B 128 -17.75 -32.65 39.76
CA LYS B 128 -18.96 -33.01 40.48
C LYS B 128 -18.79 -34.35 41.22
N ASP B 129 -18.19 -35.28 40.51
CA ASP B 129 -18.03 -36.66 40.98
C ASP B 129 -17.03 -36.67 42.15
N VAL B 130 -15.97 -35.89 42.01
CA VAL B 130 -14.94 -35.85 43.00
C VAL B 130 -15.47 -35.09 44.23
N ASP B 131 -16.32 -34.08 44.01
CA ASP B 131 -16.99 -33.45 45.17
C ASP B 131 -17.98 -34.42 45.83
N GLY B 132 -18.56 -35.32 45.08
CA GLY B 132 -19.31 -36.42 45.67
C GLY B 132 -18.47 -37.34 46.53
N LYS B 133 -17.23 -37.60 46.13
CA LYS B 133 -16.31 -38.36 46.98
C LYS B 133 -15.95 -37.63 48.26
N CYS B 134 -15.72 -36.31 48.11
CA CYS B 134 -15.52 -35.41 49.24
C CYS B 134 -16.72 -35.44 50.23
N HIS B 135 -17.93 -35.20 49.77
CA HIS B 135 -19.10 -35.12 50.63
C HIS B 135 -19.53 -36.49 51.15
N SER B 136 -19.28 -37.53 50.35
CA SER B 136 -19.51 -38.89 50.82
C SER B 136 -18.55 -39.17 51.98
N LEU B 137 -17.31 -38.71 51.89
CA LEU B 137 -16.40 -38.84 52.99
C LEU B 137 -16.80 -38.00 54.22
N THR B 138 -17.14 -36.73 54.03
CA THR B 138 -17.44 -35.84 55.12
C THR B 138 -18.81 -36.09 55.80
N ALA B 139 -19.88 -35.90 55.05
CA ALA B 139 -21.21 -35.92 55.65
C ALA B 139 -22.02 -37.14 55.21
N SER B 140 -21.37 -38.18 54.69
CA SER B 140 -22.03 -39.47 54.50
C SER B 140 -21.27 -40.63 55.15
N TYR B 141 -19.95 -40.61 55.14
CA TYR B 141 -19.17 -41.60 55.89
C TYR B 141 -18.87 -41.12 57.31
N VAL B 142 -18.46 -39.89 57.47
CA VAL B 142 -18.18 -39.35 58.80
C VAL B 142 -19.40 -38.66 59.45
N ARG B 143 -20.55 -38.70 58.75
CA ARG B 143 -21.82 -38.43 59.44
C ARG B 143 -22.46 -39.75 59.91
N ALA B 144 -22.39 -40.82 59.12
CA ALA B 144 -22.89 -42.15 59.52
C ALA B 144 -21.96 -42.83 60.52
N GLN B 145 -20.76 -43.19 60.08
CA GLN B 145 -19.69 -43.64 60.99
C GLN B 145 -19.04 -42.38 61.56
N TYR B 146 -19.67 -41.84 62.60
CA TYR B 146 -19.39 -40.45 63.02
C TYR B 146 -18.06 -40.30 63.74
N GLN B 147 -17.47 -41.44 64.13
CA GLN B 147 -16.13 -41.44 64.72
C GLN B 147 -15.48 -42.81 64.46
N HIS B 148 -14.44 -42.79 63.64
CA HIS B 148 -13.62 -43.97 63.40
C HIS B 148 -12.24 -43.56 62.88
N ASP B 149 -11.27 -44.44 63.13
CA ASP B 149 -9.90 -44.27 62.68
C ASP B 149 -9.80 -44.32 61.15
N THR B 150 -10.11 -45.50 60.62
CA THR B 150 -9.93 -45.79 59.18
C THR B 150 -11.11 -45.28 58.34
N SER B 151 -12.32 -45.38 58.90
CA SER B 151 -13.53 -45.03 58.15
C SER B 151 -13.68 -43.53 58.02
N LEU B 152 -13.74 -42.82 59.15
CA LEU B 152 -13.75 -41.35 59.11
C LEU B 152 -12.37 -40.87 58.75
N PRO B 153 -12.22 -40.41 57.49
CA PRO B 153 -10.91 -40.03 57.04
C PRO B 153 -10.63 -38.60 57.50
N HIS B 154 -9.37 -38.20 57.29
CA HIS B 154 -8.82 -36.97 57.83
C HIS B 154 -9.30 -35.78 57.01
N CYS B 155 -10.56 -35.44 57.20
CA CYS B 155 -11.07 -34.15 56.77
C CYS B 155 -10.99 -33.16 57.95
N ARG B 156 -9.75 -32.91 58.35
CA ARG B 156 -9.43 -32.36 59.65
C ARG B 156 -9.79 -30.90 59.77
N PHE B 157 -9.72 -30.17 58.66
CA PHE B 157 -9.99 -28.77 58.72
C PHE B 157 -11.46 -28.43 58.52
N TYR B 158 -12.31 -29.38 58.18
CA TYR B 158 -13.74 -29.26 58.47
C TYR B 158 -13.96 -29.19 59.97
N GLU B 159 -13.19 -29.93 60.74
CA GLU B 159 -13.28 -29.90 62.19
C GLU B 159 -12.63 -28.64 62.74
N GLU B 160 -11.62 -28.12 62.05
CA GLU B 160 -11.11 -26.79 62.31
C GLU B 160 -12.17 -25.72 62.00
N PHE B 161 -12.97 -25.91 60.97
CA PHE B 161 -14.14 -25.05 60.77
C PHE B 161 -15.09 -25.18 61.92
N ASP B 162 -15.31 -26.38 62.47
CA ASP B 162 -16.15 -26.55 63.65
C ASP B 162 -15.65 -25.68 64.80
N ALA B 163 -14.33 -25.72 65.02
CA ALA B 163 -13.69 -24.94 66.06
C ALA B 163 -13.87 -23.41 65.82
N HIS B 164 -13.48 -22.90 64.66
CA HIS B 164 -13.58 -21.44 64.41
C HIS B 164 -14.94 -20.95 63.93
N GLY B 165 -15.86 -21.90 63.76
CA GLY B 165 -17.28 -21.55 63.56
C GLY B 165 -17.98 -21.45 64.89
N ARG B 166 -17.45 -22.14 65.90
CA ARG B 166 -17.79 -21.78 67.28
C ARG B 166 -17.17 -20.42 67.63
N GLU B 167 -15.97 -20.14 67.10
CA GLU B 167 -15.29 -18.87 67.39
C GLU B 167 -15.67 -17.78 66.41
N VAL B 168 -15.06 -16.61 66.61
CA VAL B 168 -15.23 -15.45 65.76
C VAL B 168 -13.85 -14.92 65.35
N PRO B 169 -13.37 -15.26 64.15
CA PRO B 169 -12.24 -14.49 63.60
C PRO B 169 -12.77 -13.30 62.78
N LEU B 170 -11.88 -12.43 62.32
CA LEU B 170 -12.23 -11.43 61.28
C LEU B 170 -11.18 -11.48 60.14
N PRO B 171 -11.52 -12.12 58.99
CA PRO B 171 -10.52 -12.14 57.91
C PRO B 171 -10.43 -10.74 57.26
N ALA B 172 -9.40 -10.59 56.42
CA ALA B 172 -8.78 -9.29 56.11
C ALA B 172 -9.47 -8.51 55.02
N GLY B 173 -9.48 -9.07 53.81
CA GLY B 173 -10.06 -8.35 52.66
C GLY B 173 -10.52 -9.28 51.57
N ILE B 174 -10.70 -8.75 50.38
CA ILE B 174 -11.04 -9.60 49.22
C ILE B 174 -9.84 -10.46 48.79
N TYR B 175 -10.11 -11.74 48.58
CA TYR B 175 -9.16 -12.76 48.32
C TYR B 175 -9.35 -13.29 46.95
N ASN B 176 -8.23 -13.76 46.38
CA ASN B 176 -8.20 -14.51 45.11
C ASN B 176 -8.86 -15.88 45.28
N LEU B 177 -8.87 -16.63 44.20
CA LEU B 177 -9.11 -18.07 44.34
C LEU B 177 -7.95 -18.82 45.03
N ASP B 178 -6.74 -18.52 44.60
CA ASP B 178 -5.57 -19.16 45.16
C ASP B 178 -5.21 -18.58 46.49
N ASP B 179 -5.69 -17.36 46.83
CA ASP B 179 -5.51 -16.86 48.20
C ASP B 179 -6.15 -17.80 49.22
N LEU B 180 -7.30 -18.37 48.86
CA LEU B 180 -7.97 -19.25 49.79
C LEU B 180 -7.37 -20.64 49.84
N LYS B 181 -6.70 -21.09 48.78
CA LYS B 181 -5.96 -22.34 48.87
C LYS B 181 -4.63 -22.19 49.68
N ALA B 182 -3.94 -21.06 49.47
CA ALA B 182 -2.77 -20.78 50.26
C ALA B 182 -3.15 -20.59 51.72
N LEU B 183 -4.27 -19.90 51.96
CA LEU B 183 -4.81 -19.85 53.34
C LEU B 183 -5.27 -21.23 53.81
N GLY B 184 -5.64 -22.12 52.89
CA GLY B 184 -5.92 -23.49 53.25
C GLY B 184 -4.80 -24.20 53.92
N ARG B 185 -3.65 -23.95 53.29
CA ARG B 185 -2.44 -24.40 53.86
C ARG B 185 -2.23 -23.71 55.23
N ARG B 186 -2.32 -22.38 55.27
CA ARG B 186 -1.96 -21.68 56.52
C ARG B 186 -3.07 -21.64 57.59
N GLN B 187 -4.07 -20.77 57.35
CA GLN B 187 -5.15 -20.53 58.34
C GLN B 187 -6.51 -20.25 57.75
N GLY B 188 -6.74 -20.18 56.44
CA GLY B 188 -8.16 -20.20 55.93
C GLY B 188 -8.53 -21.39 55.02
N TRP B 189 -9.21 -22.40 55.55
CA TRP B 189 -9.05 -23.80 55.07
C TRP B 189 -9.98 -24.25 53.93
N CYS B 190 -11.30 -24.27 54.15
CA CYS B 190 -12.19 -24.76 53.11
C CYS B 190 -12.83 -23.60 52.38
N PRO B 191 -12.93 -23.70 51.04
CA PRO B 191 -13.66 -22.64 50.33
C PRO B 191 -15.16 -22.69 50.67
N TYR B 192 -15.71 -23.89 50.80
CA TYR B 192 -17.13 -24.04 51.13
C TYR B 192 -17.47 -23.47 52.51
N PHE B 193 -16.73 -23.78 53.54
CA PHE B 193 -17.15 -23.57 54.91
C PHE B 193 -16.70 -22.27 55.49
N LEU B 194 -15.48 -21.86 55.15
CA LEU B 194 -15.15 -20.45 55.31
C LEU B 194 -16.00 -19.60 54.35
N ALA B 195 -16.47 -20.11 53.22
CA ALA B 195 -17.47 -19.39 52.41
C ALA B 195 -18.77 -19.23 53.16
N ARG B 196 -19.16 -20.23 53.93
CA ARG B 196 -20.35 -20.10 54.76
C ARG B 196 -20.18 -19.02 55.85
N TYR B 197 -19.11 -19.15 56.62
CA TYR B 197 -18.84 -18.20 57.68
C TYR B 197 -18.62 -16.78 57.14
N SER B 198 -18.13 -16.64 55.93
CA SER B 198 -17.92 -15.33 55.39
C SER B 198 -19.14 -14.79 54.64
N ILE B 199 -20.03 -15.68 54.21
CA ILE B 199 -21.34 -15.24 53.76
C ILE B 199 -22.13 -14.67 54.91
N LEU B 200 -21.87 -15.16 56.14
CA LEU B 200 -22.51 -14.60 57.34
C LEU B 200 -22.32 -13.09 57.46
N HIS B 201 -21.14 -12.60 57.07
CA HIS B 201 -21.03 -11.19 56.79
C HIS B 201 -20.04 -10.89 55.68
N ALA B 202 -20.55 -10.36 54.56
CA ALA B 202 -19.70 -9.91 53.45
C ALA B 202 -20.28 -8.69 52.76
N ASN B 203 -19.41 -7.93 52.10
CA ASN B 203 -19.79 -6.69 51.41
C ASN B 203 -20.09 -6.93 49.94
N VAL B 204 -19.07 -7.46 49.27
CA VAL B 204 -19.15 -7.80 47.87
C VAL B 204 -18.80 -9.24 47.73
N VAL B 205 -19.68 -9.98 47.05
CA VAL B 205 -19.43 -11.36 46.78
C VAL B 205 -19.47 -11.56 45.28
N VAL B 206 -18.33 -11.95 44.73
CA VAL B 206 -18.26 -12.19 43.33
C VAL B 206 -18.13 -13.68 43.05
N TYR B 207 -19.02 -14.15 42.17
CA TYR B 207 -18.93 -15.55 41.73
C TYR B 207 -19.57 -15.59 40.32
N SER B 208 -19.72 -16.82 39.88
CA SER B 208 -20.13 -17.11 38.57
C SER B 208 -21.64 -16.87 38.40
N TYR B 209 -22.02 -16.47 37.20
CA TYR B 209 -23.41 -16.18 36.82
C TYR B 209 -24.25 -17.44 36.83
N HIS B 210 -23.65 -18.59 36.47
CA HIS B 210 -24.34 -19.83 36.50
C HIS B 210 -24.63 -20.36 37.93
N TYR B 211 -23.87 -19.91 38.89
CA TYR B 211 -24.08 -20.35 40.23
C TYR B 211 -25.42 -19.77 40.75
N LEU B 212 -25.71 -18.50 40.47
CA LEU B 212 -26.84 -17.80 41.09
C LEU B 212 -28.19 -18.16 40.43
N LEU B 213 -28.16 -18.43 39.12
CA LEU B 213 -29.41 -18.74 38.40
C LEU B 213 -29.25 -20.16 37.88
N ASP B 214 -29.56 -21.12 38.74
CA ASP B 214 -29.49 -22.52 38.35
C ASP B 214 -30.54 -23.29 39.05
N PRO B 215 -31.71 -23.48 38.46
CA PRO B 215 -32.76 -24.25 39.12
C PRO B 215 -32.75 -25.78 38.86
N LYS B 216 -31.70 -26.34 38.26
CA LYS B 216 -31.46 -27.81 38.38
C LYS B 216 -31.23 -28.14 39.83
N ILE B 217 -30.20 -27.50 40.38
CA ILE B 217 -29.97 -27.50 41.82
C ILE B 217 -29.97 -26.04 42.23
N ALA B 218 -31.07 -25.52 42.75
CA ALA B 218 -31.22 -24.06 43.06
C ALA B 218 -30.30 -23.74 44.27
N ASP B 219 -29.23 -23.06 43.95
CA ASP B 219 -28.15 -22.79 44.89
C ASP B 219 -28.45 -21.44 45.51
N LEU B 220 -29.10 -21.52 46.66
CA LEU B 220 -29.37 -20.35 47.50
C LEU B 220 -28.05 -19.79 47.95
N VAL B 221 -27.79 -18.59 47.47
CA VAL B 221 -26.51 -17.96 47.69
C VAL B 221 -26.49 -17.34 49.08
N SER B 222 -27.42 -16.41 49.27
CA SER B 222 -27.53 -15.77 50.56
C SER B 222 -28.90 -16.00 51.12
N LYS B 223 -29.06 -15.56 52.36
CA LYS B 223 -30.35 -15.48 52.96
C LYS B 223 -31.17 -14.44 52.17
N GLU B 224 -32.33 -14.91 51.69
CA GLU B 224 -33.22 -14.13 50.89
C GLU B 224 -33.88 -13.05 51.78
N LEU B 225 -33.10 -12.03 52.13
CA LEU B 225 -33.58 -10.96 53.03
C LEU B 225 -33.96 -9.78 52.15
N ALA B 226 -35.26 -9.70 51.84
CA ALA B 226 -35.73 -9.05 50.62
C ALA B 226 -35.89 -7.55 50.77
N ARG B 227 -35.47 -6.98 51.90
CA ARG B 227 -35.51 -5.54 52.07
C ARG B 227 -34.64 -4.81 51.05
N LYS B 228 -33.34 -5.06 51.11
CA LYS B 228 -32.35 -4.37 50.24
C LYS B 228 -31.29 -5.39 49.81
N ALA B 229 -30.97 -5.41 48.51
CA ALA B 229 -30.05 -6.35 47.92
C ALA B 229 -29.68 -5.86 46.50
N VAL B 230 -28.39 -5.66 46.26
CA VAL B 230 -27.89 -5.13 44.97
C VAL B 230 -26.99 -6.11 44.28
N VAL B 231 -27.34 -6.44 43.02
CA VAL B 231 -26.64 -7.47 42.26
C VAL B 231 -26.36 -6.99 40.87
N VAL B 232 -25.13 -7.20 40.40
CA VAL B 232 -24.77 -6.74 39.10
C VAL B 232 -24.37 -7.91 38.30
N PHE B 233 -24.97 -8.02 37.10
CA PHE B 233 -24.59 -9.04 36.06
C PHE B 233 -23.64 -8.40 35.11
N ASP B 234 -22.45 -8.97 35.03
CA ASP B 234 -21.45 -8.45 34.13
C ASP B 234 -21.60 -9.20 32.80
N GLU B 235 -21.16 -8.55 31.72
CA GLU B 235 -21.19 -9.09 30.35
C GLU B 235 -22.46 -9.87 30.02
N ALA B 236 -23.55 -9.30 30.39
CA ALA B 236 -24.75 -10.04 30.51
C ALA B 236 -25.57 -10.12 29.27
N HIS B 237 -25.13 -10.98 28.38
CA HIS B 237 -25.68 -11.08 27.05
C HIS B 237 -26.62 -12.23 26.89
N ASN B 238 -26.20 -13.39 27.36
CA ASN B 238 -26.87 -14.65 27.08
C ASN B 238 -27.77 -15.08 28.23
N ILE B 239 -28.51 -14.11 28.76
CA ILE B 239 -29.33 -14.31 29.91
C ILE B 239 -30.37 -15.39 29.64
N ASP B 240 -30.97 -15.32 28.46
CA ASP B 240 -31.98 -16.29 28.09
C ASP B 240 -31.41 -17.73 28.04
N ASN B 241 -30.24 -17.89 27.45
CA ASN B 241 -29.71 -19.21 27.25
C ASN B 241 -29.20 -19.77 28.55
N VAL B 242 -28.70 -18.90 29.46
CA VAL B 242 -28.36 -19.36 30.82
C VAL B 242 -29.57 -19.86 31.59
N CYS B 243 -30.67 -19.12 31.56
CA CYS B 243 -31.85 -19.54 32.28
C CYS B 243 -32.41 -20.85 31.71
N ILE B 244 -32.45 -20.93 30.38
CA ILE B 244 -32.96 -22.09 29.69
C ILE B 244 -32.10 -23.36 29.98
N ASP B 245 -30.78 -23.22 29.80
CA ASP B 245 -29.95 -24.36 29.95
C ASP B 245 -29.73 -24.69 31.42
N SER B 246 -30.08 -23.75 32.30
CA SER B 246 -30.05 -24.01 33.74
C SER B 246 -31.31 -24.67 34.23
N MET B 247 -32.38 -24.65 33.48
CA MET B 247 -33.56 -25.35 33.94
C MET B 247 -34.06 -26.49 33.01
N SER B 248 -33.54 -26.53 31.78
CA SER B 248 -33.80 -27.65 30.92
C SER B 248 -33.10 -28.89 31.45
N VAL B 249 -33.68 -30.04 31.16
CA VAL B 249 -33.16 -31.31 31.59
C VAL B 249 -33.21 -32.29 30.38
N ASN B 250 -32.07 -32.92 30.14
CA ASN B 250 -31.90 -33.86 29.04
C ASN B 250 -31.79 -35.26 29.63
N LEU B 251 -32.31 -36.25 28.92
CA LEU B 251 -32.26 -37.64 29.41
C LEU B 251 -31.98 -38.63 28.27
N THR B 252 -31.03 -39.54 28.48
CA THR B 252 -30.62 -40.52 27.46
C THR B 252 -31.03 -41.93 27.88
N ARG B 253 -31.32 -42.81 26.92
CA ARG B 253 -31.70 -44.18 27.23
C ARG B 253 -30.56 -45.01 27.79
N ARG B 254 -29.32 -44.67 27.42
CA ARG B 254 -28.14 -45.22 28.09
C ARG B 254 -28.11 -44.82 29.59
N THR B 255 -28.41 -43.55 29.85
CA THR B 255 -28.55 -43.07 31.19
C THR B 255 -29.68 -43.82 31.90
N LEU B 256 -30.77 -44.09 31.22
CA LEU B 256 -31.87 -44.81 31.81
C LEU B 256 -31.50 -46.25 32.14
N ASP B 257 -30.66 -46.87 31.33
CA ASP B 257 -30.25 -48.23 31.59
C ASP B 257 -29.24 -48.28 32.74
N ARG B 258 -28.41 -47.25 32.86
CA ARG B 258 -27.60 -47.07 34.08
C ARG B 258 -28.49 -46.85 35.32
N CYS B 259 -29.62 -46.18 35.12
CA CYS B 259 -30.60 -46.02 36.18
C CYS B 259 -31.27 -47.35 36.53
N GLN B 260 -31.49 -48.21 35.57
CA GLN B 260 -32.10 -49.49 35.84
C GLN B 260 -31.14 -50.43 36.59
N GLY B 261 -29.86 -50.43 36.18
CA GLY B 261 -28.82 -51.08 36.95
C GLY B 261 -28.74 -50.52 38.36
N ASN B 262 -28.90 -49.20 38.49
CA ASN B 262 -28.84 -48.54 39.77
C ASN B 262 -30.05 -48.91 40.63
N LEU B 263 -31.22 -49.07 40.02
CA LEU B 263 -32.40 -49.51 40.74
C LEU B 263 -32.26 -50.92 41.24
N GLU B 264 -31.68 -51.79 40.42
CA GLU B 264 -31.41 -53.16 40.89
C GLU B 264 -30.37 -53.16 42.03
N THR B 265 -29.42 -52.25 41.96
CA THR B 265 -28.45 -52.08 43.03
C THR B 265 -29.09 -51.62 44.34
N LEU B 266 -30.02 -50.68 44.22
CA LEU B 266 -30.78 -50.22 45.37
C LEU B 266 -31.73 -51.29 45.92
N GLN B 267 -32.22 -52.16 45.05
CA GLN B 267 -32.98 -53.33 45.47
C GLN B 267 -32.11 -54.25 46.32
N LYS B 268 -30.86 -54.47 45.87
CA LYS B 268 -29.91 -55.27 46.62
C LYS B 268 -29.61 -54.66 48.00
N THR B 269 -29.47 -53.34 48.04
CA THR B 269 -29.16 -52.67 49.29
C THR B 269 -30.35 -52.64 50.25
N VAL B 270 -31.56 -52.60 49.71
CA VAL B 270 -32.76 -52.66 50.53
C VAL B 270 -32.91 -54.07 51.09
N LEU B 271 -32.61 -55.08 50.28
CA LEU B 271 -32.76 -56.45 50.77
C LEU B 271 -31.71 -56.78 51.80
N ARG B 272 -30.46 -56.34 51.60
CA ARG B 272 -29.40 -56.69 52.54
C ARG B 272 -29.42 -55.90 53.83
N ILE B 273 -30.29 -54.90 53.95
CA ILE B 273 -30.49 -54.21 55.20
C ILE B 273 -31.84 -54.62 55.75
N LYS B 274 -31.84 -55.18 56.96
CA LYS B 274 -33.04 -55.80 57.51
C LYS B 274 -33.65 -54.96 58.63
N GLU B 275 -32.87 -54.45 59.57
CA GLU B 275 -33.50 -53.56 60.58
C GLU B 275 -32.85 -52.22 60.84
N THR B 276 -31.53 -52.15 60.90
CA THR B 276 -30.89 -51.12 61.74
C THR B 276 -31.04 -49.71 61.17
N ASP B 277 -30.57 -49.46 59.94
CA ASP B 277 -30.85 -48.19 59.29
C ASP B 277 -32.34 -47.98 58.98
N GLU B 278 -33.07 -49.06 58.81
CA GLU B 278 -34.49 -48.96 58.58
C GLU B 278 -35.27 -48.71 59.85
N GLN B 279 -34.83 -49.24 61.00
CA GLN B 279 -35.39 -48.84 62.30
C GLN B 279 -35.02 -47.42 62.64
N ARG B 280 -33.83 -46.97 62.21
CA ARG B 280 -33.46 -45.55 62.28
C ARG B 280 -34.44 -44.72 61.47
N LEU B 281 -34.79 -45.19 60.26
CA LEU B 281 -35.76 -44.52 59.42
C LEU B 281 -37.15 -44.46 60.06
N ARG B 282 -37.56 -45.58 60.66
CA ARG B 282 -38.85 -45.66 61.34
C ARG B 282 -38.93 -44.68 62.50
N ASP B 283 -37.89 -44.64 63.34
CA ASP B 283 -37.84 -43.74 64.47
C ASP B 283 -37.83 -42.28 64.02
N GLU B 284 -36.97 -41.96 63.07
CA GLU B 284 -36.87 -40.58 62.59
C GLU B 284 -38.10 -40.16 61.79
N TYR B 285 -38.75 -41.08 61.11
CA TYR B 285 -39.98 -40.78 60.39
C TYR B 285 -41.17 -40.61 61.33
N ARG B 286 -41.18 -41.31 62.46
CA ARG B 286 -42.11 -41.00 63.55
C ARG B 286 -41.83 -39.62 64.13
N ARG B 287 -40.55 -39.25 64.28
CA ARG B 287 -40.19 -37.93 64.73
C ARG B 287 -40.64 -36.84 63.72
N LEU B 288 -40.64 -37.17 62.42
CA LEU B 288 -41.10 -36.27 61.36
C LEU B 288 -42.61 -36.13 61.25
N VAL B 289 -43.34 -37.23 61.49
CA VAL B 289 -44.79 -37.19 61.58
C VAL B 289 -45.20 -36.34 62.80
N GLU B 290 -44.52 -36.57 63.93
CA GLU B 290 -44.76 -35.80 65.15
C GLU B 290 -44.38 -34.33 65.01
N GLY B 291 -43.33 -34.04 64.25
CA GLY B 291 -42.94 -32.66 63.94
C GLY B 291 -42.14 -32.52 62.67
N LEU B 292 -42.60 -31.65 61.77
CA LEU B 292 -41.94 -31.40 60.47
C LEU B 292 -40.57 -30.71 60.69
N ARG B 293 -39.48 -31.46 60.52
CA ARG B 293 -38.12 -31.00 60.85
C ARG B 293 -37.15 -31.26 59.70
N GLU B 294 -36.13 -30.41 59.59
CA GLU B 294 -35.07 -30.58 58.60
C GLU B 294 -34.02 -31.55 59.16
N ALA B 295 -34.02 -32.81 58.70
CA ALA B 295 -33.10 -33.84 59.24
C ALA B 295 -31.59 -33.60 58.98
N SER B 296 -31.24 -32.92 57.89
CA SER B 296 -29.81 -32.60 57.62
C SER B 296 -29.65 -31.10 57.42
N ALA B 297 -29.49 -30.37 58.54
CA ALA B 297 -29.29 -28.89 58.53
C ALA B 297 -27.92 -28.50 57.92
N ALA B 298 -26.98 -29.44 57.91
CA ALA B 298 -25.62 -29.19 57.44
C ALA B 298 -25.55 -29.36 55.92
N ARG B 299 -24.34 -29.44 55.38
CA ARG B 299 -24.07 -29.48 53.97
C ARG B 299 -24.72 -30.58 53.03
N GLU B 300 -25.50 -31.51 53.59
CA GLU B 300 -26.14 -32.54 52.74
C GLU B 300 -27.21 -32.01 51.75
N THR B 301 -28.00 -31.04 52.19
CA THR B 301 -29.00 -30.41 51.32
C THR B 301 -28.33 -29.53 50.27
N ASP B 302 -27.15 -28.98 50.57
CA ASP B 302 -26.33 -28.36 49.53
C ASP B 302 -25.77 -29.41 48.55
N ALA B 303 -25.43 -30.60 49.05
CA ALA B 303 -25.07 -31.71 48.16
C ALA B 303 -26.30 -32.39 47.55
N HIS B 304 -27.50 -32.02 48.00
CA HIS B 304 -28.74 -32.47 47.38
C HIS B 304 -29.17 -31.55 46.23
N LEU B 305 -30.06 -32.06 45.37
CA LEU B 305 -30.82 -31.21 44.46
C LEU B 305 -31.79 -30.34 45.27
N ALA B 306 -31.40 -29.11 45.53
CA ALA B 306 -32.06 -28.33 46.58
C ALA B 306 -33.53 -27.99 46.22
N ASN B 307 -33.74 -27.23 45.16
CA ASN B 307 -35.12 -26.86 44.77
C ASN B 307 -35.25 -26.84 43.26
N PRO B 308 -35.72 -27.94 42.66
CA PRO B 308 -36.10 -27.86 41.24
C PRO B 308 -37.31 -26.90 40.97
N VAL B 309 -38.07 -26.56 41.99
CA VAL B 309 -39.14 -25.54 41.88
C VAL B 309 -39.03 -24.50 43.00
N LEU B 310 -38.37 -23.37 42.76
CA LEU B 310 -38.02 -22.51 43.89
C LEU B 310 -39.15 -21.70 44.55
N PRO B 311 -40.00 -20.98 43.77
CA PRO B 311 -41.08 -20.29 44.55
C PRO B 311 -42.24 -21.24 44.92
N ASP B 312 -42.16 -22.49 44.44
CA ASP B 312 -43.13 -23.50 44.82
C ASP B 312 -42.72 -24.16 46.15
N GLU B 313 -43.70 -24.63 46.91
CA GLU B 313 -43.52 -24.84 48.34
C GLU B 313 -42.64 -26.02 48.69
N VAL B 314 -42.02 -26.01 49.87
CA VAL B 314 -41.72 -27.28 50.58
C VAL B 314 -42.95 -27.54 51.45
N LEU B 315 -43.74 -28.51 51.04
CA LEU B 315 -45.16 -28.52 51.40
C LEU B 315 -45.40 -29.09 52.79
N GLN B 316 -46.65 -29.46 53.01
CA GLN B 316 -47.17 -30.08 54.21
C GLN B 316 -47.54 -31.57 54.04
N GLU B 317 -47.97 -31.99 52.85
CA GLU B 317 -48.47 -33.36 52.63
C GLU B 317 -47.34 -34.29 52.18
N ALA B 318 -46.25 -34.27 52.94
CA ALA B 318 -45.04 -34.96 52.56
C ALA B 318 -45.26 -36.47 52.71
N VAL B 319 -44.59 -37.22 51.81
CA VAL B 319 -44.73 -38.68 51.69
C VAL B 319 -46.22 -39.04 51.58
N PRO B 320 -46.81 -38.81 50.41
CA PRO B 320 -48.27 -38.94 50.35
C PRO B 320 -48.78 -40.34 50.03
N GLY B 321 -47.98 -41.09 49.26
CA GLY B 321 -48.38 -42.35 48.68
C GLY B 321 -47.51 -43.49 49.10
N SER B 322 -46.49 -43.20 49.90
CA SER B 322 -45.63 -44.21 50.46
C SER B 322 -45.93 -44.46 51.94
N ILE B 323 -45.91 -45.74 52.32
CA ILE B 323 -45.92 -46.13 53.76
C ILE B 323 -44.50 -46.46 54.26
N ARG B 324 -43.75 -47.21 53.45
CA ARG B 324 -42.41 -47.62 53.79
C ARG B 324 -41.51 -47.40 52.60
N THR B 325 -40.30 -47.89 52.68
CA THR B 325 -39.31 -47.65 51.67
C THR B 325 -39.58 -48.39 50.36
N ALA B 326 -39.70 -49.71 50.42
CA ALA B 326 -39.64 -50.54 49.20
C ALA B 326 -40.88 -50.39 48.32
N GLU B 327 -41.99 -49.93 48.88
CA GLU B 327 -43.16 -49.68 48.05
C GLU B 327 -43.05 -48.35 47.27
N HIS B 328 -42.45 -47.36 47.89
CA HIS B 328 -42.09 -46.13 47.18
C HIS B 328 -40.99 -46.37 46.14
N PHE B 329 -40.08 -47.27 46.49
CA PHE B 329 -39.10 -47.79 45.54
C PHE B 329 -39.79 -48.49 44.40
N LEU B 330 -40.86 -49.23 44.65
CA LEU B 330 -41.65 -49.84 43.60
C LEU B 330 -42.41 -48.79 42.78
N GLY B 331 -42.83 -47.69 43.38
CA GLY B 331 -43.38 -46.57 42.64
C GLY B 331 -42.34 -45.91 41.68
N PHE B 332 -41.09 -45.86 42.12
CA PHE B 332 -40.02 -45.48 41.22
C PHE B 332 -39.74 -46.55 40.17
N LEU B 333 -39.85 -47.82 40.52
CA LEU B 333 -39.70 -48.89 39.54
C LEU B 333 -40.78 -48.83 38.49
N ARG B 334 -42.03 -48.63 38.90
CA ARG B 334 -43.14 -48.34 37.99
C ARG B 334 -42.83 -47.11 37.17
N ARG B 335 -42.26 -46.07 37.77
CA ARG B 335 -41.97 -44.86 37.07
C ARG B 335 -40.93 -45.09 35.97
N LEU B 336 -39.87 -45.82 36.27
CA LEU B 336 -38.87 -46.08 35.28
C LEU B 336 -39.36 -47.02 34.22
N LEU B 337 -40.05 -48.10 34.59
CA LEU B 337 -40.51 -49.08 33.61
C LEU B 337 -41.57 -48.50 32.70
N GLU B 338 -42.59 -47.86 33.30
CA GLU B 338 -43.58 -47.11 32.57
C GLU B 338 -42.95 -45.95 31.81
N TYR B 339 -41.86 -45.40 32.31
CA TYR B 339 -41.23 -44.27 31.67
C TYR B 339 -40.43 -44.65 30.43
N VAL B 340 -39.73 -45.77 30.49
CA VAL B 340 -39.05 -46.30 29.32
C VAL B 340 -40.07 -46.85 28.35
N LYS B 341 -41.21 -47.33 28.84
CA LYS B 341 -42.38 -47.65 28.00
C LYS B 341 -42.88 -46.45 27.24
N TRP B 342 -43.15 -45.37 28.00
CA TRP B 342 -43.40 -44.02 27.45
C TRP B 342 -42.36 -43.65 26.43
N ARG B 343 -41.10 -43.85 26.81
CA ARG B 343 -39.98 -43.44 26.01
C ARG B 343 -39.94 -44.14 24.67
N LEU B 344 -40.11 -45.45 24.62
CA LEU B 344 -40.06 -46.16 23.38
C LEU B 344 -41.28 -45.81 22.52
N ARG B 345 -42.47 -45.80 23.13
CA ARG B 345 -43.68 -45.54 22.37
C ARG B 345 -43.81 -44.11 21.87
N VAL B 346 -43.16 -43.16 22.53
CA VAL B 346 -43.13 -41.77 22.05
C VAL B 346 -41.93 -41.54 21.12
N GLN B 347 -40.76 -42.05 21.48
CA GLN B 347 -39.56 -42.03 20.65
C GLN B 347 -39.64 -42.81 19.32
N HIS B 348 -40.77 -43.46 19.08
CA HIS B 348 -41.16 -43.73 17.71
C HIS B 348 -41.09 -42.44 16.82
N VAL B 349 -41.73 -41.34 17.23
CA VAL B 349 -41.81 -40.08 16.44
C VAL B 349 -41.84 -38.88 17.41
N VAL B 350 -41.01 -37.88 17.13
CA VAL B 350 -40.78 -36.71 18.00
C VAL B 350 -42.02 -35.91 18.31
N GLN B 351 -42.25 -35.65 19.60
CA GLN B 351 -43.39 -34.84 20.02
C GLN B 351 -43.07 -33.64 20.86
N GLU B 352 -44.03 -32.73 20.86
CA GLU B 352 -43.95 -31.46 21.56
C GLU B 352 -45.19 -31.28 22.39
N SER B 353 -45.09 -31.35 23.71
CA SER B 353 -46.28 -31.27 24.58
C SER B 353 -45.86 -30.95 26.02
N PRO B 354 -46.41 -29.89 26.62
CA PRO B 354 -46.19 -29.74 28.08
C PRO B 354 -47.09 -30.56 28.98
N PRO B 355 -48.46 -30.46 28.85
CA PRO B 355 -49.27 -31.17 29.82
C PRO B 355 -49.72 -32.56 29.44
N ALA B 356 -49.52 -32.97 28.18
CA ALA B 356 -50.06 -34.24 27.67
C ALA B 356 -49.30 -35.44 28.24
N PHE B 357 -47.98 -35.34 28.27
CA PHE B 357 -47.15 -36.37 28.87
C PHE B 357 -47.40 -36.54 30.37
N LEU B 358 -47.48 -35.43 31.12
CA LEU B 358 -47.67 -35.49 32.55
C LEU B 358 -49.07 -35.98 32.88
N SER B 359 -50.08 -35.56 32.12
CA SER B 359 -51.43 -35.98 32.40
C SER B 359 -51.69 -37.43 31.95
N GLY B 360 -51.08 -37.85 30.85
CA GLY B 360 -51.21 -39.22 30.41
C GLY B 360 -50.47 -40.17 31.33
N LEU B 361 -49.37 -39.72 31.94
CA LEU B 361 -48.68 -40.53 32.92
C LEU B 361 -49.48 -40.58 34.20
N ALA B 362 -50.19 -39.49 34.52
CA ALA B 362 -51.15 -39.48 35.61
C ALA B 362 -52.29 -40.46 35.35
N GLN B 363 -52.63 -40.71 34.09
CA GLN B 363 -53.56 -41.78 33.74
C GLN B 363 -52.95 -43.18 33.71
N ARG B 364 -51.63 -43.25 33.52
CA ARG B 364 -50.95 -44.55 33.54
C ARG B 364 -50.40 -44.93 34.90
N VAL B 365 -49.52 -44.11 35.44
CA VAL B 365 -49.04 -44.29 36.81
C VAL B 365 -50.20 -43.94 37.73
N CYS B 366 -50.32 -44.69 38.83
CA CYS B 366 -51.37 -44.49 39.76
C CYS B 366 -51.46 -43.05 40.34
N ILE B 367 -50.47 -42.58 41.12
CA ILE B 367 -50.67 -41.37 41.91
C ILE B 367 -50.20 -40.17 41.09
N GLN B 368 -50.93 -39.09 41.26
CA GLN B 368 -50.88 -37.93 40.47
C GLN B 368 -50.58 -36.71 41.36
N ARG B 369 -49.51 -36.05 41.01
CA ARG B 369 -49.20 -34.67 41.36
C ARG B 369 -48.76 -34.42 42.77
N LYS B 370 -49.06 -35.29 43.75
CA LYS B 370 -48.35 -35.14 45.03
C LYS B 370 -47.00 -35.92 45.08
N PRO B 371 -46.91 -37.22 44.69
CA PRO B 371 -45.57 -37.84 44.69
C PRO B 371 -44.71 -37.38 43.54
N LEU B 372 -45.34 -36.95 42.45
CA LEU B 372 -44.64 -36.18 41.40
C LEU B 372 -44.00 -34.89 41.96
N ARG B 373 -44.62 -34.31 42.99
CA ARG B 373 -44.13 -33.08 43.61
C ARG B 373 -43.14 -33.36 44.73
N PHE B 374 -42.97 -34.62 45.14
CA PHE B 374 -42.05 -34.91 46.20
C PHE B 374 -41.03 -35.96 45.85
N CYS B 375 -40.90 -36.32 44.60
CA CYS B 375 -40.02 -37.45 44.29
C CYS B 375 -38.58 -37.10 44.54
N ALA B 376 -38.22 -35.83 44.31
CA ALA B 376 -36.83 -35.38 44.52
C ALA B 376 -36.42 -35.52 46.02
N GLU B 377 -37.18 -34.88 46.90
CA GLU B 377 -36.87 -34.90 48.31
C GLU B 377 -37.00 -36.30 48.92
N ARG B 378 -38.00 -37.07 48.50
CA ARG B 378 -38.12 -38.40 49.04
C ARG B 378 -37.01 -39.32 48.53
N LEU B 379 -36.55 -39.12 47.29
CA LEU B 379 -35.41 -39.85 46.79
C LEU B 379 -34.13 -39.56 47.60
N ARG B 380 -33.86 -38.28 47.77
CA ARG B 380 -32.68 -37.87 48.50
C ARG B 380 -32.73 -38.29 49.97
N SER B 381 -33.89 -38.23 50.60
CA SER B 381 -33.99 -38.57 52.01
C SER B 381 -33.96 -40.08 52.20
N LEU B 382 -34.54 -40.83 51.30
CA LEU B 382 -34.45 -42.28 51.44
C LEU B 382 -33.09 -42.82 51.10
N LEU B 383 -32.22 -42.06 50.43
CA LEU B 383 -30.81 -42.45 50.45
C LEU B 383 -30.04 -41.83 51.62
N HIS B 384 -30.52 -40.72 52.15
CA HIS B 384 -29.86 -40.10 53.30
C HIS B 384 -30.01 -40.97 54.58
N THR B 385 -31.13 -41.66 54.72
CA THR B 385 -31.29 -42.61 55.78
C THR B 385 -30.45 -43.88 55.51
N LEU B 386 -30.19 -44.18 54.24
CA LEU B 386 -29.28 -45.29 53.95
C LEU B 386 -27.83 -44.86 54.11
N GLU B 387 -27.45 -43.84 53.34
CA GLU B 387 -26.16 -43.13 53.47
C GLU B 387 -24.97 -44.05 53.16
N ILE B 388 -25.16 -44.88 52.16
CA ILE B 388 -24.16 -45.84 51.75
C ILE B 388 -23.79 -45.62 50.28
N THR B 389 -24.77 -45.21 49.47
CA THR B 389 -24.60 -45.20 48.02
C THR B 389 -23.71 -44.04 47.60
N ASP B 390 -22.75 -44.34 46.75
CA ASP B 390 -21.83 -43.35 46.22
C ASP B 390 -22.57 -42.45 45.22
N LEU B 391 -22.33 -41.14 45.34
CA LEU B 391 -23.03 -40.13 44.53
C LEU B 391 -22.79 -40.22 43.04
N ALA B 392 -21.60 -40.66 42.65
CA ALA B 392 -21.27 -40.93 41.26
C ALA B 392 -22.13 -42.06 40.69
N ASP B 393 -22.36 -43.09 41.51
CA ASP B 393 -23.20 -44.19 41.10
C ASP B 393 -24.66 -43.84 41.15
N PHE B 394 -25.00 -42.73 41.78
CA PHE B 394 -26.39 -42.46 42.04
C PHE B 394 -26.97 -41.31 41.21
N SER B 395 -26.12 -40.42 40.72
CA SER B 395 -26.54 -39.19 40.04
C SER B 395 -27.61 -39.24 38.94
N PRO B 396 -27.64 -40.32 38.09
CA PRO B 396 -28.73 -40.32 37.11
C PRO B 396 -30.15 -40.53 37.70
N LEU B 397 -30.25 -41.16 38.85
CA LEU B 397 -31.54 -41.20 39.53
C LEU B 397 -31.94 -39.84 40.14
N THR B 398 -30.94 -39.10 40.59
CA THR B 398 -31.17 -37.73 41.01
C THR B 398 -31.70 -36.91 39.86
N LEU B 399 -31.11 -37.12 38.69
CA LEU B 399 -31.58 -36.48 37.45
C LEU B 399 -33.04 -36.81 37.20
N LEU B 400 -33.41 -38.08 37.37
CA LEU B 400 -34.75 -38.53 37.04
C LEU B 400 -35.79 -37.89 37.98
N ALA B 401 -35.50 -37.89 39.30
CA ALA B 401 -36.45 -37.33 40.21
C ALA B 401 -36.52 -35.82 40.06
N ASN B 402 -35.41 -35.21 39.67
CA ASN B 402 -35.39 -33.77 39.41
C ASN B 402 -36.34 -33.48 38.19
N PHE B 403 -36.25 -34.31 37.14
CA PHE B 403 -37.11 -34.21 35.95
C PHE B 403 -38.58 -34.35 36.29
N ALA B 404 -38.89 -35.35 37.09
CA ALA B 404 -40.29 -35.60 37.41
C ALA B 404 -40.84 -34.50 38.30
N THR B 405 -40.00 -33.90 39.16
CA THR B 405 -40.43 -32.77 39.97
C THR B 405 -40.73 -31.57 39.11
N LEU B 406 -39.89 -31.34 38.10
CA LEU B 406 -40.12 -30.24 37.19
C LEU B 406 -41.40 -30.40 36.39
N VAL B 407 -41.54 -31.59 35.81
CA VAL B 407 -42.72 -31.96 35.02
C VAL B 407 -43.98 -31.86 35.88
N SER B 408 -43.86 -32.18 37.15
CA SER B 408 -44.97 -32.05 38.06
C SER B 408 -45.45 -30.61 38.19
N THR B 409 -44.60 -29.75 38.76
CA THR B 409 -45.12 -28.51 39.28
C THR B 409 -45.07 -27.37 38.27
N TYR B 410 -44.35 -27.55 37.17
CA TYR B 410 -44.08 -26.42 36.33
C TYR B 410 -44.83 -26.30 35.00
N ALA B 411 -44.98 -27.41 34.27
CA ALA B 411 -45.09 -27.36 32.78
C ALA B 411 -46.42 -26.81 32.26
N LYS B 412 -46.41 -25.49 32.12
CA LYS B 412 -47.43 -24.77 31.36
C LYS B 412 -46.79 -23.76 30.43
N GLY B 413 -45.76 -23.03 30.87
CA GLY B 413 -44.90 -22.25 30.00
C GLY B 413 -43.70 -23.02 29.40
N PHE B 414 -43.30 -24.08 30.10
CA PHE B 414 -42.34 -25.06 29.63
C PHE B 414 -42.90 -25.87 28.51
N THR B 415 -42.04 -26.66 27.89
CA THR B 415 -42.49 -27.65 26.87
C THR B 415 -41.84 -28.96 27.18
N ILE B 416 -42.34 -30.02 26.56
CA ILE B 416 -41.59 -31.22 26.50
C ILE B 416 -41.35 -31.45 25.01
N ILE B 417 -40.12 -31.78 24.71
CA ILE B 417 -39.76 -32.16 23.44
C ILE B 417 -38.86 -33.40 23.52
N ILE B 418 -39.23 -34.43 22.80
CA ILE B 418 -38.52 -35.69 22.87
C ILE B 418 -37.91 -36.08 21.47
N GLU B 419 -36.58 -36.11 21.41
CA GLU B 419 -35.86 -36.10 20.13
C GLU B 419 -34.81 -37.21 20.00
N PRO B 420 -35.25 -38.43 19.69
CA PRO B 420 -34.37 -39.61 19.64
C PRO B 420 -33.71 -39.91 18.31
N PHE B 421 -33.17 -38.91 17.64
CA PHE B 421 -32.73 -39.16 16.28
C PHE B 421 -31.44 -38.41 16.06
N ASP B 422 -31.15 -38.11 14.79
CA ASP B 422 -29.94 -37.40 14.41
C ASP B 422 -29.96 -35.94 14.91
N ASP B 423 -28.85 -35.56 15.57
CA ASP B 423 -28.44 -34.18 15.80
C ASP B 423 -27.02 -34.13 15.22
N ARG B 424 -26.93 -34.06 13.87
CA ARG B 424 -25.68 -34.28 13.10
C ARG B 424 -24.99 -35.63 13.47
N THR B 425 -25.67 -36.76 13.27
CA THR B 425 -25.16 -38.04 13.78
C THR B 425 -25.62 -39.27 12.93
N PRO B 426 -25.07 -40.49 13.20
CA PRO B 426 -25.53 -41.82 12.69
C PRO B 426 -26.90 -42.19 13.22
N THR B 427 -27.29 -43.47 13.18
CA THR B 427 -28.70 -43.85 13.34
C THR B 427 -29.22 -43.71 14.78
N ILE B 428 -30.46 -44.16 14.98
CA ILE B 428 -31.23 -44.03 16.23
C ILE B 428 -30.61 -44.55 17.55
N ALA B 429 -29.35 -45.04 17.50
CA ALA B 429 -28.61 -45.53 18.67
C ALA B 429 -28.36 -44.51 19.79
N ASN B 430 -28.68 -43.24 19.58
CA ASN B 430 -28.66 -42.31 20.71
C ASN B 430 -29.98 -41.60 20.91
N PRO B 431 -30.91 -42.23 21.68
CA PRO B 431 -32.15 -41.57 22.00
C PRO B 431 -32.16 -40.72 23.28
N ILE B 432 -32.86 -39.60 23.27
CA ILE B 432 -32.69 -38.54 24.25
C ILE B 432 -33.90 -37.59 24.18
N LEU B 433 -34.26 -37.04 25.33
CA LEU B 433 -35.26 -35.97 25.38
C LEU B 433 -34.76 -34.74 26.06
N HIS B 434 -35.55 -33.67 25.90
CA HIS B 434 -35.22 -32.36 26.47
C HIS B 434 -36.48 -31.75 27.04
N PHE B 435 -36.33 -31.12 28.17
CA PHE B 435 -37.45 -30.47 28.81
C PHE B 435 -36.91 -29.07 29.17
N SER B 436 -37.39 -28.08 28.43
CA SER B 436 -36.91 -26.72 28.61
C SER B 436 -38.03 -25.77 28.90
N CYS B 437 -37.68 -24.67 29.58
CA CYS B 437 -38.51 -23.50 29.46
C CYS B 437 -38.45 -22.90 28.12
N MET B 438 -39.40 -21.97 27.93
CA MET B 438 -39.18 -20.89 27.04
C MET B 438 -39.37 -19.52 27.65
N ASP B 439 -40.15 -19.44 28.72
CA ASP B 439 -40.07 -18.28 29.59
C ASP B 439 -38.67 -18.13 30.12
N ALA B 440 -38.00 -17.10 29.65
CA ALA B 440 -36.87 -16.62 30.33
C ALA B 440 -37.25 -15.97 31.67
N SER B 441 -38.50 -15.54 31.79
CA SER B 441 -39.02 -15.02 33.00
C SER B 441 -38.97 -16.02 34.14
N LEU B 442 -39.29 -17.27 33.92
CA LEU B 442 -39.45 -18.22 35.01
C LEU B 442 -38.13 -18.58 35.69
N ALA B 443 -37.01 -18.04 35.18
CA ALA B 443 -35.78 -18.14 35.94
C ALA B 443 -35.17 -16.85 36.36
N ILE B 444 -35.51 -15.75 35.74
CA ILE B 444 -35.00 -14.45 36.16
C ILE B 444 -35.94 -13.67 37.14
N LYS B 445 -37.23 -13.97 37.04
CA LYS B 445 -38.20 -13.49 37.98
C LYS B 445 -37.84 -13.76 39.43
N PRO B 446 -37.14 -14.91 39.73
CA PRO B 446 -36.64 -15.00 41.08
C PRO B 446 -35.71 -13.85 41.40
N VAL B 447 -34.79 -13.59 40.47
CA VAL B 447 -33.72 -12.67 40.70
C VAL B 447 -34.23 -11.23 40.79
N PHE B 448 -35.29 -10.92 40.09
CA PHE B 448 -35.92 -9.61 40.26
C PHE B 448 -36.67 -9.48 41.56
N GLU B 449 -37.51 -10.47 41.84
CA GLU B 449 -38.40 -10.37 42.95
C GLU B 449 -37.69 -10.47 44.30
N ARG B 450 -36.53 -11.13 44.34
CA ARG B 450 -35.80 -11.26 45.57
C ARG B 450 -35.19 -9.92 46.01
N PHE B 451 -34.59 -9.22 45.04
CA PHE B 451 -33.60 -8.20 45.35
C PHE B 451 -34.17 -6.79 45.30
N GLN B 452 -33.39 -5.82 45.81
CA GLN B 452 -33.67 -4.42 45.48
C GLN B 452 -33.48 -4.13 43.97
N SER B 453 -32.30 -4.43 43.42
CA SER B 453 -31.97 -4.05 42.03
C SER B 453 -30.80 -4.82 41.49
N VAL B 454 -30.94 -5.25 40.25
CA VAL B 454 -29.83 -5.89 39.52
C VAL B 454 -29.51 -5.00 38.37
N ILE B 455 -28.27 -5.04 37.87
CA ILE B 455 -27.87 -4.23 36.73
C ILE B 455 -27.33 -5.13 35.66
N ILE B 456 -28.05 -5.20 34.55
CA ILE B 456 -27.59 -5.95 33.38
C ILE B 456 -26.59 -5.11 32.59
N THR B 457 -25.32 -5.51 32.62
CA THR B 457 -24.23 -4.80 31.94
C THR B 457 -23.88 -5.53 30.66
N SER B 458 -23.62 -4.77 29.64
CA SER B 458 -23.37 -5.31 28.34
C SER B 458 -22.38 -4.44 27.59
N GLY B 459 -21.41 -5.09 26.95
CA GLY B 459 -20.60 -4.44 25.93
C GLY B 459 -21.23 -4.55 24.55
N THR B 460 -22.45 -5.12 24.49
CA THR B 460 -23.00 -5.65 23.28
C THR B 460 -24.48 -5.35 23.14
N LEU B 461 -25.26 -5.13 24.21
CA LEU B 461 -26.71 -5.13 24.04
C LEU B 461 -27.18 -3.86 23.40
N SER B 462 -27.17 -3.84 22.06
CA SER B 462 -27.67 -2.69 21.31
C SER B 462 -29.20 -2.67 21.10
N PRO B 463 -29.84 -3.77 20.63
CA PRO B 463 -31.31 -3.64 20.55
C PRO B 463 -32.00 -3.79 21.90
N LEU B 464 -32.40 -2.69 22.51
CA LEU B 464 -33.06 -2.70 23.87
C LEU B 464 -34.57 -2.91 23.78
N ASP B 465 -34.99 -3.28 22.59
CA ASP B 465 -36.36 -3.68 22.32
C ASP B 465 -36.57 -5.18 22.56
N ILE B 466 -35.50 -5.92 22.80
CA ILE B 466 -35.59 -7.34 23.10
C ILE B 466 -35.15 -7.58 24.56
N TYR B 467 -35.21 -6.53 25.38
CA TYR B 467 -35.40 -6.74 26.81
C TYR B 467 -36.70 -7.56 27.16
N PRO B 468 -37.88 -7.30 26.51
CA PRO B 468 -39.07 -8.06 26.93
C PRO B 468 -39.13 -9.57 26.64
N LYS B 469 -38.06 -10.18 26.14
CA LYS B 469 -37.94 -11.62 26.29
C LYS B 469 -37.80 -11.95 27.81
N ILE B 470 -37.14 -11.07 28.55
CA ILE B 470 -37.07 -11.15 30.02
C ILE B 470 -38.36 -10.59 30.68
N LEU B 471 -39.09 -9.74 29.93
CA LEU B 471 -40.45 -9.28 30.22
C LEU B 471 -40.53 -8.17 31.20
N ASP B 472 -39.45 -7.85 31.91
CA ASP B 472 -39.62 -7.12 33.15
C ASP B 472 -39.64 -5.60 32.99
N PHE B 473 -39.54 -4.91 34.12
CA PHE B 473 -39.65 -3.47 34.19
C PHE B 473 -38.30 -2.80 34.50
N HIS B 474 -38.03 -1.63 33.89
CA HIS B 474 -36.63 -1.19 33.70
C HIS B 474 -36.44 0.30 33.53
N PRO B 475 -36.05 1.02 34.60
CA PRO B 475 -36.18 2.49 34.56
C PRO B 475 -35.04 3.24 33.88
N VAL B 476 -33.86 2.65 33.84
CA VAL B 476 -32.68 3.35 33.35
C VAL B 476 -32.22 2.65 32.07
N THR B 477 -32.54 3.18 30.90
CA THR B 477 -32.27 2.47 29.67
C THR B 477 -31.79 3.49 28.63
N MET B 478 -30.48 3.58 28.48
CA MET B 478 -29.84 4.52 27.54
C MET B 478 -28.58 3.88 26.95
N ALA B 479 -28.32 4.22 25.68
CA ALA B 479 -27.13 3.76 24.96
C ALA B 479 -25.97 4.67 25.28
N THR B 480 -24.88 4.13 25.79
CA THR B 480 -23.82 4.95 26.31
C THR B 480 -23.01 5.53 25.15
N PHE B 481 -22.88 6.83 25.19
CA PHE B 481 -22.13 7.69 24.30
C PHE B 481 -20.79 8.05 25.00
N THR B 482 -19.71 7.77 24.31
CA THR B 482 -18.36 8.17 24.78
C THR B 482 -17.49 8.49 23.59
N MET B 483 -17.08 9.76 23.47
CA MET B 483 -16.33 10.21 22.28
C MET B 483 -14.96 9.58 22.31
N THR B 484 -14.30 9.55 21.15
CA THR B 484 -12.96 8.98 21.08
C THR B 484 -12.03 9.92 20.39
N LEU B 485 -11.35 10.76 21.15
CA LEU B 485 -10.38 11.68 20.62
C LEU B 485 -9.08 10.96 20.25
N ALA B 486 -8.90 9.72 20.72
CA ALA B 486 -7.86 8.88 20.11
C ALA B 486 -8.43 8.42 18.76
N ARG B 487 -8.07 9.18 17.76
CA ARG B 487 -8.88 9.60 16.65
C ARG B 487 -10.02 8.67 16.22
N VAL B 488 -9.71 7.44 15.94
CA VAL B 488 -10.70 6.46 15.57
C VAL B 488 -10.22 5.18 16.18
N CYS B 489 -10.88 4.70 17.21
CA CYS B 489 -10.37 3.49 17.91
C CYS B 489 -10.65 2.21 17.15
N LEU B 490 -11.56 2.31 16.17
CA LEU B 490 -12.18 1.14 15.47
C LEU B 490 -11.89 1.23 14.05
N CYS B 491 -12.26 0.18 13.38
CA CYS B 491 -12.70 0.28 11.93
C CYS B 491 -13.50 -0.95 11.65
N PRO B 492 -14.81 -0.78 11.72
CA PRO B 492 -15.66 -1.80 11.12
C PRO B 492 -15.51 -1.71 9.59
N MET B 493 -15.48 -2.89 9.00
CA MET B 493 -15.27 -2.95 7.59
C MET B 493 -15.90 -4.21 7.07
N ILE B 494 -17.03 -3.98 6.47
CA ILE B 494 -17.90 -5.08 6.17
C ILE B 494 -17.58 -5.55 4.79
N ILE B 495 -17.38 -6.84 4.60
CA ILE B 495 -16.78 -7.36 3.37
C ILE B 495 -17.74 -8.20 2.52
N GLY B 496 -18.43 -7.51 1.61
CA GLY B 496 -19.30 -8.06 0.57
C GLY B 496 -18.62 -7.83 -0.76
N ARG B 497 -18.23 -8.86 -1.54
CA ARG B 497 -17.57 -8.63 -2.85
C ARG B 497 -18.48 -7.94 -3.88
N GLY B 498 -18.16 -6.74 -4.31
CA GLY B 498 -18.56 -6.25 -5.63
C GLY B 498 -17.98 -7.10 -6.80
N ASN B 499 -16.65 -7.28 -6.81
CA ASN B 499 -15.92 -8.01 -7.88
C ASN B 499 -16.28 -9.45 -8.11
N ASP B 500 -16.01 -10.31 -7.15
CA ASP B 500 -16.18 -11.74 -7.35
C ASP B 500 -17.56 -12.20 -6.92
N GLN B 501 -18.48 -11.25 -6.83
CA GLN B 501 -19.91 -11.50 -6.94
C GLN B 501 -20.39 -12.32 -5.73
N VAL B 502 -20.25 -11.64 -4.59
CA VAL B 502 -20.36 -12.13 -3.26
C VAL B 502 -21.53 -13.13 -3.05
N ALA B 503 -21.14 -14.25 -2.48
CA ALA B 503 -22.00 -15.09 -1.67
C ALA B 503 -21.00 -15.35 -0.56
N ILE B 504 -20.97 -14.45 0.41
CA ILE B 504 -20.16 -14.65 1.57
C ILE B 504 -21.06 -15.05 2.73
N SER B 505 -22.30 -14.59 2.73
CA SER B 505 -23.37 -15.26 3.47
C SER B 505 -23.53 -16.67 2.95
N SER B 506 -23.87 -17.57 3.84
CA SER B 506 -24.07 -18.96 3.48
C SER B 506 -25.56 -19.17 3.30
N LYS B 507 -26.10 -18.62 2.22
CA LYS B 507 -27.53 -18.64 1.96
C LYS B 507 -27.92 -19.78 1.00
N PHE B 508 -26.95 -20.44 0.40
CA PHE B 508 -27.23 -21.64 -0.38
C PHE B 508 -27.63 -22.76 0.58
N GLU B 509 -26.69 -23.15 1.45
CA GLU B 509 -26.95 -23.98 2.64
C GLU B 509 -25.86 -23.63 3.69
N THR B 510 -25.58 -24.48 4.67
CA THR B 510 -24.35 -24.30 5.44
C THR B 510 -23.12 -24.47 4.48
N ARG B 511 -22.91 -25.65 3.91
CA ARG B 511 -21.68 -25.97 3.12
C ARG B 511 -22.04 -26.70 1.84
N GLU B 512 -23.02 -26.14 1.11
CA GLU B 512 -23.41 -26.68 -0.16
C GLU B 512 -22.50 -26.18 -1.30
N ASP B 513 -21.86 -25.00 -1.15
CA ASP B 513 -20.86 -24.55 -2.11
C ASP B 513 -19.57 -24.16 -1.44
N ILE B 514 -18.53 -24.06 -2.25
CA ILE B 514 -17.22 -23.81 -1.78
C ILE B 514 -16.56 -22.64 -2.48
N ALA B 515 -17.21 -22.03 -3.46
CA ALA B 515 -16.58 -20.80 -4.00
C ALA B 515 -16.70 -19.66 -2.99
N VAL B 516 -17.76 -19.78 -2.23
CA VAL B 516 -17.89 -19.05 -0.96
C VAL B 516 -16.59 -19.08 -0.16
N ILE B 517 -16.16 -20.30 0.15
CA ILE B 517 -14.99 -20.58 0.96
C ILE B 517 -13.71 -20.16 0.26
N ARG B 518 -13.68 -20.22 -1.07
CA ARG B 518 -12.50 -19.79 -1.76
C ARG B 518 -12.32 -18.27 -1.71
N ASN B 519 -13.41 -17.55 -1.76
CA ASN B 519 -13.32 -16.12 -1.52
C ASN B 519 -12.94 -15.85 -0.09
N TYR B 520 -13.41 -16.67 0.84
CA TYR B 520 -12.98 -16.51 2.22
C TYR B 520 -11.46 -16.69 2.33
N GLY B 521 -10.92 -17.68 1.67
CA GLY B 521 -9.51 -17.92 1.76
C GLY B 521 -8.69 -16.82 1.05
N ASN B 522 -9.22 -16.22 -0.03
CA ASN B 522 -8.59 -15.10 -0.63
C ASN B 522 -8.50 -13.98 0.47
N LEU B 523 -9.62 -13.73 1.18
CA LEU B 523 -9.61 -12.69 2.17
C LEU B 523 -8.70 -12.99 3.27
N LEU B 524 -8.57 -14.27 3.62
CA LEU B 524 -7.76 -14.60 4.76
C LEU B 524 -6.29 -14.42 4.43
N LEU B 525 -5.92 -14.80 3.23
CA LEU B 525 -4.49 -14.73 2.87
C LEU B 525 -4.07 -13.27 2.78
N GLU B 526 -4.88 -12.43 2.20
CA GLU B 526 -4.52 -11.01 2.12
C GLU B 526 -4.63 -10.33 3.44
N MET B 527 -5.48 -10.87 4.29
CA MET B 527 -5.64 -10.37 5.71
C MET B 527 -4.38 -10.64 6.54
N SER B 528 -3.87 -11.87 6.44
CA SER B 528 -2.61 -12.27 7.08
C SER B 528 -1.42 -11.61 6.44
N ALA B 529 -1.54 -11.20 5.18
CA ALA B 529 -0.45 -10.44 4.53
C ALA B 529 -0.33 -9.09 5.20
N VAL B 530 -1.45 -8.47 5.51
CA VAL B 530 -1.35 -7.10 6.05
C VAL B 530 -1.22 -7.11 7.53
N VAL B 531 -2.11 -7.88 8.14
CA VAL B 531 -2.32 -7.67 9.50
C VAL B 531 -1.27 -8.43 10.35
N PRO B 532 -0.69 -7.79 11.39
CA PRO B 532 0.36 -8.43 12.20
C PRO B 532 -0.19 -9.43 13.23
N ASP B 533 0.56 -9.87 14.21
CA ASP B 533 0.01 -10.18 15.59
C ASP B 533 -1.15 -11.14 15.79
N GLY B 534 -1.44 -11.94 14.79
CA GLY B 534 -2.45 -12.99 14.92
C GLY B 534 -3.85 -12.36 14.77
N ILE B 535 -4.74 -13.11 14.19
CA ILE B 535 -6.05 -12.69 13.87
C ILE B 535 -7.03 -13.73 14.57
N VAL B 536 -8.18 -13.27 15.03
CA VAL B 536 -9.13 -14.12 15.83
C VAL B 536 -10.33 -14.38 14.96
N ALA B 537 -10.33 -15.53 14.34
CA ALA B 537 -11.18 -15.80 13.20
C ALA B 537 -12.45 -16.55 13.65
N PHE B 538 -13.55 -15.83 13.84
CA PHE B 538 -14.79 -16.47 14.27
C PHE B 538 -15.52 -17.12 13.08
N PHE B 539 -15.92 -18.32 13.35
CA PHE B 539 -16.59 -19.11 12.52
C PHE B 539 -18.06 -19.29 12.93
N THR B 540 -18.74 -20.14 12.17
CA THR B 540 -20.19 -20.29 12.18
C THR B 540 -20.50 -21.43 13.06
N SER B 541 -20.02 -22.63 12.70
CA SER B 541 -20.27 -23.80 13.52
C SER B 541 -19.07 -24.67 13.54
N TYR B 542 -19.02 -25.64 14.49
CA TYR B 542 -17.93 -26.57 14.45
C TYR B 542 -17.86 -27.29 13.17
N GLN B 543 -19.01 -27.69 12.68
CA GLN B 543 -19.04 -28.50 11.52
C GLN B 543 -18.76 -27.70 10.23
N TYR B 544 -19.15 -26.45 10.21
CA TYR B 544 -18.76 -25.58 9.10
C TYR B 544 -17.27 -25.22 9.18
N MET B 545 -16.71 -25.14 10.37
CA MET B 545 -15.28 -24.93 10.46
C MET B 545 -14.54 -26.19 10.01
N GLU B 546 -15.09 -27.37 10.30
CA GLU B 546 -14.58 -28.61 9.77
C GLU B 546 -14.59 -28.60 8.25
N SER B 547 -15.70 -28.21 7.64
CA SER B 547 -15.77 -28.02 6.20
C SER B 547 -14.78 -27.03 5.61
N THR B 548 -14.61 -25.92 6.31
CA THR B 548 -13.72 -24.85 5.85
C THR B 548 -12.30 -25.27 5.87
N VAL B 549 -11.88 -25.82 6.98
CA VAL B 549 -10.55 -26.31 7.14
C VAL B 549 -10.28 -27.46 6.23
N ALA B 550 -11.28 -28.28 5.94
CA ALA B 550 -11.11 -29.38 4.96
C ALA B 550 -10.85 -28.83 3.55
N SER B 551 -11.66 -27.87 3.11
CA SER B 551 -11.41 -27.27 1.83
C SER B 551 -10.17 -26.40 1.81
N TRP B 552 -9.70 -25.92 2.95
CA TRP B 552 -8.47 -25.15 3.02
C TRP B 552 -7.26 -26.02 2.97
N TYR B 553 -7.07 -26.90 3.92
CA TYR B 553 -5.87 -27.79 3.98
C TYR B 553 -5.86 -28.90 2.89
N GLU B 554 -7.02 -29.17 2.29
CA GLU B 554 -7.05 -30.00 1.10
C GLU B 554 -6.61 -29.16 -0.10
N GLN B 555 -7.29 -28.04 -0.31
CA GLN B 555 -7.17 -27.30 -1.57
C GLN B 555 -6.14 -26.25 -1.47
N GLY B 556 -6.16 -25.36 -2.49
CA GLY B 556 -4.98 -24.60 -2.95
C GLY B 556 -4.47 -23.56 -2.00
N ILE B 557 -5.21 -23.42 -0.91
CA ILE B 557 -5.24 -22.22 -0.11
C ILE B 557 -4.06 -22.42 0.77
N LEU B 558 -4.21 -23.40 1.64
CA LEU B 558 -3.81 -23.22 3.02
C LEU B 558 -2.35 -22.93 3.20
N GLU B 559 -1.53 -23.49 2.32
CA GLU B 559 -0.11 -23.44 2.49
C GLU B 559 0.43 -22.03 2.38
N ASN B 560 -0.19 -21.17 1.57
CA ASN B 560 0.32 -19.82 1.48
C ASN B 560 0.05 -19.07 2.81
N ILE B 561 -1.04 -19.42 3.49
CA ILE B 561 -1.27 -18.95 4.84
C ILE B 561 -0.18 -19.55 5.72
N GLN B 562 0.10 -20.83 5.49
CA GLN B 562 1.21 -21.46 6.19
C GLN B 562 2.57 -20.98 5.67
N ARG B 563 2.60 -20.31 4.52
CA ARG B 563 3.79 -19.55 4.12
C ARG B 563 4.03 -18.41 5.10
N ASN B 564 2.96 -17.81 5.58
CA ASN B 564 3.10 -16.64 6.46
C ASN B 564 3.10 -17.03 7.92
N LYS B 565 1.99 -17.58 8.38
CA LYS B 565 1.77 -17.74 9.82
C LYS B 565 1.16 -19.09 10.09
N LEU B 566 0.75 -19.28 11.34
CA LEU B 566 0.40 -20.57 11.89
C LEU B 566 -1.02 -20.61 12.39
N LEU B 567 -1.70 -21.75 12.12
CA LEU B 567 -3.11 -21.91 12.48
C LEU B 567 -3.25 -22.58 13.80
N PHE B 568 -4.09 -22.03 14.62
CA PHE B 568 -4.52 -22.66 15.90
C PHE B 568 -5.98 -22.95 15.82
N ILE B 569 -6.24 -24.21 15.50
CA ILE B 569 -7.57 -24.66 15.14
C ILE B 569 -8.21 -25.24 16.33
N GLU B 570 -9.39 -24.74 16.67
CA GLU B 570 -9.94 -25.16 17.96
C GLU B 570 -10.44 -26.59 17.82
N THR B 571 -10.55 -27.27 19.00
CA THR B 571 -11.17 -28.56 19.02
C THR B 571 -11.98 -28.66 20.28
N GLN B 572 -12.98 -29.57 20.21
CA GLN B 572 -14.14 -29.67 21.09
C GLN B 572 -13.87 -30.12 22.51
N ASP B 573 -12.59 -30.20 22.91
CA ASP B 573 -12.22 -30.41 24.34
C ASP B 573 -11.97 -29.09 25.02
N GLY B 574 -11.54 -29.11 26.30
CA GLY B 574 -10.99 -27.92 27.01
C GLY B 574 -9.47 -27.94 26.97
N ALA B 575 -8.93 -29.15 26.74
CA ALA B 575 -7.51 -29.37 26.58
C ALA B 575 -6.96 -28.68 25.34
N GLU B 576 -7.71 -28.75 24.25
CA GLU B 576 -7.24 -28.19 22.97
C GLU B 576 -7.42 -26.69 22.94
N THR B 577 -8.45 -26.22 23.65
CA THR B 577 -8.61 -24.80 24.03
C THR B 577 -7.35 -24.32 24.76
N SER B 578 -6.91 -25.07 25.74
CA SER B 578 -5.76 -24.68 26.51
C SER B 578 -4.49 -24.65 25.66
N VAL B 579 -4.27 -25.70 24.86
CA VAL B 579 -3.08 -25.81 24.06
C VAL B 579 -2.99 -24.71 22.98
N ALA B 580 -4.08 -24.49 22.25
CA ALA B 580 -4.08 -23.49 21.21
C ALA B 580 -4.04 -22.08 21.83
N LEU B 581 -4.58 -21.89 23.05
CA LEU B 581 -4.57 -20.58 23.69
C LEU B 581 -3.17 -20.27 24.13
N GLU B 582 -2.49 -21.23 24.75
CA GLU B 582 -1.10 -21.04 25.21
C GLU B 582 -0.19 -20.74 24.02
N LYS B 583 -0.40 -21.50 22.98
CA LYS B 583 0.35 -21.23 21.75
C LYS B 583 0.03 -19.89 21.13
N TYR B 584 -1.19 -19.43 21.24
CA TYR B 584 -1.57 -18.17 20.66
C TYR B 584 -0.86 -17.01 21.36
N GLN B 585 -0.91 -17.00 22.67
CA GLN B 585 -0.30 -15.89 23.37
C GLN B 585 1.25 -16.05 23.22
N GLU B 586 1.82 -17.25 23.29
CA GLU B 586 3.26 -17.41 23.23
C GLU B 586 3.83 -17.29 21.81
N ALA B 587 2.96 -17.40 20.80
CA ALA B 587 3.39 -17.19 19.42
C ALA B 587 3.19 -15.74 18.92
N CYS B 588 2.25 -15.04 19.53
CA CYS B 588 2.07 -13.64 19.23
C CYS B 588 2.93 -12.71 20.10
N GLU B 589 3.42 -13.17 21.24
CA GLU B 589 4.40 -12.37 21.99
C GLU B 589 5.83 -12.58 21.45
N ASN B 590 5.94 -13.42 20.41
CA ASN B 590 7.16 -13.54 19.64
C ASN B 590 6.88 -13.27 18.18
N GLY B 591 7.95 -13.45 17.41
CA GLY B 591 8.00 -13.36 15.99
C GLY B 591 7.28 -14.55 15.46
N ARG B 592 6.03 -14.16 15.09
CA ARG B 592 5.12 -14.95 14.27
C ARG B 592 3.73 -14.38 14.47
N GLY B 593 2.84 -14.55 13.52
CA GLY B 593 1.46 -14.15 13.69
C GLY B 593 0.59 -15.21 14.31
N ALA B 594 0.45 -16.33 13.62
CA ALA B 594 -0.29 -17.44 14.09
C ALA B 594 -1.79 -17.13 14.48
N ILE B 595 -2.59 -16.94 13.47
CA ILE B 595 -4.02 -16.82 13.58
C ILE B 595 -4.73 -17.96 14.31
N LEU B 596 -5.61 -17.60 15.24
CA LEU B 596 -6.59 -18.57 15.79
C LEU B 596 -7.80 -18.63 14.85
N LEU B 597 -8.38 -19.81 14.64
CA LEU B 597 -9.69 -19.82 14.04
C LEU B 597 -10.62 -20.67 14.93
N SER B 598 -11.74 -20.08 15.38
CA SER B 598 -12.66 -20.71 16.36
C SER B 598 -14.12 -20.69 15.88
N VAL B 599 -15.05 -20.98 16.79
CA VAL B 599 -16.48 -20.96 16.55
C VAL B 599 -17.14 -20.03 17.53
N ALA B 600 -18.15 -19.28 17.05
CA ALA B 600 -18.65 -18.13 17.71
C ALA B 600 -19.28 -18.48 19.01
N ARG B 601 -19.95 -19.62 19.03
CA ARG B 601 -20.70 -20.07 20.20
C ARG B 601 -19.91 -21.02 21.10
N GLY B 602 -18.74 -21.46 20.56
CA GLY B 602 -17.69 -22.17 21.32
C GLY B 602 -17.21 -21.24 22.42
N LYS B 603 -16.72 -21.78 23.51
CA LYS B 603 -16.63 -20.93 24.70
C LYS B 603 -15.44 -19.99 24.69
N VAL B 604 -14.65 -19.96 23.61
CA VAL B 604 -13.41 -19.16 23.57
C VAL B 604 -13.65 -17.64 23.63
N SER B 605 -14.89 -17.22 23.35
CA SER B 605 -15.27 -15.84 23.42
C SER B 605 -15.29 -15.30 24.84
N GLU B 606 -15.85 -16.10 25.75
CA GLU B 606 -16.03 -15.70 27.11
C GLU B 606 -14.71 -15.84 27.84
N GLY B 607 -14.15 -14.67 28.21
CA GLY B 607 -13.14 -14.58 29.23
C GLY B 607 -11.75 -14.29 28.72
N ILE B 608 -11.46 -14.62 27.44
CA ILE B 608 -10.07 -14.68 26.99
C ILE B 608 -9.50 -13.29 26.84
N ASP B 609 -10.32 -12.37 26.31
CA ASP B 609 -9.96 -10.94 26.22
C ASP B 609 -8.71 -10.79 25.37
N PHE B 610 -8.87 -10.89 24.05
CA PHE B 610 -7.79 -10.56 23.12
C PHE B 610 -7.48 -9.07 23.20
N VAL B 611 -6.42 -8.73 23.90
CA VAL B 611 -6.04 -7.35 24.14
C VAL B 611 -5.04 -7.04 23.01
N HIS B 612 -4.80 -5.73 22.85
CA HIS B 612 -3.90 -5.17 21.86
C HIS B 612 -2.54 -5.75 21.71
N HIS B 613 -1.99 -6.43 22.71
CA HIS B 613 -0.67 -7.02 22.55
C HIS B 613 -0.69 -8.16 21.50
N TYR B 614 -1.87 -8.75 21.32
CA TYR B 614 -2.02 -9.92 20.48
C TYR B 614 -3.45 -10.17 20.06
N GLY B 615 -3.65 -10.20 18.74
CA GLY B 615 -4.99 -10.45 18.22
C GLY B 615 -5.84 -9.25 18.21
N ARG B 616 -5.49 -8.34 17.32
CA ARG B 616 -6.00 -6.96 17.39
C ARG B 616 -6.84 -6.65 16.19
N ALA B 617 -7.16 -7.68 15.39
CA ALA B 617 -8.03 -7.48 14.21
C ALA B 617 -9.02 -8.58 14.06
N VAL B 618 -10.21 -8.42 14.63
CA VAL B 618 -11.15 -9.53 14.82
C VAL B 618 -12.09 -9.62 13.62
N ILE B 619 -12.10 -10.78 13.02
CA ILE B 619 -12.90 -11.07 11.89
C ILE B 619 -14.06 -11.86 12.38
N MET B 620 -15.23 -11.47 11.92
CA MET B 620 -16.38 -12.33 11.89
C MET B 620 -16.44 -12.92 10.47
N PHE B 621 -16.63 -14.18 10.37
CA PHE B 621 -16.83 -14.77 9.08
C PHE B 621 -18.22 -15.42 9.07
N GLY B 622 -19.03 -15.10 8.10
CA GLY B 622 -20.39 -15.65 8.09
C GLY B 622 -21.32 -14.81 9.03
N VAL B 623 -22.38 -15.43 9.47
CA VAL B 623 -23.33 -14.76 10.32
C VAL B 623 -23.48 -15.71 11.55
N PRO B 624 -23.34 -15.17 12.76
CA PRO B 624 -23.47 -16.03 13.96
C PRO B 624 -24.91 -16.28 14.38
N TYR B 625 -25.74 -16.79 13.43
CA TYR B 625 -27.17 -17.11 13.69
C TYR B 625 -27.15 -18.54 14.15
N VAL B 626 -28.03 -18.85 15.12
CA VAL B 626 -28.25 -20.28 15.43
C VAL B 626 -29.02 -20.87 14.26
N TYR B 627 -28.55 -22.03 13.74
CA TYR B 627 -29.04 -22.61 12.44
C TYR B 627 -30.61 -22.79 12.33
N THR B 628 -31.22 -22.17 11.29
CA THR B 628 -32.65 -21.67 11.39
C THR B 628 -33.86 -22.65 11.32
N GLN B 629 -33.59 -23.93 11.15
CA GLN B 629 -34.67 -24.91 10.84
C GLN B 629 -35.04 -25.72 12.20
N SER B 630 -34.24 -25.74 13.29
CA SER B 630 -34.45 -26.69 14.45
C SER B 630 -35.72 -26.38 15.25
N ARG B 631 -36.36 -27.41 15.77
CA ARG B 631 -37.73 -27.30 16.29
C ARG B 631 -37.86 -26.80 17.74
N ILE B 632 -36.76 -26.88 18.50
CA ILE B 632 -36.68 -26.19 19.76
C ILE B 632 -36.85 -24.70 19.50
N LEU B 633 -36.19 -24.21 18.44
CA LEU B 633 -36.26 -22.78 18.13
C LEU B 633 -37.72 -22.47 17.68
N LYS B 634 -38.41 -23.39 17.04
CA LYS B 634 -39.78 -23.14 16.59
C LYS B 634 -40.71 -23.04 17.77
N ALA B 635 -40.54 -23.90 18.78
CA ALA B 635 -41.30 -23.74 20.04
C ALA B 635 -41.00 -22.43 20.77
N ARG B 636 -39.75 -22.03 20.68
CA ARG B 636 -39.35 -20.77 21.23
C ARG B 636 -40.01 -19.55 20.56
N LEU B 637 -39.97 -19.54 19.24
CA LEU B 637 -40.56 -18.48 18.46
C LEU B 637 -42.06 -18.55 18.44
N GLU B 638 -42.67 -19.69 18.72
CA GLU B 638 -44.11 -19.71 18.82
C GLU B 638 -44.54 -19.18 20.17
N TYR B 639 -43.80 -19.51 21.21
CA TYR B 639 -44.18 -18.89 22.49
C TYR B 639 -43.88 -17.39 22.46
N LEU B 640 -42.95 -16.93 21.66
CA LEU B 640 -42.80 -15.49 21.58
C LEU B 640 -43.64 -14.81 20.49
N ARG B 641 -44.21 -15.61 19.59
CA ARG B 641 -45.33 -15.15 18.76
C ARG B 641 -46.57 -14.99 19.67
N ASP B 642 -46.63 -15.72 20.79
CA ASP B 642 -47.54 -15.37 21.89
C ASP B 642 -47.20 -14.12 22.70
N GLN B 643 -46.17 -13.40 22.26
CA GLN B 643 -45.80 -12.11 22.83
C GLN B 643 -45.87 -10.94 21.83
N PHE B 644 -45.32 -11.10 20.65
CA PHE B 644 -45.26 -9.96 19.74
C PHE B 644 -45.56 -10.24 18.25
N GLN B 645 -45.57 -11.51 17.80
CA GLN B 645 -46.12 -11.94 16.48
C GLN B 645 -45.25 -11.58 15.21
N ILE B 646 -44.23 -10.73 15.37
CA ILE B 646 -43.34 -10.33 14.26
C ILE B 646 -41.99 -11.10 14.36
N ARG B 647 -41.85 -11.87 15.42
CA ARG B 647 -40.62 -12.29 15.95
C ARG B 647 -39.91 -13.36 15.16
N GLU B 648 -40.60 -13.95 14.18
CA GLU B 648 -40.17 -15.21 13.56
C GLU B 648 -38.82 -15.12 12.85
N ASN B 649 -38.47 -13.90 12.45
CA ASN B 649 -37.15 -13.61 11.96
C ASN B 649 -36.40 -12.61 12.86
N ASP B 650 -37.17 -11.83 13.64
CA ASP B 650 -36.61 -10.77 14.44
C ASP B 650 -35.73 -11.29 15.62
N PHE B 651 -36.14 -12.35 16.27
CA PHE B 651 -35.35 -12.80 17.39
C PHE B 651 -34.12 -13.53 16.86
N LEU B 652 -34.24 -14.16 15.68
CA LEU B 652 -33.08 -14.75 15.04
C LEU B 652 -32.01 -13.66 14.75
N THR B 653 -32.44 -12.55 14.20
CA THR B 653 -31.50 -11.53 13.95
C THR B 653 -30.98 -11.01 15.28
N PHE B 654 -31.80 -10.94 16.33
CA PHE B 654 -31.37 -10.48 17.65
C PHE B 654 -30.23 -11.35 18.22
N ASP B 655 -30.43 -12.65 18.29
CA ASP B 655 -29.40 -13.44 18.90
C ASP B 655 -28.16 -13.55 17.99
N ALA B 656 -28.35 -13.49 16.68
CA ALA B 656 -27.19 -13.38 15.77
C ALA B 656 -26.36 -12.16 16.09
N MET B 657 -27.01 -11.04 16.36
CA MET B 657 -26.26 -9.86 16.73
C MET B 657 -25.62 -9.89 18.16
N ARG B 658 -26.26 -10.50 19.10
CA ARG B 658 -25.62 -10.51 20.39
C ARG B 658 -24.41 -11.47 20.39
N HIS B 659 -24.50 -12.59 19.63
CA HIS B 659 -23.34 -13.43 19.45
C HIS B 659 -22.22 -12.63 18.72
N ALA B 660 -22.63 -11.87 17.69
CA ALA B 660 -21.69 -11.14 16.88
C ALA B 660 -20.92 -10.17 17.73
N ALA B 661 -21.59 -9.29 18.44
CA ALA B 661 -20.91 -8.27 19.20
C ALA B 661 -20.19 -8.82 20.43
N GLN B 662 -20.75 -9.84 21.04
CA GLN B 662 -20.05 -10.50 22.14
C GLN B 662 -18.72 -11.09 21.68
N CYS B 663 -18.68 -11.66 20.47
CA CYS B 663 -17.44 -12.14 19.89
C CYS B 663 -16.45 -11.07 19.42
N VAL B 664 -16.96 -10.16 18.65
CA VAL B 664 -16.14 -9.13 18.04
C VAL B 664 -15.64 -8.01 18.99
N GLY B 665 -16.50 -7.60 19.88
CA GLY B 665 -16.16 -6.56 20.82
C GLY B 665 -15.39 -7.00 22.09
N ARG B 666 -14.52 -7.99 21.94
CA ARG B 666 -13.49 -8.20 22.91
C ARG B 666 -12.22 -7.42 22.56
N ALA B 667 -12.17 -6.76 21.39
CA ALA B 667 -10.87 -6.47 20.71
C ALA B 667 -10.05 -5.41 21.39
N ILE B 668 -10.71 -4.66 22.28
CA ILE B 668 -10.21 -3.41 22.81
C ILE B 668 -10.32 -3.34 24.31
N ARG B 669 -9.22 -2.94 24.97
CA ARG B 669 -9.19 -2.80 26.44
C ARG B 669 -9.23 -1.33 26.91
N GLY B 670 -8.61 -0.43 26.12
CA GLY B 670 -8.53 0.98 26.47
C GLY B 670 -8.88 1.88 25.30
N LYS B 671 -8.65 3.17 25.50
CA LYS B 671 -8.80 4.12 24.42
C LYS B 671 -7.59 3.95 23.55
N THR B 672 -6.41 4.05 24.20
CA THR B 672 -5.13 3.92 23.58
C THR B 672 -4.96 2.46 23.28
N ASP B 673 -5.47 2.10 22.07
CA ASP B 673 -5.71 0.72 21.71
C ASP B 673 -6.11 0.65 20.26
N TYR B 674 -5.92 -0.55 19.67
CA TYR B 674 -5.91 -0.71 18.21
C TYR B 674 -6.90 -1.68 17.77
N GLY B 675 -7.91 -1.23 17.07
CA GLY B 675 -9.07 -2.04 16.94
C GLY B 675 -9.58 -2.12 15.52
N LEU B 676 -9.39 -3.27 14.89
CA LEU B 676 -10.05 -3.53 13.66
C LEU B 676 -11.13 -4.53 13.93
N MET B 677 -12.29 -4.34 13.27
CA MET B 677 -13.36 -5.37 13.27
C MET B 677 -14.20 -5.50 11.99
N VAL B 678 -13.99 -6.66 11.33
CA VAL B 678 -14.28 -6.79 9.95
C VAL B 678 -15.21 -7.91 9.73
N PHE B 679 -16.37 -7.60 9.11
CA PHE B 679 -17.48 -8.57 9.05
C PHE B 679 -17.56 -9.17 7.72
N ALA B 680 -16.91 -10.30 7.55
CA ALA B 680 -16.89 -10.99 6.26
C ALA B 680 -18.19 -11.66 6.10
N ASP B 681 -19.12 -10.92 5.50
CA ASP B 681 -20.52 -11.33 5.47
C ASP B 681 -21.22 -10.68 4.29
N LYS B 682 -22.46 -11.05 4.06
CA LYS B 682 -23.27 -10.24 3.19
C LYS B 682 -24.45 -9.58 3.95
N ARG B 683 -24.94 -10.30 4.95
CA ARG B 683 -26.24 -10.01 5.54
C ARG B 683 -26.17 -8.87 6.58
N PHE B 684 -25.12 -7.98 6.56
CA PHE B 684 -24.93 -7.09 7.65
C PHE B 684 -25.37 -5.65 7.50
N ALA B 685 -26.16 -5.35 6.48
CA ALA B 685 -26.64 -3.95 6.20
C ALA B 685 -27.51 -3.35 7.33
N ARG B 686 -28.79 -3.69 7.31
CA ARG B 686 -29.66 -3.37 8.47
C ARG B 686 -29.47 -4.29 9.73
N GLY B 687 -28.82 -5.47 9.57
CA GLY B 687 -28.64 -6.36 10.79
C GLY B 687 -27.53 -5.67 11.64
N ASP B 688 -26.47 -5.09 11.00
CA ASP B 688 -25.54 -4.26 11.80
C ASP B 688 -25.87 -2.78 11.90
N LYS B 689 -26.93 -2.34 11.27
CA LYS B 689 -27.49 -1.09 11.70
C LYS B 689 -28.60 -1.30 12.76
N ARG B 690 -28.85 -2.57 13.14
CA ARG B 690 -29.53 -2.90 14.39
C ARG B 690 -28.54 -3.11 15.54
N GLY B 691 -27.67 -4.13 15.42
CA GLY B 691 -27.06 -4.82 16.59
C GLY B 691 -25.67 -4.35 17.05
N LYS B 692 -24.92 -3.82 16.15
CA LYS B 692 -23.78 -3.07 16.52
C LYS B 692 -24.32 -1.89 17.34
N LEU B 693 -23.48 -1.39 18.25
CA LEU B 693 -23.88 -0.33 19.19
C LEU B 693 -24.16 0.96 18.43
N PRO B 694 -25.24 1.69 18.82
CA PRO B 694 -25.68 2.82 18.01
C PRO B 694 -24.67 3.94 18.01
N ARG B 695 -23.94 4.12 19.13
CA ARG B 695 -22.83 5.04 19.13
C ARG B 695 -21.81 4.56 18.09
N TRP B 696 -21.60 3.25 18.00
CA TRP B 696 -20.57 2.71 17.08
C TRP B 696 -20.97 2.82 15.58
N ILE B 697 -22.26 2.72 15.31
CA ILE B 697 -22.70 2.93 13.95
C ILE B 697 -22.66 4.43 13.60
N GLN B 698 -22.88 5.28 14.58
CA GLN B 698 -22.89 6.72 14.28
C GLN B 698 -21.48 7.27 14.18
N GLU B 699 -20.55 6.76 14.99
CA GLU B 699 -19.23 7.42 15.13
C GLU B 699 -18.24 6.73 14.21
N HIS B 700 -18.35 5.40 14.05
CA HIS B 700 -17.26 4.66 13.41
C HIS B 700 -17.68 3.81 12.24
N LEU B 701 -18.96 3.64 11.94
CA LEU B 701 -19.33 2.59 11.05
C LEU B 701 -19.93 3.00 9.74
N THR B 702 -19.39 2.41 8.61
CA THR B 702 -19.99 2.32 7.24
C THR B 702 -20.40 3.72 6.75
N ASP B 703 -19.36 4.49 6.50
CA ASP B 703 -19.59 5.71 5.82
C ASP B 703 -20.03 5.32 4.40
N ALA B 704 -19.17 4.57 3.69
CA ALA B 704 -19.52 4.02 2.37
C ALA B 704 -19.00 2.61 2.18
N ASN B 705 -18.93 1.88 3.27
CA ASN B 705 -18.12 0.67 3.28
C ASN B 705 -18.92 -0.62 3.09
N LEU B 706 -20.12 -0.56 2.59
CA LEU B 706 -20.95 -1.73 2.82
C LEU B 706 -20.54 -2.91 1.90
N ASN B 707 -20.33 -2.65 0.62
CA ASN B 707 -19.96 -3.68 -0.34
C ASN B 707 -18.53 -3.63 -0.67
N LEU B 708 -17.71 -3.69 0.36
CA LEU B 708 -16.29 -3.65 0.15
C LEU B 708 -15.78 -5.01 -0.37
N THR B 709 -15.35 -5.01 -1.62
CA THR B 709 -14.39 -5.96 -2.17
C THR B 709 -13.22 -6.07 -1.17
N VAL B 710 -12.68 -7.25 -1.08
CA VAL B 710 -11.61 -7.60 -0.17
C VAL B 710 -10.42 -6.67 -0.32
N ASP B 711 -10.03 -6.41 -1.56
CA ASP B 711 -8.88 -5.62 -1.87
C ASP B 711 -9.06 -4.17 -1.47
N GLU B 712 -10.26 -3.63 -1.68
CA GLU B 712 -10.63 -2.34 -1.07
C GLU B 712 -10.56 -2.46 0.42
N GLY B 713 -10.99 -3.58 0.95
CA GLY B 713 -10.88 -3.79 2.40
C GLY B 713 -9.39 -3.79 2.82
N VAL B 714 -8.52 -4.37 2.04
CA VAL B 714 -7.14 -4.39 2.36
C VAL B 714 -6.56 -2.98 2.34
N GLN B 715 -6.98 -2.15 1.39
CA GLN B 715 -6.49 -0.79 1.34
C GLN B 715 -7.00 0.03 2.46
N VAL B 716 -8.24 -0.21 2.88
CA VAL B 716 -8.78 0.43 4.11
C VAL B 716 -8.04 -0.04 5.37
N ALA B 717 -7.69 -1.29 5.37
CA ALA B 717 -6.94 -1.81 6.46
C ALA B 717 -5.53 -1.24 6.53
N LYS B 718 -4.84 -1.11 5.41
CA LYS B 718 -3.52 -0.48 5.32
C LYS B 718 -3.54 0.93 5.79
N TYR B 719 -4.53 1.65 5.37
CA TYR B 719 -4.66 3.02 5.81
C TYR B 719 -4.89 3.08 7.30
N PHE B 720 -5.75 2.23 7.80
CA PHE B 720 -6.02 2.19 9.21
C PHE B 720 -4.82 1.76 10.07
N LEU B 721 -4.17 0.69 9.70
CA LEU B 721 -3.02 0.23 10.44
C LEU B 721 -1.88 1.18 10.40
N ARG B 722 -1.68 1.80 9.26
CA ARG B 722 -0.58 2.73 9.11
C ARG B 722 -0.86 4.00 9.95
N GLN B 723 -2.13 4.41 10.06
CA GLN B 723 -2.44 5.58 10.78
C GLN B 723 -2.76 5.33 12.18
N MET B 724 -2.80 4.06 12.59
CA MET B 724 -2.70 3.77 14.01
C MET B 724 -1.29 3.46 14.55
N ALA B 725 -0.41 3.15 13.59
CA ALA B 725 0.95 2.93 13.94
C ALA B 725 1.83 4.15 13.83
N GLN B 726 1.44 5.16 13.01
CA GLN B 726 2.13 6.42 12.98
C GLN B 726 2.25 7.13 14.37
N PRO B 727 1.14 7.52 14.97
CA PRO B 727 1.28 8.45 16.05
C PRO B 727 1.28 7.82 17.46
N PHE B 728 1.62 8.67 18.48
CA PHE B 728 0.69 8.96 19.63
C PHE B 728 1.14 9.99 20.66
N HIS B 729 0.43 11.09 20.98
CA HIS B 729 0.55 11.67 22.38
C HIS B 729 -0.75 12.09 23.10
N ARG B 730 -1.63 12.76 22.34
CA ARG B 730 -2.65 13.61 22.89
C ARG B 730 -4.06 13.00 22.75
N GLU B 731 -4.84 13.05 23.82
CA GLU B 731 -6.16 12.45 23.77
C GLU B 731 -7.15 13.34 24.56
N ASP B 732 -8.38 12.82 24.83
CA ASP B 732 -9.43 13.42 25.63
C ASP B 732 -8.91 13.31 27.11
N GLN B 733 -8.20 14.41 27.47
CA GLN B 733 -7.68 14.66 28.83
C GLN B 733 -8.88 15.09 29.67
N LEU B 734 -9.69 14.15 30.16
CA LEU B 734 -10.95 14.55 30.82
C LEU B 734 -10.93 14.12 32.25
N UNK C 1 8.34 24.71 -20.30
CA UNK C 1 8.79 25.24 -18.94
C UNK C 1 10.05 24.42 -18.37
N UNK C 2 10.63 23.44 -19.13
CA UNK C 2 10.87 22.09 -18.48
C UNK C 2 12.27 21.95 -17.91
N UNK C 3 12.54 20.78 -17.32
CA UNK C 3 13.88 20.49 -16.84
C UNK C 3 14.84 19.79 -17.86
N UNK C 4 14.30 19.09 -18.85
CA UNK C 4 15.11 18.06 -19.58
C UNK C 4 15.86 18.69 -20.73
N UNK C 5 16.27 17.91 -21.72
CA UNK C 5 16.55 18.53 -23.04
C UNK C 5 15.19 19.00 -23.60
N LEU C 6 15.04 20.27 -24.02
CA LEU C 6 13.74 20.92 -24.07
C LEU C 6 12.87 20.45 -25.25
N PRO C 7 13.47 20.36 -26.48
CA PRO C 7 12.86 19.48 -27.51
C PRO C 7 13.58 18.12 -27.57
N PRO C 8 13.26 17.18 -26.67
CA PRO C 8 14.20 16.07 -26.37
C PRO C 8 14.58 15.14 -27.53
N THR C 9 13.63 14.49 -28.19
CA THR C 9 13.96 13.81 -29.46
C THR C 9 13.25 14.47 -30.61
N ILE C 10 12.45 15.49 -30.32
CA ILE C 10 11.97 16.35 -31.41
C ILE C 10 13.16 17.10 -32.09
N THR C 11 14.24 17.33 -31.35
CA THR C 11 15.43 17.88 -31.95
C THR C 11 15.91 16.94 -33.07
N ASP C 12 16.06 15.65 -32.79
CA ASP C 12 16.50 14.75 -33.80
C ASP C 12 15.50 14.56 -34.89
N GLN C 13 14.21 14.65 -34.57
CA GLN C 13 13.19 14.63 -35.63
C GLN C 13 13.36 15.81 -36.62
N ILE C 14 13.50 17.01 -36.04
CA ILE C 14 13.67 18.21 -36.82
C ILE C 14 14.93 18.10 -37.66
N ARG C 15 16.03 17.64 -37.05
CA ARG C 15 17.31 17.58 -37.73
C ARG C 15 17.21 16.66 -38.85
N LEU C 16 16.45 15.59 -38.70
CA LEU C 16 16.31 14.67 -39.83
C LEU C 16 15.53 15.34 -40.91
N TRP C 17 14.40 15.98 -40.55
CA TRP C 17 13.52 16.63 -41.52
C TRP C 17 14.39 17.68 -42.30
N GLU C 18 15.40 18.30 -41.69
CA GLU C 18 16.25 19.27 -42.35
C GLU C 18 17.32 18.61 -43.23
N LEU C 19 17.85 17.49 -42.75
CA LEU C 19 18.87 16.78 -43.48
C LEU C 19 18.33 16.05 -44.71
N GLU C 20 17.03 15.79 -44.76
CA GLU C 20 16.46 15.29 -46.03
C GLU C 20 16.24 16.32 -47.14
N ARG C 21 16.39 17.61 -46.88
CA ARG C 21 16.14 18.60 -47.96
C ARG C 21 17.35 19.47 -48.34
N ASP C 22 18.37 19.56 -47.49
CA ASP C 22 19.63 20.22 -47.91
C ASP C 22 20.49 19.20 -48.61
N ARG C 23 20.01 18.79 -49.78
CA ARG C 23 20.39 17.50 -50.34
C ARG C 23 21.80 17.52 -50.92
N LEU C 24 22.26 18.70 -51.34
CA LEU C 24 23.51 18.85 -52.02
C LEU C 24 24.42 19.84 -51.26
N ARG C 25 25.69 19.88 -51.65
CA ARG C 25 26.56 21.04 -51.44
C ARG C 25 27.13 21.42 -52.83
N PHE C 26 26.55 22.49 -53.38
CA PHE C 26 27.00 23.27 -54.52
C PHE C 26 28.48 23.69 -54.42
N THR C 27 29.20 23.58 -55.52
CA THR C 27 30.61 24.03 -55.65
C THR C 27 30.94 24.21 -57.16
N GLU C 28 31.71 25.24 -57.52
CA GLU C 28 31.94 25.58 -58.93
C GLU C 28 33.43 25.66 -59.19
N GLY C 29 34.08 24.51 -59.38
CA GLY C 29 35.56 24.42 -59.44
C GLY C 29 36.12 23.60 -60.61
N VAL C 30 37.28 24.03 -61.10
CA VAL C 30 37.92 23.43 -62.27
C VAL C 30 38.56 22.07 -61.92
N LEU C 31 38.52 21.14 -62.86
CA LEU C 31 39.03 19.80 -62.62
C LEU C 31 40.28 19.55 -63.42
N TYR C 32 41.30 18.99 -62.75
CA TYR C 32 42.49 18.52 -63.44
C TYR C 32 42.33 17.08 -63.85
N ASN C 33 42.56 16.80 -65.13
CA ASN C 33 42.14 15.53 -65.73
C ASN C 33 43.08 15.05 -66.83
N GLN C 34 43.28 13.73 -66.88
CA GLN C 34 43.79 13.00 -68.06
C GLN C 34 45.18 13.45 -68.53
N PHE C 35 46.12 13.57 -67.60
CA PHE C 35 47.43 14.14 -67.95
C PHE C 35 48.27 13.11 -68.72
N LEU C 36 49.28 13.60 -69.41
CA LEU C 36 50.27 12.74 -70.05
C LEU C 36 51.46 12.46 -69.11
N SER C 37 51.56 13.17 -67.97
CA SER C 37 52.60 12.91 -66.95
C SER C 37 51.96 12.61 -65.60
N GLN C 38 52.56 11.70 -64.84
CA GLN C 38 52.03 11.31 -63.53
C GLN C 38 52.74 12.15 -62.43
N VAL C 39 54.06 12.20 -62.51
CA VAL C 39 54.86 12.87 -61.51
C VAL C 39 54.70 14.40 -61.61
N ASP C 40 54.61 14.92 -62.82
CA ASP C 40 54.29 16.35 -62.99
C ASP C 40 52.83 16.66 -62.67
N PHE C 41 51.95 15.67 -62.71
CA PHE C 41 50.60 15.87 -62.19
C PHE C 41 50.63 15.97 -60.66
N GLU C 42 51.52 15.22 -60.03
CA GLU C 42 51.79 15.41 -58.59
C GLU C 42 52.49 16.77 -58.32
N LEU C 43 53.23 17.30 -59.29
CA LEU C 43 53.74 18.65 -59.19
C LEU C 43 52.60 19.68 -59.25
N LEU C 44 51.62 19.46 -60.12
CA LEU C 44 50.43 20.28 -60.16
C LEU C 44 49.63 20.20 -58.85
N LEU C 45 49.55 18.99 -58.29
CA LEU C 45 49.06 18.74 -56.92
C LEU C 45 49.73 19.65 -55.89
N ALA C 46 51.06 19.53 -55.81
CA ALA C 46 51.84 20.27 -54.82
C ALA C 46 51.83 21.78 -55.07
N HIS C 47 51.64 22.20 -56.32
CA HIS C 47 51.62 23.60 -56.65
C HIS C 47 50.28 24.25 -56.31
N ALA C 48 49.19 23.62 -56.71
CA ALA C 48 47.87 24.13 -56.37
C ALA C 48 47.61 24.04 -54.85
N ARG C 49 48.15 23.01 -54.21
CA ARG C 49 48.13 22.92 -52.76
C ARG C 49 49.06 23.95 -52.13
N GLU C 50 50.14 24.29 -52.83
CA GLU C 50 51.01 25.39 -52.44
C GLU C 50 50.35 26.74 -52.73
N LEU C 51 49.50 26.79 -53.77
CA LEU C 51 48.59 27.91 -53.97
C LEU C 51 47.38 27.83 -53.02
N GLY C 52 47.19 26.70 -52.34
CA GLY C 52 46.12 26.55 -51.37
C GLY C 52 44.74 26.44 -51.97
N VAL C 53 44.67 26.13 -53.28
CA VAL C 53 43.39 26.18 -54.01
C VAL C 53 42.87 24.76 -54.31
N LEU C 54 43.35 23.74 -53.57
CA LEU C 54 42.97 22.34 -53.85
C LEU C 54 41.61 22.00 -53.20
N VAL C 55 40.89 21.07 -53.82
CA VAL C 55 39.63 20.56 -53.28
C VAL C 55 39.65 19.04 -53.15
N PHE C 56 39.92 18.36 -54.27
CA PHE C 56 39.85 16.91 -54.32
C PHE C 56 40.96 16.30 -55.19
N GLU C 57 41.80 15.49 -54.54
CA GLU C 57 42.78 14.65 -55.21
C GLU C 57 42.15 13.36 -55.72
N ASN C 58 42.66 12.85 -56.82
CA ASN C 58 42.26 11.53 -57.34
C ASN C 58 43.43 10.88 -58.03
N SER C 59 44.14 10.02 -57.29
CA SER C 59 45.31 9.34 -57.80
C SER C 59 44.97 8.14 -58.70
N ALA C 60 43.81 7.53 -58.51
CA ALA C 60 43.42 6.37 -59.34
C ALA C 60 43.01 6.80 -60.74
N LYS C 61 42.48 8.01 -60.89
CA LYS C 61 42.13 8.56 -62.21
C LYS C 61 42.83 9.88 -62.52
N ARG C 62 43.64 10.40 -61.59
CA ARG C 62 44.35 11.67 -61.73
C ARG C 62 43.40 12.85 -62.00
N LEU C 63 42.53 13.12 -61.01
CA LEU C 63 41.48 14.12 -61.13
C LEU C 63 41.49 14.99 -59.88
N MET C 64 41.78 16.28 -60.01
CA MET C 64 41.90 17.16 -58.85
C MET C 64 41.10 18.45 -59.00
N VAL C 65 40.18 18.67 -58.08
CA VAL C 65 39.28 19.82 -58.13
C VAL C 65 39.98 21.02 -57.49
N VAL C 66 39.73 22.20 -58.06
CA VAL C 66 40.42 23.44 -57.71
C VAL C 66 39.39 24.57 -57.77
N THR C 67 39.57 25.56 -56.92
CA THR C 67 38.78 26.80 -56.88
C THR C 67 38.70 27.50 -58.26
N PRO C 68 37.59 28.20 -58.57
CA PRO C 68 37.50 28.81 -59.91
C PRO C 68 38.38 30.08 -60.11
N ALA C 69 38.70 30.80 -59.04
CA ALA C 69 39.55 31.99 -59.12
C ALA C 69 41.03 31.65 -59.37
N GLY C 70 41.46 30.46 -58.96
CA GLY C 70 42.85 30.03 -59.12
C GLY C 70 43.26 29.74 -60.55
N HIS C 71 42.28 29.47 -61.42
CA HIS C 71 42.55 29.21 -62.86
C HIS C 71 43.22 30.41 -63.55
N SER C 72 42.93 31.64 -63.09
CA SER C 72 43.54 32.83 -63.68
C SER C 72 45.07 32.89 -63.42
N ASP C 73 45.55 32.22 -62.37
CA ASP C 73 47.00 32.03 -62.21
C ASP C 73 47.48 30.74 -62.87
N VAL C 74 46.64 29.71 -62.89
CA VAL C 74 47.03 28.41 -63.38
C VAL C 74 47.26 28.39 -64.89
N LYS C 75 46.52 29.22 -65.62
CA LYS C 75 46.71 29.35 -67.05
C LYS C 75 48.11 29.90 -67.37
N ARG C 76 48.52 30.93 -66.62
CA ARG C 76 49.85 31.50 -66.67
C ARG C 76 50.91 30.48 -66.25
N PHE C 77 50.61 29.72 -65.21
CA PHE C 77 51.50 28.70 -64.68
C PHE C 77 51.79 27.59 -65.69
N TRP C 78 50.80 27.26 -66.54
CA TRP C 78 50.99 26.24 -67.52
C TRP C 78 51.66 26.78 -68.81
N LYS C 79 51.23 27.95 -69.28
CA LYS C 79 51.75 28.50 -70.56
C LYS C 79 53.22 28.93 -70.54
N ARG C 80 53.82 29.05 -69.36
CA ARG C 80 55.25 29.33 -69.26
C ARG C 80 56.10 28.03 -69.30
N GLN C 81 55.84 27.11 -68.36
CA GLN C 81 56.76 26.00 -68.03
C GLN C 81 58.19 26.53 -67.79
N MET D 57 30.11 12.68 20.93
CA MET D 57 29.12 11.57 21.06
C MET D 57 29.16 10.67 19.84
N MET D 58 30.06 9.70 19.90
CA MET D 58 30.46 8.92 18.73
C MET D 58 29.65 7.66 18.58
N ARG D 59 29.18 7.44 17.37
CA ARG D 59 28.22 6.38 17.12
C ARG D 59 28.77 5.31 16.19
N HIS D 60 28.25 4.09 16.33
CA HIS D 60 28.71 2.91 15.59
C HIS D 60 27.43 2.16 15.10
N LEU D 61 26.97 2.64 13.97
CA LEU D 61 25.65 2.22 13.46
C LEU D 61 25.78 1.18 12.46
N TYR D 62 25.10 0.07 12.68
CA TYR D 62 24.91 -0.86 11.61
C TYR D 62 23.47 -0.78 11.16
N VAL D 63 23.28 -0.23 9.98
CA VAL D 63 21.99 -0.21 9.40
C VAL D 63 21.61 -1.63 8.95
N VAL D 64 20.49 -2.13 9.43
CA VAL D 64 19.98 -3.44 9.13
C VAL D 64 18.83 -3.30 8.17
N VAL D 65 19.07 -3.63 6.93
CA VAL D 65 18.04 -3.52 5.96
C VAL D 65 17.40 -4.92 5.81
N ASP D 66 16.15 -4.93 5.35
CA ASP D 66 15.40 -6.13 5.10
C ASP D 66 15.32 -6.48 3.63
N GLY D 67 15.24 -7.78 3.38
CA GLY D 67 15.22 -8.39 2.03
C GLY D 67 14.17 -9.51 1.89
N SER D 68 13.00 -9.34 2.52
CA SER D 68 11.92 -10.28 2.40
C SER D 68 11.19 -10.04 1.07
N ARG D 69 9.99 -10.62 0.93
CA ARG D 69 9.16 -10.29 -0.23
C ARG D 69 8.22 -9.16 0.02
N THR D 70 8.34 -8.52 1.19
CA THR D 70 7.81 -7.16 1.39
C THR D 70 8.51 -6.13 0.45
N MET D 71 9.71 -6.47 0.00
CA MET D 71 10.37 -5.77 -1.09
C MET D 71 9.89 -6.15 -2.51
N GLU D 72 8.76 -6.85 -2.59
CA GLU D 72 8.07 -6.99 -3.90
C GLU D 72 6.81 -6.13 -3.93
N ASP D 73 6.45 -5.62 -2.74
CA ASP D 73 5.16 -4.95 -2.50
C ASP D 73 5.35 -3.45 -2.52
N GLN D 74 4.36 -2.77 -3.09
CA GLN D 74 4.49 -1.39 -3.55
C GLN D 74 3.89 -0.50 -2.47
N ASP D 75 3.38 0.71 -2.80
CA ASP D 75 3.11 1.80 -1.82
C ASP D 75 4.34 2.61 -1.60
N LEU D 76 5.31 2.47 -2.49
CA LEU D 76 6.55 3.22 -2.50
C LEU D 76 6.97 3.23 -3.96
N LYS D 77 8.20 3.67 -4.16
CA LYS D 77 8.92 3.51 -5.42
C LYS D 77 8.98 2.00 -5.79
N PRO D 78 9.02 1.65 -7.14
CA PRO D 78 8.59 0.34 -7.68
C PRO D 78 8.82 -0.94 -6.84
N ASN D 79 9.93 -1.03 -6.11
CA ASN D 79 10.06 -2.00 -5.01
C ASN D 79 10.50 -1.28 -3.75
N ARG D 80 10.07 -1.71 -2.57
CA ARG D 80 10.35 -0.94 -1.32
C ARG D 80 11.84 -0.80 -0.99
N LEU D 81 12.65 -1.76 -1.43
CA LEU D 81 14.07 -1.65 -1.31
C LEU D 81 14.55 -0.52 -2.14
N THR D 82 13.94 -0.16 -3.26
CA THR D 82 14.38 1.02 -4.02
C THR D 82 14.26 2.35 -3.27
N CYS D 83 13.12 2.60 -2.65
CA CYS D 83 12.96 3.77 -1.80
C CYS D 83 13.89 3.71 -0.57
N THR D 84 13.87 2.57 0.12
CA THR D 84 14.67 2.41 1.28
C THR D 84 16.20 2.55 0.99
N LEU D 85 16.65 1.93 -0.09
CA LEU D 85 18.02 1.98 -0.57
C LEU D 85 18.43 3.36 -0.98
N LYS D 86 17.57 4.07 -1.70
CA LYS D 86 17.89 5.41 -2.19
C LYS D 86 17.98 6.38 -0.99
N LEU D 87 17.09 6.22 -0.02
CA LEU D 87 17.12 7.11 1.11
C LEU D 87 18.18 6.68 2.15
N LEU D 88 18.68 5.46 2.07
CA LEU D 88 19.91 5.07 2.76
C LEU D 88 21.16 5.61 2.11
N GLU D 89 21.15 5.78 0.79
CA GLU D 89 22.21 6.47 0.09
C GLU D 89 22.30 7.92 0.53
N TYR D 90 21.14 8.54 0.66
CA TYR D 90 21.04 9.84 1.37
C TYR D 90 21.46 9.78 2.81
N PHE D 91 21.17 8.65 3.50
CA PHE D 91 21.50 8.54 4.90
C PHE D 91 23.00 8.44 5.14
N VAL D 92 23.69 7.69 4.31
CA VAL D 92 25.14 7.61 4.37
C VAL D 92 25.76 9.01 4.11
N GLU D 93 25.25 9.69 3.09
CA GLU D 93 25.82 10.91 2.72
C GLU D 93 25.59 11.96 3.82
N GLU D 94 24.40 12.04 4.39
CA GLU D 94 24.17 12.98 5.46
C GLU D 94 24.77 12.56 6.77
N TYR D 95 24.94 11.27 6.99
CA TYR D 95 25.58 10.78 8.21
C TYR D 95 27.12 11.00 8.26
N PHE D 96 27.73 11.13 7.11
CA PHE D 96 29.06 11.67 7.09
C PHE D 96 29.08 13.17 6.91
N ASP D 97 27.98 13.76 6.46
CA ASP D 97 27.88 15.20 6.46
C ASP D 97 27.81 15.74 7.87
N GLN D 98 27.28 14.94 8.79
CA GLN D 98 27.12 15.35 10.14
C GLN D 98 28.01 14.69 11.11
N ASN D 99 28.26 13.39 10.89
CA ASN D 99 29.01 12.60 11.82
C ASN D 99 30.22 12.00 11.11
N PRO D 100 31.35 12.72 11.07
CA PRO D 100 32.57 12.08 10.66
C PRO D 100 33.22 11.21 11.77
N ILE D 101 32.86 11.44 13.03
CA ILE D 101 33.42 10.86 14.20
C ILE D 101 32.82 9.48 14.57
N SER D 102 32.08 8.91 13.65
CA SER D 102 31.25 7.78 13.83
C SER D 102 31.53 6.84 12.64
N GLN D 103 30.89 5.68 12.68
CA GLN D 103 31.11 4.70 11.66
C GLN D 103 29.91 3.76 11.48
N ILE D 104 29.69 3.34 10.24
CA ILE D 104 28.42 2.75 9.79
C ILE D 104 28.71 1.39 9.22
N GLY D 105 27.64 0.67 8.85
CA GLY D 105 27.80 -0.58 8.08
C GLY D 105 26.47 -1.22 7.81
N ILE D 106 26.41 -1.72 6.62
CA ILE D 106 25.25 -2.32 6.08
C ILE D 106 25.16 -3.80 6.47
N ILE D 107 24.07 -4.21 7.11
CA ILE D 107 23.73 -5.62 7.29
C ILE D 107 22.38 -5.96 6.66
N VAL D 108 22.39 -6.83 5.66
CA VAL D 108 21.20 -7.14 4.85
C VAL D 108 20.62 -8.46 5.30
N THR D 109 19.37 -8.39 5.79
CA THR D 109 18.69 -9.58 6.31
C THR D 109 18.05 -10.30 5.15
N LYS D 110 18.41 -11.58 4.96
CA LYS D 110 18.05 -12.27 3.75
C LYS D 110 17.98 -13.79 3.95
N SER D 111 16.81 -14.36 3.56
CA SER D 111 16.55 -15.81 3.55
C SER D 111 16.76 -16.48 4.93
N LYS D 112 16.03 -15.95 5.91
CA LYS D 112 16.17 -16.26 7.36
C LYS D 112 17.60 -16.11 7.84
N ARG D 113 18.36 -15.20 7.24
CA ARG D 113 19.75 -14.96 7.65
C ARG D 113 19.94 -13.47 7.88
N ALA D 114 21.14 -13.12 8.36
CA ALA D 114 21.66 -11.79 8.15
C ALA D 114 23.06 -11.89 7.60
N GLU D 115 23.41 -10.92 6.75
CA GLU D 115 24.67 -10.94 6.03
C GLU D 115 25.34 -9.60 6.28
N LYS D 116 26.55 -9.65 6.82
CA LYS D 116 27.33 -8.44 6.89
C LYS D 116 27.75 -8.09 5.47
N LEU D 117 27.58 -6.82 5.09
CA LEU D 117 27.86 -6.42 3.71
C LEU D 117 28.95 -5.38 3.57
N THR D 118 29.15 -4.56 4.61
CA THR D 118 30.22 -3.59 4.63
C THR D 118 30.67 -3.39 6.06
N GLU D 119 31.97 -3.32 6.26
CA GLU D 119 32.52 -3.25 7.60
C GLU D 119 32.24 -1.93 8.25
N LEU D 120 32.46 -1.92 9.55
CA LEU D 120 32.32 -0.71 10.38
C LEU D 120 33.46 0.25 10.13
N SER D 121 33.22 1.28 9.34
CA SER D 121 34.30 2.11 8.83
C SER D 121 33.85 3.55 8.61
N GLY D 122 34.78 4.38 8.15
CA GLY D 122 34.57 5.80 7.83
C GLY D 122 34.91 6.17 6.38
N ASN D 123 34.68 5.25 5.43
CA ASN D 123 34.99 5.45 4.02
C ASN D 123 33.72 5.29 3.15
N PRO D 124 33.16 6.41 2.73
CA PRO D 124 31.79 6.38 2.26
C PRO D 124 31.56 5.69 0.91
N ARG D 125 32.58 5.72 0.05
CA ARG D 125 32.44 5.23 -1.31
C ARG D 125 32.21 3.74 -1.37
N LYS D 126 32.81 3.01 -0.43
CA LYS D 126 32.60 1.57 -0.30
C LYS D 126 31.13 1.32 0.04
N HIS D 127 30.58 2.13 0.95
CA HIS D 127 29.20 1.98 1.37
C HIS D 127 28.27 2.23 0.20
N ILE D 128 28.55 3.30 -0.53
CA ILE D 128 27.66 3.66 -1.61
C ILE D 128 27.78 2.69 -2.78
N THR D 129 28.97 2.14 -3.00
CA THR D 129 29.15 1.10 -4.01
C THR D 129 28.44 -0.21 -3.61
N SER D 130 28.41 -0.51 -2.32
CA SER D 130 27.65 -1.62 -1.82
C SER D 130 26.15 -1.41 -2.05
N LEU D 131 25.68 -0.18 -1.86
CA LEU D 131 24.29 0.17 -2.16
C LEU D 131 23.98 -0.02 -3.64
N LYS D 132 24.91 0.43 -4.49
CA LYS D 132 24.79 0.31 -5.93
C LYS D 132 24.70 -1.15 -6.36
N LYS D 133 25.45 -2.03 -5.69
CA LYS D 133 25.41 -3.44 -6.01
C LYS D 133 24.17 -4.13 -5.41
N ALA D 134 23.72 -3.68 -4.23
CA ALA D 134 22.49 -4.20 -3.59
C ALA D 134 21.21 -3.63 -4.19
N VAL D 135 21.34 -2.77 -5.20
CA VAL D 135 20.21 -2.34 -6.00
C VAL D 135 19.41 -3.52 -6.55
N ASP D 136 20.08 -4.41 -7.26
CA ASP D 136 19.44 -5.43 -8.05
C ASP D 136 19.16 -6.75 -7.31
N MET D 137 19.09 -6.68 -5.98
CA MET D 137 18.85 -7.83 -5.13
C MET D 137 17.46 -8.45 -5.32
N THR D 138 17.42 -9.76 -5.51
CA THR D 138 16.19 -10.50 -5.74
C THR D 138 15.32 -10.59 -4.47
N CYS D 139 15.98 -10.50 -3.30
CA CYS D 139 15.33 -10.51 -1.97
C CYS D 139 14.62 -11.82 -1.74
N HIS D 140 15.42 -12.90 -1.72
CA HIS D 140 14.90 -14.24 -1.49
C HIS D 140 14.69 -14.46 -0.01
N GLY D 141 13.51 -14.96 0.36
CA GLY D 141 13.28 -15.52 1.70
C GLY D 141 12.77 -14.49 2.67
N GLU D 142 11.91 -14.92 3.59
CA GLU D 142 11.44 -14.12 4.76
C GLU D 142 12.64 -13.81 5.67
N PRO D 143 12.62 -12.66 6.34
CA PRO D 143 13.79 -12.20 7.08
C PRO D 143 14.00 -12.89 8.45
N SER D 144 14.88 -12.26 9.26
CA SER D 144 15.23 -12.75 10.57
C SER D 144 15.95 -11.63 11.28
N LEU D 145 15.37 -11.10 12.32
CA LEU D 145 15.97 -10.14 13.25
C LEU D 145 17.07 -10.71 14.14
N TYR D 146 16.99 -12.02 14.40
CA TYR D 146 17.89 -12.71 15.34
C TYR D 146 19.31 -12.69 14.83
N ASN D 147 19.47 -12.99 13.55
CA ASN D 147 20.79 -13.03 12.95
C ASN D 147 21.39 -11.65 12.86
N SER D 148 20.56 -10.64 12.64
CA SER D 148 21.08 -9.28 12.56
C SER D 148 21.58 -8.83 13.93
N LEU D 149 20.81 -9.09 14.98
CA LEU D 149 21.27 -8.74 16.30
C LEU D 149 22.47 -9.62 16.79
N SER D 150 22.59 -10.83 16.27
CA SER D 150 23.75 -11.63 16.57
C SER D 150 24.99 -11.06 15.92
N ILE D 151 24.88 -10.63 14.67
CA ILE D 151 26.00 -10.03 13.96
C ILE D 151 26.43 -8.73 14.64
N ALA D 152 25.45 -7.94 15.01
CA ALA D 152 25.75 -6.70 15.71
C ALA D 152 26.39 -6.97 17.05
N MET D 153 25.94 -8.00 17.77
CA MET D 153 26.53 -8.33 19.05
C MET D 153 27.98 -8.72 18.86
N GLN D 154 28.25 -9.61 17.89
CA GLN D 154 29.59 -10.12 17.66
C GLN D 154 30.56 -9.01 17.35
N THR D 155 30.23 -8.25 16.33
CA THR D 155 31.17 -7.23 15.88
C THR D 155 31.24 -6.03 16.84
N LEU D 156 30.20 -5.84 17.66
CA LEU D 156 30.15 -4.67 18.49
C LEU D 156 30.40 -4.97 19.96
N LYS D 157 30.60 -6.24 20.33
CA LYS D 157 31.06 -6.55 21.69
C LYS D 157 32.46 -5.97 21.93
N HIS D 158 33.27 -5.93 20.87
CA HIS D 158 34.68 -5.62 20.97
C HIS D 158 35.00 -4.14 20.99
N MET D 159 34.03 -3.30 20.61
CA MET D 159 34.23 -1.83 20.63
C MET D 159 34.15 -1.28 22.05
N PRO D 160 34.83 -0.17 22.34
CA PRO D 160 34.74 0.47 23.66
C PRO D 160 33.47 1.18 23.99
N GLY D 161 32.96 0.92 25.19
CA GLY D 161 31.56 1.24 25.54
C GLY D 161 31.43 2.53 26.31
N HIS D 162 32.42 3.44 26.15
CA HIS D 162 32.27 4.84 26.59
C HIS D 162 31.47 5.66 25.57
N THR D 163 31.12 5.04 24.43
CA THR D 163 30.42 5.62 23.32
C THR D 163 29.09 4.91 23.09
N SER D 164 28.16 5.63 22.48
CA SER D 164 26.82 5.10 22.17
C SER D 164 26.97 4.18 20.97
N ARG D 165 26.29 3.05 21.04
CA ARG D 165 26.19 2.04 19.98
C ARG D 165 24.71 1.83 19.65
N GLU D 166 24.19 2.61 18.71
CA GLU D 166 22.88 2.27 18.19
C GLU D 166 23.03 1.35 17.01
N VAL D 167 21.91 0.70 16.70
CA VAL D 167 21.79 -0.10 15.55
C VAL D 167 20.46 0.20 14.91
N LEU D 168 20.49 0.70 13.65
CA LEU D 168 19.27 1.01 12.87
C LEU D 168 18.72 -0.16 12.22
N ILE D 169 17.52 -0.57 12.63
CA ILE D 169 16.85 -1.62 11.99
C ILE D 169 15.82 -1.05 11.06
N ILE D 170 16.05 -1.21 9.76
CA ILE D 170 15.05 -0.95 8.71
C ILE D 170 14.44 -2.30 8.36
N PHE D 171 13.39 -2.61 9.06
CA PHE D 171 12.77 -3.90 8.93
C PHE D 171 11.49 -3.71 8.16
N SER D 172 11.19 -4.66 7.28
CA SER D 172 10.02 -4.54 6.41
C SER D 172 8.73 -4.95 7.10
N SER D 173 8.76 -5.14 8.44
CA SER D 173 7.59 -5.50 9.27
C SER D 173 6.86 -6.77 8.78
N LEU D 174 7.67 -7.69 8.30
CA LEU D 174 7.19 -8.99 7.92
C LEU D 174 7.32 -9.90 9.17
N THR D 175 6.87 -11.12 9.06
CA THR D 175 6.89 -12.03 10.19
C THR D 175 8.36 -12.37 10.62
N THR D 176 8.66 -12.08 11.88
CA THR D 176 9.99 -12.18 12.45
C THR D 176 10.47 -13.63 12.58
N CYS D 177 10.90 -14.20 11.47
CA CYS D 177 11.19 -15.67 11.46
C CYS D 177 12.55 -15.93 11.98
N ASP D 178 12.63 -16.47 13.19
CA ASP D 178 13.91 -16.74 13.80
C ASP D 178 13.97 -18.21 14.27
N PRO D 179 15.12 -18.86 14.10
CA PRO D 179 15.38 -20.10 14.74
C PRO D 179 15.58 -20.09 16.31
N SER D 180 15.70 -18.95 16.97
CA SER D 180 15.91 -18.93 18.41
C SER D 180 15.25 -17.71 19.04
N ASN D 181 14.91 -17.83 20.32
CA ASN D 181 14.02 -16.87 21.00
C ASN D 181 14.73 -15.56 21.25
N ILE D 182 14.34 -14.55 20.45
CA ILE D 182 15.02 -13.25 20.44
C ILE D 182 14.80 -12.48 21.73
N TYR D 183 13.80 -12.93 22.52
CA TYR D 183 13.55 -12.36 23.81
C TYR D 183 14.81 -12.40 24.73
N ASP D 184 15.61 -13.45 24.57
CA ASP D 184 16.85 -13.57 25.27
C ASP D 184 17.93 -12.56 24.81
N LEU D 185 17.98 -12.24 23.54
CA LEU D 185 18.85 -11.13 23.06
C LEU D 185 18.40 -9.81 23.57
N ILE D 186 17.08 -9.65 23.71
CA ILE D 186 16.52 -8.42 24.32
C ILE D 186 16.87 -8.31 25.81
N LYS D 187 16.98 -9.46 26.47
CA LYS D 187 17.54 -9.50 27.81
C LYS D 187 19.02 -9.04 27.82
N THR D 188 19.85 -9.63 26.98
CA THR D 188 21.30 -9.45 27.07
C THR D 188 21.78 -8.05 26.66
N LEU D 189 21.18 -7.53 25.59
CA LEU D 189 21.67 -6.32 25.02
C LEU D 189 21.24 -5.13 25.87
N LYS D 190 20.28 -5.33 26.78
CA LYS D 190 19.96 -4.32 27.81
C LYS D 190 21.18 -4.01 28.69
N ALA D 191 21.76 -5.06 29.26
CA ALA D 191 22.95 -4.93 30.11
C ALA D 191 24.16 -4.51 29.29
N ALA D 192 24.21 -4.97 28.03
CA ALA D 192 25.33 -4.60 27.14
C ALA D 192 25.34 -3.08 26.81
N LYS D 193 24.17 -2.46 26.95
CA LYS D 193 23.95 -1.04 26.65
C LYS D 193 24.05 -0.67 25.15
N ILE D 194 24.24 -1.64 24.24
CA ILE D 194 24.03 -1.41 22.81
C ILE D 194 22.57 -1.02 22.60
N ARG D 195 22.34 0.18 22.10
CA ARG D 195 20.99 0.68 21.87
C ARG D 195 20.47 0.19 20.49
N VAL D 196 19.16 0.16 20.28
CA VAL D 196 18.55 -0.31 19.06
C VAL D 196 17.28 0.52 18.80
N SER D 197 17.23 1.16 17.64
CA SER D 197 16.07 1.93 17.14
C SER D 197 15.58 1.35 15.82
N VAL D 198 14.30 1.16 15.67
CA VAL D 198 13.77 0.42 14.60
C VAL D 198 12.73 1.22 13.85
N ILE D 199 12.86 1.20 12.53
CA ILE D 199 11.89 1.75 11.55
C ILE D 199 11.29 0.62 10.79
N GLY D 200 10.05 0.33 11.14
CA GLY D 200 9.28 -0.55 10.35
C GLY D 200 8.71 0.17 9.11
N LEU D 201 7.87 -0.57 8.41
CA LEU D 201 7.39 -0.13 7.11
C LEU D 201 6.05 -0.80 6.87
N SER D 202 5.02 0.00 6.97
CA SER D 202 3.61 -0.37 6.73
C SER D 202 2.87 -1.21 7.75
N ALA D 203 3.46 -1.44 8.91
CA ALA D 203 2.79 -2.20 9.99
C ALA D 203 3.53 -2.03 11.29
N GLU D 204 2.81 -2.29 12.36
CA GLU D 204 3.40 -2.35 13.65
C GLU D 204 3.44 -3.80 14.13
N VAL D 205 4.66 -4.32 14.25
CA VAL D 205 4.97 -5.61 14.80
C VAL D 205 5.17 -5.43 16.35
N ARG D 206 4.62 -6.31 17.16
CA ARG D 206 4.68 -6.13 18.62
C ARG D 206 6.15 -6.24 19.13
N VAL D 207 6.83 -7.18 18.50
CA VAL D 207 8.17 -7.57 19.00
C VAL D 207 9.17 -6.46 18.80
N CYS D 208 9.06 -5.71 17.71
CA CYS D 208 9.84 -4.53 17.49
C CYS D 208 9.50 -3.49 18.47
N THR D 209 8.28 -3.43 18.97
CA THR D 209 7.94 -2.46 20.01
C THR D 209 8.58 -2.82 21.33
N VAL D 210 8.55 -4.10 21.67
CA VAL D 210 9.21 -4.54 22.91
C VAL D 210 10.73 -4.34 22.80
N LEU D 211 11.27 -4.62 21.62
CA LEU D 211 12.67 -4.35 21.29
C LEU D 211 13.01 -2.84 21.53
N ALA D 212 12.30 -1.98 20.87
CA ALA D 212 12.58 -0.61 21.02
C ALA D 212 12.16 0.01 22.40
N ARG D 213 11.44 -0.69 23.23
CA ARG D 213 11.12 -0.14 24.51
C ARG D 213 12.06 -0.65 25.62
N GLU D 214 12.56 -1.88 25.54
CA GLU D 214 13.54 -2.32 26.58
C GLU D 214 14.90 -1.89 26.23
N THR D 215 15.23 -1.85 24.95
CA THR D 215 16.57 -1.38 24.57
C THR D 215 16.75 0.12 24.78
N GLY D 216 15.71 0.88 24.47
CA GLY D 216 15.60 2.31 24.78
C GLY D 216 15.63 3.18 23.57
N GLY D 217 15.53 2.60 22.36
CA GLY D 217 15.61 3.34 21.09
C GLY D 217 14.28 3.93 20.67
N THR D 218 14.00 3.94 19.38
CA THR D 218 12.80 4.56 18.80
C THR D 218 12.25 3.77 17.64
N TYR D 219 10.94 3.60 17.59
CA TYR D 219 10.29 2.81 16.58
C TYR D 219 9.38 3.67 15.73
N HIS D 220 9.25 3.40 14.41
CA HIS D 220 8.32 4.25 13.53
C HIS D 220 8.01 3.58 12.28
N VAL D 221 6.90 4.00 11.71
CA VAL D 221 6.30 3.25 10.56
C VAL D 221 5.93 4.34 9.64
N ILE D 222 5.91 4.07 8.34
CA ILE D 222 5.93 5.11 7.39
C ILE D 222 5.01 4.91 6.17
N LEU D 223 4.21 5.98 5.89
CA LEU D 223 3.30 6.12 4.73
C LEU D 223 3.90 6.93 3.56
N ASP D 224 4.25 8.18 3.80
CA ASP D 224 4.82 9.04 2.78
C ASP D 224 6.33 8.87 2.71
N GLU D 225 6.84 8.91 1.50
CA GLU D 225 8.28 8.75 1.36
C GLU D 225 8.92 10.07 1.88
N SER D 226 8.18 11.17 1.77
CA SER D 226 8.58 12.37 2.45
C SER D 226 8.73 12.15 3.99
N HIS D 227 7.80 11.39 4.54
CA HIS D 227 7.85 11.03 5.95
C HIS D 227 9.01 10.07 6.33
N TYR D 228 9.35 9.25 5.37
CA TYR D 228 10.56 8.40 5.48
C TYR D 228 11.85 9.26 5.59
N LYS D 229 11.86 10.31 4.78
CA LYS D 229 12.92 11.27 4.88
C LYS D 229 12.87 11.99 6.21
N GLU D 230 11.67 12.31 6.70
CA GLU D 230 11.52 12.95 7.98
C GLU D 230 12.19 12.10 9.11
N LEU D 231 11.94 10.79 9.09
CA LEU D 231 12.47 9.94 10.15
C LEU D 231 13.95 9.61 10.04
N LEU D 232 14.43 9.44 8.80
CA LEU D 232 15.89 9.29 8.64
C LEU D 232 16.64 10.53 9.06
N THR D 233 16.01 11.68 8.77
CA THR D 233 16.52 12.97 9.22
C THR D 233 16.53 13.09 10.77
N HIS D 234 15.50 12.55 11.40
CA HIS D 234 15.52 12.48 12.85
C HIS D 234 16.71 11.62 13.38
N HIS D 235 16.91 10.45 12.76
CA HIS D 235 17.96 9.60 13.24
C HIS D 235 19.37 10.11 12.89
N VAL D 236 19.46 11.11 12.02
CA VAL D 236 20.76 11.71 11.77
C VAL D 236 21.36 12.31 13.01
N SER D 237 20.58 13.13 13.70
CA SER D 237 21.12 13.82 14.86
C SER D 237 21.44 12.81 16.01
N PRO D 238 22.57 13.01 16.73
CA PRO D 238 23.06 11.95 17.65
C PRO D 238 22.30 11.85 18.92
N PRO D 239 21.64 10.71 19.18
CA PRO D 239 20.81 10.57 20.37
C PRO D 239 21.66 10.34 21.63
N PRO D 240 21.21 10.88 22.79
CA PRO D 240 22.00 10.71 24.03
C PRO D 240 21.94 9.31 24.61
N ASP E 6 26.49 31.76 -20.32
CA ASP E 6 25.42 32.37 -19.47
C ASP E 6 25.51 31.89 -18.02
N GLU E 7 26.72 31.86 -17.50
CA GLU E 7 26.96 31.65 -16.08
C GLU E 7 26.56 32.88 -15.26
N LEU E 8 25.43 32.79 -14.57
CA LEU E 8 24.98 33.89 -13.73
C LEU E 8 25.89 33.93 -12.52
N ASN E 9 26.92 34.75 -12.62
CA ASN E 9 28.06 34.71 -11.71
C ASN E 9 28.06 35.87 -10.73
N LEU E 10 28.22 35.54 -9.45
CA LEU E 10 28.28 36.56 -8.42
C LEU E 10 29.67 36.67 -7.93
N LEU E 11 29.99 37.87 -7.41
CA LEU E 11 31.23 38.02 -6.66
C LEU E 11 30.99 38.86 -5.43
N VAL E 12 31.49 38.37 -4.30
CA VAL E 12 31.32 39.05 -3.07
C VAL E 12 32.67 39.30 -2.40
N ILE E 13 32.82 40.49 -1.79
CA ILE E 13 34.11 40.99 -1.29
C ILE E 13 34.00 41.46 0.12
N VAL E 14 35.08 41.28 0.88
CA VAL E 14 35.16 41.70 2.24
C VAL E 14 36.29 42.60 2.47
N VAL E 15 36.02 43.77 3.07
CA VAL E 15 37.08 44.72 3.42
C VAL E 15 37.09 44.99 4.90
N ASP E 16 38.29 44.90 5.50
CA ASP E 16 38.55 45.31 6.83
C ASP E 16 38.27 46.80 7.02
N ALA E 17 38.03 47.21 8.27
CA ALA E 17 37.81 48.63 8.62
C ALA E 17 38.47 48.96 9.97
N ASN E 18 39.73 48.56 10.10
CA ASN E 18 40.44 48.67 11.36
C ASN E 18 41.16 50.01 11.40
N PRO E 19 40.74 50.93 12.31
CA PRO E 19 41.44 52.22 12.41
C PRO E 19 42.83 52.10 13.01
N ILE E 20 43.07 51.08 13.83
CA ILE E 20 44.40 50.75 14.33
C ILE E 20 45.31 50.38 13.15
N TRP E 21 44.77 49.63 12.18
CA TRP E 21 45.54 49.17 11.06
C TRP E 21 45.87 50.32 10.09
N TRP E 22 44.97 51.27 9.97
CA TRP E 22 45.28 52.45 9.16
C TRP E 22 46.13 53.46 9.91
N GLY E 23 46.14 53.43 11.23
CA GLY E 23 47.13 54.17 12.03
C GLY E 23 48.51 53.57 11.89
N LYS E 24 48.56 52.25 11.68
CA LYS E 24 49.80 51.58 11.28
C LYS E 24 50.18 52.04 9.87
N GLN E 25 49.19 52.08 8.97
CA GLN E 25 49.43 52.48 7.58
C GLN E 25 49.34 54.00 7.38
N ALA E 26 49.53 54.81 8.42
CA ALA E 26 49.56 56.27 8.32
C ALA E 26 50.96 56.86 8.60
N LEU E 27 51.90 56.01 9.04
CA LEU E 27 53.25 56.44 9.35
C LEU E 27 54.25 55.81 8.36
N LYS E 28 53.72 55.09 7.36
CA LYS E 28 54.54 54.34 6.43
C LYS E 28 55.24 55.23 5.40
N GLU E 29 56.09 54.63 4.59
CA GLU E 29 56.81 55.36 3.55
C GLU E 29 56.12 55.36 2.18
N SER E 30 55.66 54.20 1.70
CA SER E 30 54.90 54.13 0.43
C SER E 30 53.54 54.81 0.60
N GLN E 31 52.86 54.52 1.71
CA GLN E 31 51.68 55.23 2.20
C GLN E 31 50.55 55.20 1.17
N PHE E 32 50.05 54.00 0.93
CA PHE E 32 48.77 53.81 0.28
C PHE E 32 47.72 54.17 1.34
N THR E 33 46.66 54.84 0.91
CA THR E 33 45.67 55.32 1.85
C THR E 33 44.56 54.31 2.02
N LEU E 34 43.63 54.69 2.89
CA LEU E 34 42.36 53.97 3.03
C LEU E 34 41.59 53.97 1.71
N SER E 35 41.44 55.19 1.17
CA SER E 35 40.75 55.38 -0.09
C SER E 35 41.48 54.69 -1.24
N LYS E 36 42.79 54.47 -1.13
CA LYS E 36 43.52 53.69 -2.12
C LYS E 36 43.03 52.23 -2.19
N CYS E 37 42.88 51.60 -1.04
CA CYS E 37 42.37 50.24 -0.99
C CYS E 37 40.89 50.19 -1.35
N ILE E 38 40.14 51.22 -0.99
CA ILE E 38 38.73 51.23 -1.38
C ILE E 38 38.62 51.40 -2.88
N ASP E 39 39.44 52.26 -3.48
CA ASP E 39 39.52 52.36 -4.93
C ASP E 39 39.95 51.05 -5.54
N ALA E 40 40.83 50.29 -4.89
CA ALA E 40 41.21 48.99 -5.38
C ALA E 40 40.04 48.05 -5.49
N VAL E 41 39.27 47.99 -4.42
CA VAL E 41 38.11 47.14 -4.43
C VAL E 41 37.04 47.63 -5.39
N MET E 42 36.90 48.94 -5.52
CA MET E 42 36.04 49.58 -6.52
C MET E 42 36.41 49.04 -7.86
N VAL E 43 37.70 49.04 -8.17
CA VAL E 43 38.18 48.63 -9.47
C VAL E 43 37.97 47.15 -9.65
N LEU E 44 38.07 46.38 -8.58
CA LEU E 44 37.76 44.94 -8.61
C LEU E 44 36.33 44.69 -9.05
N GLY E 45 35.41 45.34 -8.35
CA GLY E 45 34.00 45.20 -8.67
C GLY E 45 33.66 45.75 -10.04
N ASN E 46 34.22 46.88 -10.37
CA ASN E 46 33.99 47.53 -11.65
C ASN E 46 34.57 46.65 -12.76
N SER E 47 35.65 45.95 -12.48
CA SER E 47 36.23 45.08 -13.49
C SER E 47 35.34 43.88 -13.69
N HIS E 48 34.81 43.33 -12.61
CA HIS E 48 34.01 42.13 -12.78
C HIS E 48 32.69 42.44 -13.39
N LEU E 49 32.16 43.64 -13.20
CA LEU E 49 30.92 44.00 -13.88
C LEU E 49 31.21 44.53 -15.26
N PHE E 50 32.44 44.98 -15.50
CA PHE E 50 32.97 45.26 -16.82
C PHE E 50 33.05 43.97 -17.67
N MET E 51 33.16 42.81 -17.00
CA MET E 51 33.16 41.55 -17.70
C MET E 51 31.88 41.25 -18.47
N ASN E 52 30.73 41.29 -17.80
CA ASN E 52 29.43 41.16 -18.51
C ASN E 52 28.31 41.78 -17.67
N ARG E 53 27.17 42.05 -18.33
CA ARG E 53 25.94 42.54 -17.65
C ARG E 53 25.42 41.54 -16.60
N SER E 54 25.34 40.24 -16.99
CA SER E 54 24.75 39.17 -16.19
C SER E 54 25.56 38.80 -14.95
N ASN E 55 26.70 39.47 -14.71
CA ASN E 55 27.48 39.28 -13.49
C ASN E 55 27.02 40.24 -12.46
N LYS E 56 26.84 39.76 -11.25
CA LYS E 56 26.49 40.66 -10.19
C LYS E 56 27.55 40.57 -9.11
N LEU E 57 27.34 41.46 -8.11
CA LEU E 57 28.40 41.71 -7.19
C LEU E 57 27.96 42.41 -5.96
N ALA E 58 28.74 42.25 -4.87
CA ALA E 58 28.47 42.89 -3.59
C ALA E 58 29.68 42.96 -2.73
N VAL E 59 29.83 44.08 -2.04
CA VAL E 59 30.97 44.32 -1.21
C VAL E 59 30.52 44.72 0.18
N ILE E 60 31.23 44.29 1.21
CA ILE E 60 31.06 44.83 2.58
C ILE E 60 32.33 45.50 3.07
N ALA E 61 32.15 46.37 4.05
CA ALA E 61 33.22 46.84 4.89
C ALA E 61 32.81 46.56 6.32
N SER E 62 33.47 45.61 6.99
CA SER E 62 32.99 45.16 8.33
C SER E 62 33.34 46.14 9.39
N HIS E 63 32.31 46.81 9.91
CA HIS E 63 32.46 47.87 10.91
C HIS E 63 32.80 47.26 12.25
N ILE E 64 33.30 48.06 13.18
CA ILE E 64 33.61 47.49 14.53
C ILE E 64 32.30 47.09 15.20
N GLN E 65 31.28 47.90 14.95
CA GLN E 65 30.01 47.71 15.64
C GLN E 65 28.97 47.05 14.77
N GLU E 66 29.10 47.14 13.45
CA GLU E 66 28.13 46.56 12.54
C GLU E 66 28.84 45.83 11.38
N SER E 67 28.07 45.51 10.34
CA SER E 67 28.60 45.27 9.04
C SER E 67 27.59 45.79 8.00
N ARG E 68 27.88 46.87 7.29
CA ARG E 68 26.97 47.34 6.21
C ARG E 68 27.55 47.11 4.83
N PHE E 69 26.73 46.44 3.99
CA PHE E 69 27.04 46.01 2.63
C PHE E 69 26.81 47.12 1.59
N LEU E 70 27.58 47.07 0.52
CA LEU E 70 27.56 48.06 -0.55
C LEU E 70 27.57 47.37 -1.89
N TYR E 71 26.49 47.59 -2.64
CA TYR E 71 26.36 46.90 -3.94
C TYR E 71 25.64 47.85 -4.86
N PRO E 72 25.85 47.71 -6.20
CA PRO E 72 25.21 48.67 -7.10
C PRO E 72 23.71 48.46 -7.25
N GLY E 99 26.10 52.50 -20.48
CA GLY E 99 25.73 52.77 -19.08
C GLY E 99 26.52 51.98 -18.03
N LYS E 100 27.60 51.41 -18.57
CA LYS E 100 28.68 50.81 -17.84
C LYS E 100 29.25 51.81 -16.75
N TYR E 101 29.63 53.01 -17.24
CA TYR E 101 30.26 54.05 -16.43
C TYR E 101 29.34 54.51 -15.33
N GLU E 102 28.05 54.62 -15.64
CA GLU E 102 27.09 55.10 -14.67
C GLU E 102 26.78 54.05 -13.65
N LEU E 103 26.78 52.75 -14.05
CA LEU E 103 26.58 51.65 -13.11
C LEU E 103 27.72 51.67 -12.06
N LEU E 104 28.94 51.78 -12.61
CA LEU E 104 30.11 51.89 -11.75
C LEU E 104 30.14 53.19 -10.93
N THR E 105 29.53 54.26 -11.45
CA THR E 105 29.50 55.52 -10.74
C THR E 105 28.53 55.50 -9.59
N SER E 106 27.39 54.85 -9.79
CA SER E 106 26.45 54.63 -8.69
C SER E 106 27.15 53.80 -7.60
N ALA E 107 27.86 52.76 -8.04
CA ALA E 107 28.64 51.96 -7.13
C ALA E 107 29.64 52.81 -6.36
N ASN E 108 30.32 53.71 -7.08
CA ASN E 108 31.33 54.57 -6.51
C ASN E 108 30.76 55.48 -5.42
N GLU E 109 29.60 56.08 -5.72
CA GLU E 109 28.94 56.96 -4.80
C GLU E 109 28.45 56.23 -3.55
N VAL E 110 27.86 55.03 -3.76
CA VAL E 110 27.44 54.21 -2.65
C VAL E 110 28.64 53.83 -1.74
N ILE E 111 29.76 53.52 -2.41
CA ILE E 111 30.95 53.07 -1.73
C ILE E 111 31.56 54.17 -0.91
N VAL E 112 31.66 55.37 -1.49
CA VAL E 112 32.17 56.55 -0.80
C VAL E 112 31.26 56.91 0.38
N GLU E 113 29.94 56.76 0.19
CA GLU E 113 29.00 57.14 1.23
C GLU E 113 29.11 56.23 2.45
N GLU E 114 29.04 54.92 2.25
CA GLU E 114 29.14 54.05 3.41
C GLU E 114 30.56 53.88 3.95
N ILE E 115 31.55 54.18 3.14
CA ILE E 115 32.92 54.25 3.65
C ILE E 115 33.08 55.47 4.55
N LYS E 116 32.44 56.58 4.18
CA LYS E 116 32.40 57.74 5.06
C LYS E 116 31.59 57.45 6.32
N ASP E 117 30.52 56.67 6.21
CA ASP E 117 29.74 56.25 7.36
C ASP E 117 30.55 55.40 8.32
N LEU E 118 31.42 54.56 7.76
CA LEU E 118 32.30 53.72 8.58
C LEU E 118 33.41 54.57 9.22
N MET E 119 33.93 55.54 8.48
CA MET E 119 34.95 56.42 9.02
C MET E 119 34.40 57.44 10.03
N THR E 120 33.08 57.67 10.00
CA THR E 120 32.42 58.56 10.95
C THR E 120 31.89 57.81 12.20
N LYS E 121 31.47 56.56 12.02
CA LYS E 121 30.99 55.73 13.12
C LYS E 121 32.08 54.86 13.80
N SER E 122 33.36 55.16 13.62
CA SER E 122 34.43 54.39 14.32
C SER E 122 35.62 55.24 14.81
N THR E 129 37.59 42.70 16.96
CA THR E 129 38.43 42.51 15.81
C THR E 129 37.94 41.32 14.94
N GLU E 130 37.89 40.14 15.52
CA GLU E 130 37.32 38.97 14.84
C GLU E 130 35.78 39.00 14.64
N THR E 131 35.12 39.75 15.51
CA THR E 131 33.68 39.90 15.49
C THR E 131 33.21 40.57 14.20
N LEU E 132 33.95 41.63 13.82
CA LEU E 132 33.74 42.44 12.62
C LEU E 132 33.47 41.53 11.44
N LEU E 133 34.53 40.81 11.08
CA LEU E 133 34.58 39.97 9.88
C LEU E 133 33.86 38.64 9.98
N ALA E 134 33.69 38.15 11.22
CA ALA E 134 32.89 36.95 11.44
C ALA E 134 31.45 37.16 11.11
N GLY E 135 30.90 38.20 11.76
CA GLY E 135 29.49 38.61 11.53
C GLY E 135 29.28 39.11 10.12
N SER E 136 30.32 39.70 9.54
CA SER E 136 30.22 40.10 8.12
C SER E 136 30.12 38.86 7.24
N LEU E 137 30.92 37.80 7.44
CA LEU E 137 30.83 36.62 6.56
C LEU E 137 29.59 35.81 6.83
N ALA E 138 29.08 35.90 8.04
CA ALA E 138 27.72 35.39 8.28
C ALA E 138 26.62 36.16 7.45
N LYS E 139 26.66 37.50 7.49
CA LYS E 139 25.84 38.36 6.63
C LYS E 139 26.04 37.97 5.20
N ALA E 140 27.28 37.64 4.84
CA ALA E 140 27.61 37.34 3.44
C ALA E 140 26.93 36.12 2.99
N LEU E 141 27.03 35.07 3.76
CA LEU E 141 26.40 33.86 3.36
C LEU E 141 24.90 33.98 3.32
N CYS E 142 24.34 34.69 4.26
CA CYS E 142 22.92 34.82 4.22
C CYS E 142 22.49 35.70 3.09
N TYR E 143 23.27 36.68 2.68
CA TYR E 143 22.96 37.48 1.50
C TYR E 143 23.14 36.68 0.18
N ILE E 144 24.05 35.75 0.17
CA ILE E 144 24.14 34.80 -0.93
C ILE E 144 22.90 33.94 -0.98
N HIS E 145 22.42 33.49 0.18
CA HIS E 145 21.18 32.75 0.25
C HIS E 145 20.03 33.53 -0.28
N ARG E 146 19.93 34.80 0.12
CA ARG E 146 18.88 35.73 -0.33
C ARG E 146 19.00 35.99 -1.85
N MET E 147 20.16 36.33 -2.35
CA MET E 147 20.38 36.57 -3.76
C MET E 147 20.19 35.31 -4.61
N ASN E 148 20.37 34.16 -4.00
CA ASN E 148 20.14 32.92 -4.73
C ASN E 148 18.70 32.60 -4.78
N LYS E 149 18.00 32.74 -3.66
CA LYS E 149 16.56 32.45 -3.50
C LYS E 149 15.77 33.42 -4.33
N GLU E 150 16.20 34.67 -4.45
CA GLU E 150 15.41 35.71 -5.08
C GLU E 150 15.32 35.53 -6.62
N VAL E 151 16.42 35.72 -7.30
CA VAL E 151 16.38 36.18 -8.71
C VAL E 151 16.66 35.08 -9.71
N LYS E 152 16.61 33.85 -9.29
CA LYS E 152 17.03 32.74 -10.14
C LYS E 152 15.98 32.42 -11.19
N ASP E 153 16.40 32.19 -12.44
CA ASP E 153 15.44 31.86 -13.51
C ASP E 153 15.56 30.42 -14.04
N ASN E 154 16.75 30.07 -14.55
CA ASN E 154 17.14 28.69 -14.74
C ASN E 154 17.72 28.05 -13.45
N GLN E 155 17.56 28.70 -12.29
CA GLN E 155 18.32 28.43 -11.08
C GLN E 155 19.83 28.11 -11.30
N GLU E 156 20.45 28.82 -12.24
CA GLU E 156 21.88 28.66 -12.59
C GLU E 156 22.70 29.80 -12.04
N MET E 157 23.92 29.50 -11.61
CA MET E 157 24.55 30.29 -10.57
C MET E 157 25.97 29.81 -10.39
N LYS E 158 26.80 30.72 -9.89
CA LYS E 158 28.00 30.38 -9.09
C LYS E 158 28.22 31.60 -8.18
N SER E 159 28.27 31.32 -6.91
CA SER E 159 28.38 32.29 -5.89
C SER E 159 29.85 32.13 -5.41
N ARG E 160 30.73 32.84 -6.09
CA ARG E 160 32.10 32.92 -5.67
C ARG E 160 32.23 34.14 -4.74
N ILE E 161 33.02 34.00 -3.66
CA ILE E 161 33.30 35.08 -2.76
C ILE E 161 34.80 35.26 -2.57
N LEU E 162 35.22 36.51 -2.39
CA LEU E 162 36.59 36.88 -2.05
C LEU E 162 36.60 37.44 -0.64
N VAL E 163 37.77 37.37 0.00
CA VAL E 163 37.94 37.98 1.28
C VAL E 163 39.27 38.69 1.35
N ILE E 164 39.24 39.96 1.75
CA ILE E 164 40.45 40.71 2.09
C ILE E 164 40.45 41.01 3.55
N LYS E 165 41.46 40.51 4.24
CA LYS E 165 41.71 40.87 5.63
C LYS E 165 43.06 41.46 5.82
N ALA E 166 43.08 42.66 6.37
CA ALA E 166 44.28 43.43 6.47
C ALA E 166 45.15 42.96 7.65
N ALA E 167 44.50 42.79 8.81
CA ALA E 167 45.14 42.42 10.06
C ALA E 167 44.75 41.01 10.42
N GLU E 168 45.23 40.63 11.61
CA GLU E 168 45.03 39.31 12.12
C GLU E 168 43.58 39.04 12.47
N ASP E 169 43.27 37.74 12.44
CA ASP E 169 41.97 37.25 12.86
C ASP E 169 42.20 36.27 14.01
N SER E 170 41.61 36.57 15.17
CA SER E 170 41.87 35.86 16.43
C SER E 170 40.90 34.69 16.68
N ALA E 171 41.37 33.71 17.47
CA ALA E 171 40.66 32.43 17.74
C ALA E 171 39.75 32.51 18.96
N LEU E 172 39.25 33.70 19.27
CA LEU E 172 38.32 33.86 20.39
C LEU E 172 36.98 33.25 20.05
N GLN E 173 36.65 33.17 18.76
CA GLN E 173 35.48 32.46 18.29
C GLN E 173 35.90 31.40 17.31
N TYR E 174 36.31 30.26 17.83
CA TYR E 174 36.75 29.18 16.98
C TYR E 174 35.55 28.59 16.27
N MET E 175 34.50 28.31 17.07
CA MET E 175 33.28 27.64 16.61
C MET E 175 32.61 28.41 15.48
N ASN E 176 32.51 29.74 15.61
CA ASN E 176 31.78 30.55 14.64
C ASN E 176 32.46 30.56 13.32
N PHE E 177 33.75 30.81 13.33
CA PHE E 177 34.49 30.87 12.09
C PHE E 177 34.43 29.53 11.42
N MET E 178 34.68 28.46 12.20
CA MET E 178 34.66 27.11 11.63
C MET E 178 33.33 26.82 11.01
N ASN E 179 32.24 27.05 11.76
CA ASN E 179 30.87 26.81 11.32
C ASN E 179 30.62 27.55 10.04
N VAL E 180 31.11 28.80 9.90
CA VAL E 180 30.82 29.55 8.72
C VAL E 180 31.58 28.95 7.52
N ILE E 181 32.78 28.48 7.75
CA ILE E 181 33.52 27.85 6.65
C ILE E 181 32.83 26.60 6.20
N PHE E 182 32.28 25.85 7.16
CA PHE E 182 31.57 24.64 6.78
C PHE E 182 30.29 24.96 6.07
N ALA E 183 29.58 25.97 6.50
CA ALA E 183 28.38 26.37 5.79
C ALA E 183 28.76 26.84 4.40
N ALA E 184 29.91 27.46 4.23
CA ALA E 184 30.33 27.88 2.93
C ALA E 184 30.63 26.73 2.04
N GLN E 185 31.14 25.65 2.60
CA GLN E 185 31.40 24.48 1.76
C GLN E 185 30.18 23.78 1.45
N LYS E 186 29.21 23.81 2.33
CA LYS E 186 28.01 23.05 2.10
C LYS E 186 27.03 23.81 1.25
N GLN E 187 27.36 25.03 0.86
CA GLN E 187 26.58 25.79 -0.10
C GLN E 187 27.25 25.81 -1.49
N ASN E 188 28.38 25.11 -1.64
CA ASN E 188 29.21 25.05 -2.87
C ASN E 188 29.67 26.42 -3.32
N ILE E 189 30.44 27.04 -2.48
CA ILE E 189 30.90 28.41 -2.65
C ILE E 189 32.42 28.42 -2.53
N LEU E 190 33.13 28.94 -3.55
CA LEU E 190 34.57 29.13 -3.42
C LEU E 190 34.92 30.37 -2.58
N ILE E 191 35.81 30.21 -1.60
CA ILE E 191 36.26 31.33 -0.81
C ILE E 191 37.73 31.64 -1.12
N ASP E 192 38.01 32.71 -1.83
CA ASP E 192 39.42 33.13 -2.01
C ASP E 192 39.78 34.09 -0.87
N ALA E 193 41.08 34.28 -0.65
CA ALA E 193 41.49 35.16 0.43
C ALA E 193 42.83 35.81 0.22
N CYS E 194 42.96 36.98 0.85
CA CYS E 194 44.16 37.80 0.73
C CYS E 194 44.43 38.44 2.07
N VAL E 195 45.68 38.35 2.51
CA VAL E 195 46.13 38.96 3.73
C VAL E 195 47.17 40.03 3.39
N LEU E 196 47.08 41.14 4.07
CA LEU E 196 47.94 42.28 3.78
C LEU E 196 49.17 42.34 4.71
N ASP E 197 48.94 42.39 6.03
CA ASP E 197 50.02 42.69 6.97
C ASP E 197 50.75 41.44 7.44
N SER E 198 50.05 40.57 8.16
CA SER E 198 50.67 39.36 8.68
C SER E 198 49.62 38.27 8.84
N ASP E 199 50.11 37.04 8.77
CA ASP E 199 49.26 35.85 8.59
C ASP E 199 48.39 35.53 9.79
N SER E 200 47.18 35.03 9.52
CA SER E 200 46.33 34.47 10.58
C SER E 200 46.00 33.04 10.27
N GLY E 201 45.66 32.27 11.30
CA GLY E 201 45.46 30.84 11.17
C GLY E 201 44.16 30.54 10.43
N LEU E 202 43.08 31.19 10.89
CA LEU E 202 41.73 30.85 10.48
C LEU E 202 41.44 31.15 9.03
N LEU E 203 42.08 32.17 8.52
CA LEU E 203 41.95 32.46 7.09
C LEU E 203 42.64 31.42 6.23
N GLN E 204 43.83 31.01 6.67
CA GLN E 204 44.54 29.95 5.99
C GLN E 204 43.69 28.66 5.99
N GLN E 205 43.07 28.37 7.13
CA GLN E 205 42.22 27.18 7.26
C GLN E 205 40.95 27.27 6.46
N ALA E 206 40.46 28.49 6.30
CA ALA E 206 39.31 28.77 5.40
C ALA E 206 39.65 28.41 4.00
N CYS E 207 40.80 28.93 3.56
CA CYS E 207 41.29 28.64 2.22
C CYS E 207 41.43 27.15 2.03
N ASP E 208 41.98 26.45 3.03
CA ASP E 208 42.30 25.07 2.87
C ASP E 208 41.04 24.24 2.71
N ILE E 209 40.07 24.52 3.58
CA ILE E 209 38.87 23.69 3.64
C ILE E 209 37.99 23.93 2.46
N THR E 210 37.79 25.19 2.12
CA THR E 210 36.87 25.52 1.05
C THR E 210 37.34 25.13 -0.36
N GLY E 211 38.55 25.53 -0.71
CA GLY E 211 39.08 25.29 -2.05
C GLY E 211 39.50 26.52 -2.84
N GLY E 212 39.55 27.69 -2.19
CA GLY E 212 40.08 28.87 -2.83
C GLY E 212 41.44 29.23 -2.28
N LEU E 213 42.13 30.07 -3.06
CA LEU E 213 43.59 30.24 -2.91
C LEU E 213 43.94 31.09 -1.74
N TYR E 214 45.17 31.03 -1.25
CA TYR E 214 45.61 31.96 -0.18
C TYR E 214 46.65 32.94 -0.71
N LEU E 215 46.54 34.21 -0.34
CA LEU E 215 47.44 35.17 -0.90
C LEU E 215 47.96 36.14 0.12
N LYS E 216 49.21 36.60 -0.05
CA LYS E 216 49.84 37.65 0.76
C LYS E 216 51.01 38.25 0.00
N VAL E 217 50.95 39.50 -0.39
CA VAL E 217 52.04 40.12 -1.16
C VAL E 217 52.55 41.27 -0.32
N PRO E 218 53.90 41.43 -0.23
CA PRO E 218 54.49 42.56 0.51
C PRO E 218 54.06 43.95 0.02
N GLN E 219 54.32 44.21 -1.25
CA GLN E 219 54.12 45.54 -1.79
C GLN E 219 52.67 45.71 -2.18
N MET E 220 52.10 46.81 -1.70
CA MET E 220 50.67 46.94 -1.60
C MET E 220 49.83 47.34 -2.84
N PRO E 221 50.33 48.29 -3.65
CA PRO E 221 49.67 48.44 -4.95
C PRO E 221 49.98 47.29 -5.93
N SER E 222 51.13 46.68 -5.77
CA SER E 222 51.41 45.41 -6.45
C SER E 222 50.37 44.35 -6.04
N LEU E 223 50.00 44.36 -4.77
CA LEU E 223 48.96 43.44 -4.32
C LEU E 223 47.54 43.83 -4.84
N LEU E 224 47.31 45.14 -4.99
CA LEU E 224 46.12 45.61 -5.61
C LEU E 224 45.97 45.04 -7.10
N GLN E 225 46.97 45.24 -7.93
CA GLN E 225 46.94 44.71 -9.28
C GLN E 225 46.99 43.19 -9.34
N TYR E 226 47.53 42.55 -8.31
CA TYR E 226 47.43 41.10 -8.30
C TYR E 226 46.05 40.59 -7.85
N LEU E 227 45.36 41.38 -7.04
CA LEU E 227 43.92 41.16 -6.79
C LEU E 227 43.18 41.28 -8.07
N LEU E 228 43.59 42.21 -8.92
CA LEU E 228 42.99 42.33 -10.27
C LEU E 228 43.25 41.04 -11.10
N TRP E 229 44.46 40.53 -10.99
CA TRP E 229 44.75 39.24 -11.60
C TRP E 229 43.90 38.08 -10.99
N VAL E 230 43.61 38.15 -9.68
CA VAL E 230 42.68 37.23 -9.00
C VAL E 230 41.20 37.30 -9.52
N PHE E 231 40.67 38.50 -9.57
CA PHE E 231 39.28 38.71 -9.97
C PHE E 231 39.10 38.36 -11.41
N LEU E 232 40.14 38.55 -12.22
CA LEU E 232 40.01 38.07 -13.59
C LEU E 232 40.13 36.53 -13.59
N PRO E 233 41.37 36.02 -13.41
CA PRO E 233 41.60 34.62 -13.67
C PRO E 233 41.06 33.66 -12.61
N ASP E 234 41.30 34.00 -11.34
CA ASP E 234 40.94 33.06 -10.26
C ASP E 234 39.43 33.05 -10.07
N GLN E 235 38.75 34.10 -10.56
CA GLN E 235 37.30 34.10 -10.57
C GLN E 235 36.71 33.39 -11.79
N ASP E 236 37.11 33.76 -12.98
CA ASP E 236 36.52 33.15 -14.16
C ASP E 236 37.11 31.74 -14.41
N GLN E 237 38.37 31.80 -14.79
CA GLN E 237 38.98 30.66 -15.49
C GLN E 237 40.23 30.26 -14.72
N ARG E 238 39.96 29.85 -13.46
CA ARG E 238 41.01 29.31 -12.53
C ARG E 238 41.70 28.03 -13.09
N SER E 239 41.03 27.45 -14.10
CA SER E 239 41.34 26.25 -14.94
C SER E 239 42.78 26.08 -15.35
N GLN E 240 43.21 26.82 -16.35
CA GLN E 240 44.55 26.54 -17.01
C GLN E 240 45.60 27.70 -16.69
N LEU E 241 45.06 28.66 -15.90
CA LEU E 241 45.68 29.94 -15.58
C LEU E 241 47.10 29.85 -14.98
N ILE E 242 47.16 29.48 -13.71
CA ILE E 242 48.36 29.84 -12.83
C ILE E 242 48.68 28.93 -11.66
N VAL F 2 45.01 19.43 -70.61
CA VAL F 2 44.07 18.62 -71.42
C VAL F 2 42.74 19.36 -71.53
N ASN F 3 41.95 19.41 -70.45
CA ASN F 3 40.62 20.04 -70.48
C ASN F 3 40.34 20.90 -69.23
N VAL F 4 40.03 22.17 -69.50
CA VAL F 4 39.67 23.14 -68.47
C VAL F 4 38.15 23.07 -68.25
N LEU F 5 37.79 22.54 -67.08
CA LEU F 5 36.40 22.25 -66.73
C LEU F 5 35.74 23.39 -65.94
N LYS F 6 34.81 24.07 -66.60
CA LYS F 6 33.91 25.02 -65.93
C LYS F 6 32.61 24.35 -65.51
N GLY F 7 32.76 23.20 -64.83
CA GLY F 7 31.63 22.31 -64.51
C GLY F 7 31.36 22.38 -63.03
N VAL F 8 30.09 22.28 -62.63
CA VAL F 8 29.72 22.46 -61.24
C VAL F 8 29.89 21.12 -60.50
N LEU F 9 30.83 21.09 -59.57
CA LEU F 9 30.96 19.97 -58.66
C LEU F 9 29.76 19.90 -57.76
N ILE F 10 29.15 18.71 -57.67
CA ILE F 10 28.17 18.44 -56.65
C ILE F 10 28.69 17.37 -55.71
N GLU F 11 28.77 17.69 -54.42
CA GLU F 11 29.15 16.72 -53.42
C GLU F 11 27.94 16.18 -52.64
N CYS F 12 27.79 14.87 -52.58
CA CYS F 12 26.67 14.25 -51.88
C CYS F 12 27.01 12.82 -51.43
N ASP F 13 25.97 12.10 -50.99
CA ASP F 13 25.97 10.71 -50.53
C ASP F 13 25.33 9.86 -51.66
N PRO F 14 25.61 8.51 -51.69
CA PRO F 14 25.49 7.80 -53.01
C PRO F 14 24.05 7.69 -53.55
N ALA F 15 23.05 7.77 -52.67
CA ALA F 15 21.68 7.62 -53.06
C ALA F 15 21.30 8.82 -53.93
N MET F 16 21.61 10.02 -53.46
CA MET F 16 21.28 11.21 -54.25
C MET F 16 22.18 11.34 -55.47
N LYS F 17 23.37 10.73 -55.42
CA LYS F 17 24.22 10.63 -56.60
C LYS F 17 23.53 9.89 -57.71
N GLN F 18 23.06 8.70 -57.36
CA GLN F 18 22.49 7.88 -58.41
C GLN F 18 21.10 8.36 -58.77
N PHE F 19 20.47 9.15 -57.90
CA PHE F 19 19.29 9.93 -58.28
C PHE F 19 19.60 10.97 -59.31
N LEU F 20 20.74 11.64 -59.18
CA LEU F 20 21.18 12.56 -60.23
C LEU F 20 21.49 11.85 -61.56
N LEU F 21 21.98 10.61 -61.44
CA LEU F 21 22.18 9.78 -62.63
C LEU F 21 20.85 9.45 -63.34
N TYR F 22 19.84 9.16 -62.52
CA TYR F 22 18.51 8.90 -63.03
C TYR F 22 17.84 10.14 -63.59
N LEU F 23 18.15 11.30 -63.02
CA LEU F 23 17.69 12.59 -63.55
C LEU F 23 18.34 12.88 -64.87
N ASP F 24 19.60 12.46 -65.05
CA ASP F 24 20.28 12.56 -66.34
C ASP F 24 19.53 11.73 -67.40
N GLU F 25 19.22 10.48 -67.09
CA GLU F 25 18.48 9.68 -68.07
C GLU F 25 16.95 9.91 -68.01
N SER F 26 16.49 10.98 -67.37
CA SER F 26 15.10 11.40 -67.43
C SER F 26 14.93 12.91 -67.68
N ASN F 27 16.02 13.60 -67.99
CA ASN F 27 15.93 14.92 -68.59
C ASN F 27 15.52 14.69 -70.05
N ALA F 28 14.60 15.51 -70.55
CA ALA F 28 13.97 15.26 -71.84
C ALA F 28 14.90 15.44 -73.04
N LEU F 29 15.79 16.43 -73.00
CA LEU F 29 16.65 16.72 -74.17
C LEU F 29 17.72 15.66 -74.38
N GLY F 30 18.63 15.53 -73.43
CA GLY F 30 19.73 14.58 -73.55
C GLY F 30 20.56 14.62 -72.29
N LYS F 31 21.78 14.10 -72.39
CA LYS F 31 22.62 13.89 -71.21
C LYS F 31 23.41 15.17 -70.80
N LYS F 32 22.65 16.20 -70.42
CA LYS F 32 23.24 17.45 -69.90
C LYS F 32 23.92 17.25 -68.55
N PHE F 33 23.11 16.88 -67.55
CA PHE F 33 23.50 16.91 -66.14
C PHE F 33 24.73 16.12 -65.76
N ILE F 34 25.23 15.25 -66.63
CA ILE F 34 26.51 14.60 -66.40
C ILE F 34 27.56 15.24 -67.29
N ILE F 35 28.52 15.90 -66.64
CA ILE F 35 29.71 16.34 -67.30
C ILE F 35 30.79 15.28 -67.04
N GLN F 36 31.13 15.09 -65.77
CA GLN F 36 32.06 14.03 -65.38
C GLN F 36 31.78 13.65 -63.95
N ASP F 37 31.70 12.33 -63.75
CA ASP F 37 31.34 11.77 -62.44
C ASP F 37 32.58 11.25 -61.82
N ILE F 38 33.08 12.00 -60.84
CA ILE F 38 34.41 11.78 -60.34
C ILE F 38 34.39 10.57 -59.43
N ASP F 39 33.65 10.71 -58.33
CA ASP F 39 33.65 9.69 -57.31
C ASP F 39 32.22 9.38 -56.95
N ASP F 40 32.04 8.44 -56.03
CA ASP F 40 30.75 8.18 -55.43
C ASP F 40 30.20 9.40 -54.67
N THR F 41 31.07 10.28 -54.22
CA THR F 41 30.69 11.43 -53.44
C THR F 41 30.77 12.74 -54.20
N HIS F 42 31.12 12.72 -55.48
CA HIS F 42 31.42 13.95 -56.21
C HIS F 42 31.17 13.79 -57.68
N VAL F 43 30.36 14.68 -58.24
CA VAL F 43 30.08 14.67 -59.68
C VAL F 43 30.13 16.08 -60.26
N PHE F 44 29.80 16.21 -61.55
CA PHE F 44 29.63 17.52 -62.19
C PHE F 44 28.29 17.65 -62.90
N VAL F 45 27.79 18.89 -62.98
CA VAL F 45 26.53 19.24 -63.67
C VAL F 45 26.80 20.54 -64.44
N ILE F 46 26.12 20.66 -65.58
CA ILE F 46 25.99 21.89 -66.37
C ILE F 46 25.61 23.06 -65.44
N ALA F 47 26.25 24.20 -65.65
CA ALA F 47 26.12 25.36 -64.75
C ALA F 47 24.83 26.20 -64.93
N GLU F 48 23.79 25.65 -65.55
CA GLU F 48 22.59 26.43 -65.84
C GLU F 48 21.49 26.24 -64.79
N LEU F 49 21.05 24.99 -64.62
CA LEU F 49 19.88 24.67 -63.81
C LEU F 49 20.21 24.36 -62.35
N VAL F 50 21.43 24.65 -61.89
CA VAL F 50 21.85 24.30 -60.53
C VAL F 50 21.03 25.10 -59.48
N ASN F 51 20.92 26.40 -59.71
CA ASN F 51 20.02 27.23 -58.92
C ASN F 51 18.53 26.83 -59.12
N VAL F 52 18.21 26.21 -60.25
CA VAL F 52 16.91 25.53 -60.42
C VAL F 52 16.86 24.21 -59.64
N LEU F 53 17.97 23.48 -59.63
CA LEU F 53 18.04 22.20 -58.92
C LEU F 53 18.01 22.29 -57.39
N GLN F 54 17.86 23.48 -56.80
CA GLN F 54 17.47 23.55 -55.38
C GLN F 54 16.04 23.01 -55.15
N GLU F 55 15.17 23.15 -56.16
CA GLU F 55 13.73 22.93 -55.95
C GLU F 55 13.13 21.78 -56.77
N ARG F 56 13.84 21.33 -57.81
CA ARG F 56 13.32 20.26 -58.65
C ARG F 56 13.37 18.90 -57.92
N VAL F 57 14.30 18.78 -56.97
CA VAL F 57 14.62 17.50 -56.34
C VAL F 57 13.41 16.89 -55.65
N GLY F 58 12.85 17.67 -54.71
CA GLY F 58 11.61 17.33 -54.03
C GLY F 58 10.51 16.92 -54.99
N GLU F 59 10.35 17.71 -56.07
CA GLU F 59 9.25 17.47 -56.99
C GLU F 59 9.50 16.32 -57.96
N LEU F 60 10.50 15.48 -57.70
CA LEU F 60 10.41 14.10 -58.12
C LEU F 60 10.31 13.15 -56.94
N MET F 61 11.11 13.41 -55.89
CA MET F 61 11.37 12.38 -54.89
C MET F 61 10.13 12.10 -54.04
N ASP F 62 9.43 13.16 -53.66
CA ASP F 62 8.14 13.00 -52.98
C ASP F 62 7.14 12.25 -53.87
N GLN F 63 7.13 12.55 -55.17
CA GLN F 63 6.36 11.75 -56.13
C GLN F 63 6.90 10.34 -56.25
N ASN F 64 8.23 10.19 -56.14
CA ASN F 64 8.85 8.88 -56.01
C ASN F 64 8.35 8.16 -54.74
N ALA F 65 8.15 8.94 -53.68
CA ALA F 65 7.62 8.40 -52.44
C ALA F 65 6.13 8.05 -52.57
N PHE F 66 5.44 8.58 -53.60
CA PHE F 66 3.97 8.45 -53.65
C PHE F 66 3.43 7.52 -54.70
N SER F 67 4.19 7.29 -55.78
CA SER F 67 3.72 6.37 -56.84
C SER F 67 4.84 5.90 -57.73
N UNK G 1 -44.83 -55.22 29.57
CA UNK G 1 -43.70 -54.24 29.29
C UNK G 1 -42.38 -54.67 30.04
N UNK G 2 -41.81 -55.78 29.58
CA UNK G 2 -40.51 -56.36 30.09
C UNK G 2 -40.48 -56.81 31.57
N UNK G 3 -41.62 -56.94 32.24
CA UNK G 3 -41.67 -57.20 33.70
C UNK G 3 -43.06 -57.70 34.04
N UNK G 4 -43.18 -58.89 34.63
CA UNK G 4 -44.49 -59.40 35.05
C UNK G 4 -45.10 -58.66 36.24
N UNK G 5 -44.21 -58.07 37.05
CA UNK G 5 -44.58 -57.28 38.21
C UNK G 5 -45.39 -56.05 37.78
N UNK G 6 -45.02 -55.44 36.66
CA UNK G 6 -45.73 -54.29 36.14
C UNK G 6 -47.17 -54.64 35.72
N UNK G 7 -47.37 -55.78 35.06
CA UNK G 7 -48.70 -56.18 34.62
C UNK G 7 -49.58 -56.59 35.81
N UNK G 8 -48.98 -57.35 36.75
CA UNK G 8 -49.72 -57.75 37.94
C UNK G 8 -50.08 -56.54 38.82
N UNK G 9 -49.16 -55.57 38.90
CA UNK G 9 -49.35 -54.33 39.61
C UNK G 9 -50.38 -53.43 38.96
N UNK G 10 -50.43 -53.43 37.64
CA UNK G 10 -51.47 -52.71 36.90
C UNK G 10 -52.83 -53.30 37.21
N UNK G 11 -52.89 -54.65 37.21
CA UNK G 11 -54.14 -55.35 37.52
C UNK G 11 -54.67 -54.99 38.93
N UNK G 12 -53.79 -55.21 39.91
CA UNK G 12 -54.17 -55.02 41.31
C UNK G 12 -54.40 -53.54 41.67
N UNK G 13 -53.72 -52.64 40.97
CA UNK G 13 -53.86 -51.22 41.27
C UNK G 13 -55.14 -50.64 40.66
N UNK G 14 -55.27 -50.87 39.33
CA UNK G 14 -56.40 -50.33 38.55
C UNK G 14 -57.70 -51.04 38.87
N UNK G 15 -57.66 -52.22 39.49
CA UNK G 15 -58.87 -53.01 39.70
C UNK G 15 -59.95 -52.25 40.52
N UNK G 16 -59.69 -52.15 41.81
CA UNK G 16 -60.64 -51.53 42.74
C UNK G 16 -59.94 -50.68 43.76
N UNK G 17 -58.63 -50.86 43.98
CA UNK G 17 -57.90 -49.93 44.83
C UNK G 17 -57.76 -48.56 44.17
N UNK G 18 -57.81 -48.52 42.85
CA UNK G 18 -58.00 -47.28 42.13
C UNK G 18 -59.29 -46.53 42.57
N UNK G 19 -60.41 -47.26 42.56
CA UNK G 19 -61.71 -46.70 42.90
C UNK G 19 -61.79 -46.25 44.37
N UNK G 20 -61.40 -47.15 45.26
CA UNK G 20 -61.39 -46.88 46.68
C UNK G 20 -60.43 -45.73 47.01
N UNK G 21 -59.29 -45.71 46.32
CA UNK G 21 -58.28 -44.69 46.52
C UNK G 21 -58.80 -43.32 46.12
N UNK G 22 -59.45 -43.24 44.96
CA UNK G 22 -59.98 -41.97 44.50
C UNK G 22 -61.10 -41.47 45.40
N UNK G 23 -61.93 -42.41 45.88
CA UNK G 23 -63.01 -42.03 46.77
C UNK G 23 -62.47 -41.49 48.09
N UNK G 24 -61.44 -42.15 48.64
CA UNK G 24 -60.88 -41.72 49.91
C UNK G 24 -60.09 -40.40 49.78
N UNK G 25 -59.36 -40.22 48.67
CA UNK G 25 -58.63 -38.97 48.37
C UNK G 25 -59.57 -37.81 48.07
N UNK G 26 -60.81 -38.10 47.69
CA UNK G 26 -61.78 -37.03 47.54
C UNK G 26 -62.16 -36.35 48.90
N UNK G 27 -62.18 -37.15 49.96
CA UNK G 27 -62.74 -36.72 51.24
C UNK G 27 -62.26 -37.64 52.38
N UNK G 28 -61.53 -37.07 53.34
CA UNK G 28 -61.11 -37.78 54.58
C UNK G 28 -60.75 -36.71 55.64
N UNK G 29 -60.01 -37.10 56.68
CA UNK G 29 -59.52 -36.13 57.68
C UNK G 29 -58.27 -35.35 57.18
N UNK G 30 -57.12 -36.01 57.01
CA UNK G 30 -55.89 -35.27 56.57
C UNK G 30 -54.90 -36.12 55.81
N UNK G 31 -54.53 -37.20 56.45
CA UNK G 31 -53.44 -38.05 56.02
C UNK G 31 -53.75 -39.54 56.10
N UNK G 32 -54.75 -39.88 56.94
CA UNK G 32 -54.97 -41.24 57.37
C UNK G 32 -55.45 -42.09 56.21
N UNK G 33 -56.26 -41.50 55.32
CA UNK G 33 -56.72 -42.25 54.14
C UNK G 33 -55.54 -42.57 53.25
N UNK G 34 -54.63 -41.60 53.10
CA UNK G 34 -53.46 -41.78 52.26
C UNK G 34 -52.62 -42.94 52.81
N UNK G 35 -52.43 -42.92 54.14
CA UNK G 35 -51.59 -43.92 54.77
C UNK G 35 -52.23 -45.32 54.67
N UNK G 36 -53.54 -45.38 54.87
CA UNK G 36 -54.24 -46.64 54.83
C UNK G 36 -54.27 -47.24 53.44
N UNK G 37 -54.45 -46.37 52.43
CA UNK G 37 -54.41 -46.77 51.02
C UNK G 37 -53.04 -47.33 50.66
N UNK G 38 -52.00 -46.64 51.12
CA UNK G 38 -50.65 -47.11 50.89
C UNK G 38 -50.39 -48.46 51.57
N UNK G 39 -50.95 -48.64 52.77
CA UNK G 39 -50.77 -49.88 53.49
C UNK G 39 -51.46 -51.07 52.79
N UNK G 40 -52.70 -50.85 52.40
CA UNK G 40 -53.44 -51.91 51.74
C UNK G 40 -52.91 -52.21 50.32
N UNK G 41 -52.35 -51.21 49.67
CA UNK G 41 -51.64 -51.45 48.41
C UNK G 41 -50.33 -52.16 48.64
N UNK G 42 -49.72 -51.91 49.79
CA UNK G 42 -48.41 -52.49 50.12
C UNK G 42 -48.52 -53.99 50.39
N UNK G 43 -49.44 -54.36 51.27
CA UNK G 43 -49.67 -55.77 51.59
C UNK G 43 -50.14 -56.59 50.37
N UNK G 44 -51.00 -56.00 49.55
CA UNK G 44 -51.55 -56.63 48.37
C UNK G 44 -50.57 -56.71 47.22
N UNK G 45 -49.40 -56.10 47.35
CA UNK G 45 -48.48 -56.02 46.25
C UNK G 45 -47.80 -57.37 45.90
N UNK G 46 -47.14 -57.97 46.89
CA UNK G 46 -46.06 -58.93 46.62
C UNK G 46 -46.46 -60.40 46.84
N UNK G 47 -47.69 -60.76 46.47
CA UNK G 47 -48.30 -62.08 46.77
C UNK G 47 -48.30 -62.41 48.29
N UNK G 48 -48.95 -61.57 49.12
CA UNK G 48 -48.97 -61.82 50.58
C UNK G 48 -50.27 -62.45 51.13
N UNK G 49 -51.13 -62.96 50.25
CA UNK G 49 -52.25 -63.85 50.64
C UNK G 49 -53.24 -63.35 51.71
N UNK G 50 -53.67 -62.11 51.60
CA UNK G 50 -54.81 -61.61 52.42
C UNK G 50 -55.97 -61.14 51.51
N UNK G 51 -56.32 -61.98 50.51
CA UNK G 51 -57.20 -61.54 49.39
C UNK G 51 -58.66 -61.38 49.84
N UNK G 52 -59.19 -62.47 50.38
CA UNK G 52 -60.60 -62.55 50.74
C UNK G 52 -60.94 -61.66 51.92
N UNK G 53 -60.01 -61.54 52.88
CA UNK G 53 -60.13 -60.65 54.04
C UNK G 53 -60.34 -59.18 53.61
N UNK G 54 -59.44 -58.71 52.74
CA UNK G 54 -59.44 -57.35 52.26
C UNK G 54 -60.63 -57.07 51.35
N UNK G 55 -61.00 -58.02 50.49
CA UNK G 55 -62.16 -57.85 49.59
C UNK G 55 -63.47 -57.76 50.37
N UNK G 56 -63.63 -58.67 51.35
CA UNK G 56 -64.83 -58.70 52.16
C UNK G 56 -64.90 -57.53 53.14
N UNK G 57 -63.76 -56.96 53.52
CA UNK G 57 -63.79 -55.75 54.35
C UNK G 57 -64.10 -54.50 53.49
N UNK G 58 -63.58 -54.44 52.27
CA UNK G 58 -63.71 -53.24 51.44
C UNK G 58 -65.08 -53.09 50.78
N UNK G 59 -65.67 -54.21 50.35
CA UNK G 59 -66.95 -54.18 49.62
C UNK G 59 -68.19 -53.95 50.55
N UNK G 60 -67.96 -53.60 51.81
CA UNK G 60 -68.90 -53.82 52.90
C UNK G 60 -69.39 -52.54 53.59
N UNK G 61 -68.45 -51.70 54.04
CA UNK G 61 -68.63 -50.86 55.25
C UNK G 61 -69.59 -49.69 55.04
N UNK G 62 -69.25 -48.72 54.19
CA UNK G 62 -70.18 -47.63 53.94
C UNK G 62 -70.15 -47.11 52.50
N UNK G 63 -71.31 -47.16 51.84
CA UNK G 63 -71.63 -46.43 50.60
C UNK G 63 -70.69 -46.73 49.41
N UNK G 64 -70.64 -48.01 49.05
CA UNK G 64 -69.93 -48.48 47.83
C UNK G 64 -70.53 -47.89 46.54
N UNK G 65 -71.84 -47.65 46.55
CA UNK G 65 -72.49 -46.99 45.43
C UNK G 65 -72.04 -45.54 45.28
N UNK G 66 -71.71 -44.89 46.39
CA UNK G 66 -71.12 -43.55 46.36
C UNK G 66 -69.76 -43.58 45.70
N UNK G 67 -68.97 -44.61 45.97
CA UNK G 67 -67.68 -44.81 45.31
C UNK G 67 -67.83 -45.05 43.81
N UNK G 68 -68.82 -45.86 43.43
CA UNK G 68 -69.09 -46.12 42.01
C UNK G 68 -69.52 -44.82 41.29
N UNK G 69 -70.37 -44.04 41.94
CA UNK G 69 -70.87 -42.80 41.37
C UNK G 69 -69.78 -41.72 41.31
N UNK G 70 -68.94 -41.64 42.33
CA UNK G 70 -67.85 -40.70 42.34
C UNK G 70 -66.76 -41.10 41.35
N UNK G 71 -66.56 -42.39 41.13
CA UNK G 71 -65.63 -42.87 40.10
C UNK G 71 -66.16 -42.57 38.70
N UNK G 72 -67.48 -42.68 38.52
CA UNK G 72 -68.11 -42.29 37.26
C UNK G 72 -67.99 -40.76 37.04
N UNK G 73 -68.14 -39.97 38.09
CA UNK G 73 -67.95 -38.53 38.02
C UNK G 73 -66.50 -38.15 37.69
N UNK G 74 -65.56 -38.92 38.23
CA UNK G 74 -64.15 -38.74 37.93
C UNK G 74 -63.84 -39.06 36.48
N UNK G 75 -64.41 -40.15 35.96
CA UNK G 75 -64.23 -40.55 34.57
C UNK G 75 -64.82 -39.50 33.62
N UNK G 76 -66.00 -38.98 33.98
CA UNK G 76 -66.65 -37.92 33.21
C UNK G 76 -65.86 -36.62 33.22
N UNK G 77 -65.33 -36.23 34.37
CA UNK G 77 -64.51 -35.00 34.52
C UNK G 77 -63.22 -35.13 33.74
N UNK G 78 -62.62 -36.34 33.76
CA UNK G 78 -61.36 -36.59 33.08
C UNK G 78 -61.55 -36.57 31.57
N UNK G 79 -62.61 -37.22 31.07
CA UNK G 79 -62.89 -37.25 29.64
C UNK G 79 -63.26 -35.86 29.11
N UNK G 80 -64.05 -35.13 29.90
CA UNK G 80 -64.43 -33.77 29.55
C UNK G 80 -63.21 -32.84 29.48
N UNK G 81 -62.33 -32.95 30.48
CA UNK G 81 -61.10 -32.16 30.53
C UNK G 81 -60.20 -32.46 29.35
N UNK G 82 -60.02 -33.75 29.05
CA UNK G 82 -59.17 -34.18 27.96
C UNK G 82 -59.65 -33.73 26.58
N UNK G 83 -60.92 -34.03 26.27
CA UNK G 83 -61.47 -33.69 24.97
C UNK G 83 -61.61 -32.16 24.82
N UNK G 84 -61.94 -31.47 25.91
CA UNK G 84 -62.10 -30.03 25.85
C UNK G 84 -60.75 -29.31 25.69
N UNK G 85 -59.71 -29.81 26.35
CA UNK G 85 -58.39 -29.25 26.23
C UNK G 85 -57.79 -29.48 24.86
N UNK G 86 -58.03 -30.68 24.29
CA UNK G 86 -57.62 -30.95 22.91
C UNK G 86 -58.33 -30.02 21.94
N UNK G 87 -59.63 -29.82 22.16
CA UNK G 87 -60.41 -28.93 21.29
C UNK G 87 -59.92 -27.49 21.38
N UNK G 88 -59.67 -27.02 22.60
CA UNK G 88 -59.25 -25.65 22.83
C UNK G 88 -57.85 -25.37 22.26
N UNK G 89 -56.90 -26.27 22.52
CA UNK G 89 -55.54 -26.05 22.06
C UNK G 89 -55.44 -26.18 20.55
N UNK G 90 -56.13 -27.21 19.98
CA UNK G 90 -56.15 -27.40 18.54
C UNK G 90 -56.87 -26.26 17.83
N UNK G 91 -57.90 -25.71 18.47
CA UNK G 91 -58.60 -24.55 17.94
C UNK G 91 -57.72 -23.29 17.98
N UNK G 92 -56.93 -23.11 19.04
CA UNK G 92 -55.99 -21.97 19.15
C UNK G 92 -54.92 -22.02 18.07
N UNK G 93 -54.37 -23.25 17.85
CA UNK G 93 -53.34 -23.43 16.83
C UNK G 93 -53.90 -23.27 15.40
N UNK G 94 -55.12 -23.77 15.18
CA UNK G 94 -55.73 -23.73 13.86
C UNK G 94 -56.18 -22.29 13.52
N UNK G 95 -56.70 -21.56 14.50
CA UNK G 95 -57.06 -20.15 14.32
C UNK G 95 -55.81 -19.27 14.14
N UNK G 96 -54.70 -19.65 14.78
CA UNK G 96 -53.42 -18.96 14.55
C UNK G 96 -52.92 -19.21 13.12
N UNK G 97 -53.08 -20.44 12.62
CA UNK G 97 -52.66 -20.80 11.27
C UNK G 97 -53.53 -20.10 10.22
N UNK G 98 -54.83 -20.04 10.46
CA UNK G 98 -55.76 -19.37 9.56
C UNK G 98 -55.53 -17.86 9.55
N UNK G 99 -55.28 -17.27 10.72
CA UNK G 99 -54.96 -15.86 10.83
C UNK G 99 -53.60 -15.55 10.17
N UNK G 100 -52.67 -16.49 10.21
CA UNK G 100 -51.39 -16.32 9.58
C UNK G 100 -51.50 -16.37 8.05
N UNK G 101 -52.31 -17.30 7.54
CA UNK G 101 -52.58 -17.38 6.11
C UNK G 101 -53.32 -16.12 5.62
N UNK G 102 -54.26 -15.62 6.40
CA UNK G 102 -54.97 -14.40 6.04
C UNK G 102 -54.07 -13.17 6.16
N UNK G 103 -53.12 -13.17 7.09
CA UNK G 103 -52.18 -12.05 7.21
C UNK G 103 -51.16 -12.01 6.05
N UNK G 104 -50.75 -13.20 5.61
CA UNK G 104 -49.94 -13.33 4.40
C UNK G 104 -50.71 -12.83 3.18
N UNK G 105 -51.97 -13.26 3.04
CA UNK G 105 -52.84 -12.77 1.97
C UNK G 105 -53.03 -11.24 2.05
N UNK G 106 -53.16 -10.70 3.27
CA UNK G 106 -53.31 -9.25 3.53
C UNK G 106 -52.11 -8.45 3.03
N UNK G 107 -50.93 -8.84 3.50
CA UNK G 107 -49.71 -8.16 3.06
C UNK G 107 -49.45 -8.29 1.50
N UNK G 108 -49.53 -9.51 0.96
CA UNK G 108 -49.22 -9.79 -0.52
C UNK G 108 -50.23 -9.13 -1.45
N UNK G 109 -51.53 -9.33 -1.17
CA UNK G 109 -52.58 -8.83 -2.02
C UNK G 109 -52.73 -7.30 -1.85
N UNK G 110 -52.50 -6.78 -0.63
CA UNK G 110 -52.57 -5.32 -0.41
C UNK G 110 -51.42 -4.61 -1.14
N UNK G 111 -50.21 -5.19 -1.05
CA UNK G 111 -49.05 -4.63 -1.73
C UNK G 111 -49.25 -4.64 -3.22
N UNK G 112 -49.75 -5.79 -3.76
CA UNK G 112 -49.89 -5.97 -5.21
C UNK G 112 -50.96 -5.01 -5.76
N UNK G 113 -52.07 -4.91 -5.03
CA UNK G 113 -53.16 -4.04 -5.45
C UNK G 113 -52.75 -2.56 -5.37
N UNK G 114 -51.98 -2.17 -4.35
CA UNK G 114 -51.48 -0.80 -4.23
C UNK G 114 -50.46 -0.48 -5.34
N UNK G 115 -49.67 -1.47 -5.73
CA UNK G 115 -48.69 -1.27 -6.80
C UNK G 115 -49.38 -1.11 -8.17
N UNK G 116 -50.34 -2.00 -8.45
CA UNK G 116 -51.11 -1.91 -9.73
C UNK G 116 -51.95 -0.59 -9.73
N UNK G 117 -52.41 -0.14 -8.58
CA UNK G 117 -53.10 1.12 -8.48
C UNK G 117 -52.18 2.33 -8.70
N UNK G 118 -50.94 2.26 -8.22
CA UNK G 118 -49.95 3.31 -8.48
C UNK G 118 -49.56 3.37 -9.98
N UNK G 119 -49.48 2.19 -10.61
CA UNK G 119 -49.30 2.10 -12.09
C UNK G 119 -50.47 2.71 -12.89
N UNK G 120 -51.69 2.43 -12.44
CA UNK G 120 -52.86 2.98 -13.09
C UNK G 120 -52.97 4.50 -12.84
N UNK G 121 -52.52 4.93 -11.65
CA UNK G 121 -52.53 6.36 -11.29
C UNK G 121 -51.54 7.14 -12.14
N UNK G 122 -50.38 6.55 -12.39
CA UNK G 122 -49.41 7.16 -13.27
C UNK G 122 -49.86 7.07 -14.74
N UNK G 123 -50.73 6.12 -15.08
CA UNK G 123 -51.27 6.04 -16.45
C UNK G 123 -52.31 7.12 -16.69
N UNK G 124 -53.23 7.27 -15.75
CA UNK G 124 -54.23 8.32 -15.83
C UNK G 124 -53.66 9.75 -15.69
N UNK H 1 22.49 18.37 28.78
CA UNK H 1 22.35 18.14 27.28
C UNK H 1 20.91 18.34 26.87
N UNK H 2 20.61 19.41 26.15
CA UNK H 2 19.21 19.77 25.78
C UNK H 2 18.92 19.36 24.31
N UNK H 3 17.66 19.31 23.86
CA UNK H 3 17.35 18.74 22.51
C UNK H 3 16.25 19.51 21.79
N UNK H 4 15.79 18.98 20.65
CA UNK H 4 14.79 19.67 19.83
C UNK H 4 13.86 18.67 19.11
N UNK H 5 12.95 19.19 18.30
CA UNK H 5 12.14 18.37 17.38
C UNK H 5 12.51 18.71 15.95
N UNK H 6 12.20 17.77 15.05
CA UNK H 6 12.41 17.91 13.61
C UNK H 6 11.21 18.68 13.00
N UNK H 7 11.13 18.67 11.65
CA UNK H 7 10.17 19.40 10.82
C UNK H 7 8.71 19.08 11.23
N UNK H 8 8.28 17.84 10.98
CA UNK H 8 6.96 17.32 11.40
C UNK H 8 5.77 18.17 10.92
N UNK H 9 5.73 18.47 9.60
CA UNK H 9 4.72 19.35 8.99
C UNK H 9 4.69 19.24 7.47
N UNK H 10 3.54 19.59 6.88
CA UNK H 10 3.40 19.84 5.44
C UNK H 10 2.37 20.97 5.19
N UNK H 11 2.40 21.56 3.99
CA UNK H 11 1.46 22.62 3.56
C UNK H 11 0.23 22.02 2.87
N UNK H 12 -0.65 22.84 2.29
CA UNK H 12 -1.85 22.36 1.58
C UNK H 12 -2.15 23.23 0.37
N UNK H 13 -2.48 22.61 -0.76
CA UNK H 13 -2.97 23.34 -1.93
C UNK H 13 -4.48 23.62 -1.81
N UNK H 14 -4.88 24.49 -0.88
CA UNK H 14 -6.33 24.86 -0.74
C UNK H 14 -6.65 26.12 -1.60
N UNK H 15 -7.12 25.91 -2.83
CA UNK H 15 -7.32 26.98 -3.83
C UNK H 15 -8.83 27.26 -4.00
N UNK H 16 -9.16 28.04 -5.06
CA UNK H 16 -10.54 28.20 -5.51
C UNK H 16 -10.67 29.27 -6.62
N UNK H 17 -11.75 29.14 -7.41
CA UNK H 17 -12.34 30.16 -8.32
C UNK H 17 -13.89 30.05 -8.27
N UNK H 18 -14.43 29.87 -7.06
CA UNK H 18 -15.83 29.39 -6.87
C UNK H 18 -16.92 30.44 -7.19
N UNK H 19 -16.87 31.60 -6.50
CA UNK H 19 -17.86 32.73 -6.62
C UNK H 19 -17.74 33.56 -7.94
N UNK H 20 -16.75 33.22 -8.79
CA UNK H 20 -16.23 34.08 -9.87
C UNK H 20 -16.92 33.86 -11.19
N UNK H 21 24.34 15.27 29.60
CA UNK H 21 23.62 15.11 30.86
C UNK H 21 22.12 14.76 30.61
N UNK H 22 21.68 13.66 31.23
CA UNK H 22 20.52 12.86 30.75
C UNK H 22 19.34 13.08 31.65
N UNK H 23 18.14 13.09 31.06
CA UNK H 23 16.85 13.03 31.79
C UNK H 23 15.73 12.41 30.91
N UNK H 24 15.14 11.27 31.31
CA UNK H 24 13.89 10.76 30.69
C UNK H 24 13.11 9.85 31.65
N UNK H 25 11.83 9.59 31.36
CA UNK H 25 10.95 8.70 32.17
C UNK H 25 9.67 8.28 31.36
N UNK H 26 8.65 7.70 32.03
CA UNK H 26 7.25 7.57 31.55
C UNK H 26 6.26 7.38 32.74
N UNK H 27 4.95 7.60 32.51
CA UNK H 27 3.83 7.21 33.43
C UNK H 27 2.56 6.74 32.53
N UNK H 28 1.29 6.83 32.95
CA UNK H 28 0.29 5.71 32.89
C UNK H 28 -0.49 5.46 31.57
N UNK H 29 -1.52 4.56 31.59
CA UNK H 29 -2.46 4.14 30.41
C UNK H 29 -3.83 3.78 30.96
N UNK H 30 0.01 -26.30 31.41
CA UNK H 30 -0.78 -27.27 30.71
C UNK H 30 0.11 -28.48 30.18
N UNK H 31 -0.14 -29.70 30.66
CA UNK H 31 0.90 -30.70 30.78
C UNK H 31 0.85 -31.90 29.81
N UNK H 32 -0.27 -32.62 29.79
CA UNK H 32 -0.32 -34.00 29.25
C UNK H 32 -0.98 -34.14 27.90
N UNK H 33 -1.67 -33.10 27.45
CA UNK H 33 -2.13 -32.97 26.08
C UNK H 33 -0.97 -33.05 25.06
N UNK H 34 0.16 -32.42 25.40
CA UNK H 34 1.38 -32.54 24.64
C UNK H 34 1.87 -33.98 24.63
N UNK H 35 1.81 -34.66 25.76
CA UNK H 35 2.16 -36.10 25.79
C UNK H 35 1.30 -37.01 24.86
N UNK H 36 -0.03 -36.80 24.92
CA UNK H 36 -0.95 -37.58 24.07
C UNK H 36 -0.74 -37.27 22.57
N UNK H 37 -0.50 -35.98 22.28
CA UNK H 37 -0.20 -35.55 20.93
C UNK H 37 1.11 -36.18 20.42
N UNK H 38 2.13 -36.26 21.27
CA UNK H 38 3.38 -36.88 20.89
C UNK H 38 3.22 -38.36 20.64
N UNK H 39 2.44 -39.04 21.50
CA UNK H 39 2.23 -40.48 21.36
C UNK H 39 1.50 -40.82 20.04
N UNK H 40 0.47 -39.99 19.75
CA UNK H 40 -0.28 -40.16 18.52
C UNK H 40 0.59 -39.88 17.25
N UNK H 41 1.43 -38.84 17.35
CA UNK H 41 2.32 -38.46 16.26
C UNK H 41 3.38 -39.52 15.98
N UNK H 42 3.83 -40.22 17.03
CA UNK H 42 4.78 -41.31 16.86
C UNK H 42 4.11 -42.52 16.22
N UNK H 43 2.87 -42.81 16.71
CA UNK H 43 2.15 -43.97 16.18
C UNK H 43 1.74 -43.77 14.70
N UNK H 44 1.55 -42.51 14.28
CA UNK H 44 1.30 -42.21 12.86
C UNK H 44 2.44 -42.67 11.94
N UNK H 45 3.68 -42.34 12.32
CA UNK H 45 4.84 -42.70 11.48
C UNK H 45 5.21 -44.18 11.61
N UNK H 46 4.95 -44.76 12.80
CA UNK H 46 5.31 -46.17 13.03
C UNK H 46 4.31 -47.19 12.46
N UNK H 47 3.14 -46.75 12.00
CA UNK H 47 2.09 -47.72 11.55
C UNK H 47 1.84 -47.66 10.03
N UNK H 48 17.76 -22.54 10.10
CA UNK H 48 18.33 -21.17 10.26
C UNK H 48 19.48 -21.14 11.31
N UNK H 49 20.77 -21.09 10.93
CA UNK H 49 21.89 -21.15 11.93
C UNK H 49 23.17 -20.58 11.34
N UNK H 50 24.12 -20.27 12.22
CA UNK H 50 25.22 -19.33 11.94
C UNK H 50 26.55 -19.88 12.42
N UNK H 51 27.66 -19.31 11.96
CA UNK H 51 29.02 -19.58 12.49
C UNK H 51 29.46 -18.42 13.45
N UNK H 52 30.74 -18.36 13.87
CA UNK H 52 31.24 -17.32 14.84
C UNK H 52 32.69 -16.91 14.56
N UNK H 53 33.08 -15.70 14.97
CA UNK H 53 34.40 -15.11 14.68
C UNK H 53 35.31 -15.10 15.91
N UNK H 54 36.63 -15.05 15.65
CA UNK H 54 37.69 -15.35 16.64
C UNK H 54 37.77 -14.35 17.81
N UNK H 55 -50.06 4.32 0.76
CA UNK H 55 -50.34 5.69 1.21
C UNK H 55 -49.58 6.78 0.38
N UNK H 56 -48.25 6.81 0.40
CA UNK H 56 -47.50 7.95 -0.25
C UNK H 56 -47.43 7.87 -1.78
N UNK H 57 -48.01 6.82 -2.37
CA UNK H 57 -48.24 6.80 -3.84
C UNK H 57 -49.24 7.90 -4.25
N UNK H 58 -50.18 8.26 -3.36
CA UNK H 58 -51.02 9.47 -3.52
C UNK H 58 -50.20 10.75 -3.54
N UNK H 59 -49.17 10.81 -2.69
CA UNK H 59 -48.19 11.93 -2.71
C UNK H 59 -47.46 12.03 -4.05
N UNK H 60 -47.11 10.84 -4.57
CA UNK H 60 -46.37 10.77 -5.83
C UNK H 60 -47.22 11.22 -7.04
N UNK H 61 -48.41 10.64 -7.14
CA UNK H 61 -49.32 10.96 -8.23
C UNK H 61 -49.90 12.37 -8.13
N UNK H 62 -49.87 12.97 -6.93
CA UNK H 62 -50.26 14.37 -6.79
C UNK H 62 -49.09 15.30 -7.08
N UNK H 63 -47.86 14.87 -6.74
CA UNK H 63 -46.64 15.64 -7.01
C UNK H 63 -46.39 15.81 -8.50
N UNK H 64 -46.56 14.75 -9.28
CA UNK H 64 -46.40 14.84 -10.72
C UNK H 64 -47.69 15.33 -11.51
N UNK H 65 -48.67 15.95 -10.84
CA UNK H 65 -49.99 16.26 -11.51
C UNK H 65 -50.30 17.74 -11.68
N UNK H 66 45.41 57.99 -11.22
CA UNK H 66 44.52 56.99 -10.62
C UNK H 66 43.03 57.23 -11.01
N UNK H 67 42.14 56.59 -10.26
CA UNK H 67 40.67 56.72 -10.49
C UNK H 67 40.13 57.76 -9.55
N UNK H 68 38.93 57.51 -8.97
CA UNK H 68 38.20 58.49 -8.17
C UNK H 68 38.97 58.84 -6.88
N UNK H 69 38.70 60.05 -6.35
CA UNK H 69 39.09 60.36 -5.00
C UNK H 69 37.77 60.26 -4.17
N UNK H 70 37.73 59.27 -3.28
CA UNK H 70 36.63 59.12 -2.33
C UNK H 70 37.03 60.03 -1.13
N UNK H 71 36.42 61.22 -1.08
CA UNK H 71 36.84 62.28 -0.10
C UNK H 71 36.28 62.01 1.31
N UNK H 72 36.62 62.88 2.26
CA UNK H 72 36.12 62.85 3.66
C UNK H 72 36.45 61.58 4.42
N UNK H 73 37.51 60.90 4.01
CA UNK H 73 37.97 59.66 4.66
C UNK H 73 39.32 59.79 5.32
N UNK H 74 39.92 60.99 5.26
CA UNK H 74 41.22 61.23 5.82
C UNK H 74 41.12 61.88 7.22
N UNK H 75 40.15 62.81 7.34
CA UNK H 75 40.02 63.61 8.54
C UNK H 75 39.53 62.78 9.75
N UNK H 76 38.38 62.13 9.54
CA UNK H 76 37.73 61.31 10.56
C UNK H 76 38.59 60.12 10.93
N UNK H 77 39.31 59.55 9.96
CA UNK H 77 40.18 58.42 10.22
C UNK H 77 41.42 58.84 10.99
N UNK H 78 41.94 60.07 10.71
CA UNK H 78 43.09 60.62 11.46
C UNK H 78 42.72 60.85 12.91
N UNK H 79 41.49 61.38 13.11
CA UNK H 79 40.96 61.60 14.46
C UNK H 79 40.76 60.28 15.19
N UNK H 80 40.23 59.26 14.50
CA UNK H 80 39.94 57.97 15.12
C UNK H 80 41.23 57.23 15.43
N UNK H 81 42.22 57.34 14.54
CA UNK H 81 43.52 56.72 14.74
C UNK H 81 44.27 57.39 15.89
N UNK H 82 44.16 58.70 15.99
CA UNK H 82 44.77 59.44 17.10
C UNK H 82 44.12 59.07 18.41
N UNK H 83 42.79 58.91 18.41
CA UNK H 83 42.07 58.53 19.63
C UNK H 83 42.38 57.09 20.02
N UNK H 84 42.63 56.22 19.04
CA UNK H 84 43.02 54.85 19.34
C UNK H 84 44.44 54.76 19.86
N UNK H 85 45.32 55.63 19.35
CA UNK H 85 46.69 55.72 19.88
C UNK H 85 46.74 56.35 21.27
N UNK H 86 45.74 57.19 21.59
CA UNK H 86 45.69 57.87 22.87
C UNK H 86 45.34 56.92 24.03
N UNK H 87 44.15 56.35 23.97
CA UNK H 87 43.55 55.61 25.11
C UNK H 87 44.09 54.18 25.28
N UNK H 88 44.24 53.47 24.16
CA UNK H 88 44.78 52.11 24.21
C UNK H 88 46.30 52.16 24.43
N UNK H 89 47.01 52.68 23.41
CA UNK H 89 48.47 52.74 23.35
C UNK H 89 49.17 51.35 23.54
N UNK H 90 48.50 50.25 23.21
CA UNK H 90 49.03 48.90 23.48
C UNK H 90 48.48 47.85 22.50
N UNK H 91 49.25 46.79 22.25
CA UNK H 91 48.92 45.77 21.27
C UNK H 91 49.13 44.37 21.84
N UNK H 92 48.24 43.47 21.44
CA UNK H 92 48.22 42.04 21.80
C UNK H 92 48.15 41.26 20.50
N UNK H 93 49.16 40.45 20.17
CA UNK H 93 49.30 39.87 18.81
C UNK H 93 49.23 38.35 18.75
N UNK H 94 50.22 37.66 19.30
CA UNK H 94 50.47 36.23 18.92
C UNK H 94 49.70 35.21 19.77
N UNK H 95 48.47 35.56 20.12
CA UNK H 95 47.57 34.72 20.90
C UNK H 95 47.18 33.45 20.08
N UNK H 96 47.87 32.31 20.28
CA UNK H 96 47.56 31.10 19.53
C UNK H 96 47.97 29.83 20.21
N UNK H 97 47.03 29.01 20.71
CA UNK H 97 47.27 27.57 20.96
C UNK H 97 46.10 26.78 20.39
N UNK H 98 46.19 26.39 19.11
CA UNK H 98 45.36 25.32 18.50
C UNK H 98 45.96 23.94 18.94
N UNK H 99 45.31 23.30 19.92
CA UNK H 99 45.66 21.86 20.36
C UNK H 99 46.99 21.58 21.08
N UNK H 100 33.40 44.76 24.06
CA UNK H 100 33.11 44.20 22.74
C UNK H 100 32.51 42.80 22.87
N UNK H 101 32.05 42.38 24.08
CA UNK H 101 31.37 41.09 24.26
C UNK H 101 30.00 41.11 23.58
N UNK H 102 29.31 42.24 23.67
CA UNK H 102 27.98 42.40 23.13
C UNK H 102 27.93 42.41 21.60
N UNK H 103 28.89 43.09 20.97
CA UNK H 103 29.01 43.07 19.51
C UNK H 103 29.35 41.67 19.01
N UNK H 104 30.19 40.96 19.78
CA UNK H 104 30.50 39.57 19.49
C UNK H 104 29.23 38.70 19.64
N UNK H 105 28.35 39.02 20.57
CA UNK H 105 27.08 38.34 20.70
C UNK H 105 26.11 38.63 19.54
N UNK H 106 26.12 39.84 19.01
CA UNK H 106 25.30 40.17 17.82
C UNK H 106 25.78 39.44 16.55
N UNK H 107 27.12 39.41 16.44
CA UNK H 107 27.76 38.64 15.38
C UNK H 107 27.48 37.16 15.53
N UNK H 108 27.60 36.65 16.72
CA UNK H 108 27.34 35.26 16.98
C UNK H 108 25.85 34.94 16.87
N UNK H 109 24.96 35.89 17.09
CA UNK H 109 23.53 35.70 16.86
C UNK H 109 23.26 35.46 15.37
N UNK H 110 23.85 36.31 14.55
CA UNK H 110 23.68 36.12 13.12
C UNK H 110 24.36 34.82 12.66
N UNK H 111 25.51 34.47 13.22
CA UNK H 111 26.20 33.24 12.84
C UNK H 111 25.51 31.98 13.35
N UNK H 112 24.85 32.06 14.49
CA UNK H 112 24.05 30.94 14.98
C UNK H 112 22.76 30.82 14.19
N UNK H 113 22.23 31.92 13.66
CA UNK H 113 21.15 31.83 12.70
C UNK H 113 21.64 31.22 11.39
N UNK H 114 22.87 31.44 10.97
CA UNK H 114 23.47 30.68 9.86
C UNK H 114 23.74 29.24 10.20
N UNK H 115 23.91 28.88 11.48
CA UNK H 115 23.93 27.45 11.90
C UNK H 115 22.48 26.85 11.79
N UNK H 116 21.46 27.57 12.29
CA UNK H 116 20.02 27.15 12.26
C UNK H 116 19.36 27.19 10.87
N UNK H 117 19.92 28.00 9.97
CA UNK H 117 19.52 28.06 8.56
C UNK H 117 20.71 27.43 7.77
N UNK H 118 21.69 26.77 8.42
CA UNK H 118 22.81 25.95 7.73
C UNK H 118 22.27 24.61 7.26
N UNK H 119 21.16 24.17 7.86
CA UNK H 119 20.22 23.21 7.23
C UNK H 119 18.85 23.67 7.67
N UNK H 120 42.73 17.14 10.03
CA UNK H 120 41.49 16.88 10.60
C UNK H 120 41.34 17.28 12.13
N UNK H 121 41.74 18.45 12.66
CA UNK H 121 40.99 19.08 13.88
C UNK H 121 39.69 19.73 13.44
N UNK H 122 39.64 19.99 12.13
CA UNK H 122 38.52 20.47 11.38
C UNK H 122 37.31 19.46 11.48
N UNK H 123 37.59 18.17 11.45
CA UNK H 123 36.62 17.16 11.50
C UNK H 123 35.93 17.20 12.91
N UNK H 124 36.75 17.27 13.94
CA UNK H 124 36.25 17.33 15.31
C UNK H 124 35.41 18.63 15.46
N UNK H 125 35.86 19.73 14.88
CA UNK H 125 35.13 20.96 15.03
C UNK H 125 33.88 20.97 14.27
N UNK H 126 33.80 20.24 13.12
CA UNK H 126 32.58 20.12 12.30
C UNK H 126 31.47 19.45 13.16
N UNK H 127 31.89 18.30 13.74
CA UNK H 127 30.94 17.53 14.50
C UNK H 127 30.48 18.36 15.77
N UNK H 128 31.48 19.08 16.36
CA UNK H 128 31.29 19.90 17.58
C UNK H 128 30.28 20.97 17.38
N UNK H 129 30.49 21.75 16.35
CA UNK H 129 29.61 22.88 16.17
C UNK H 129 28.29 22.48 15.53
N UNK H 130 28.20 21.23 14.98
CA UNK H 130 26.87 20.74 14.57
C UNK H 130 25.99 20.39 15.79
N UNK H 131 26.49 19.40 16.52
CA UNK H 131 25.66 18.89 17.58
C UNK H 131 25.69 19.83 18.82
N UNK H 132 26.84 20.42 19.21
CA UNK H 132 26.93 21.34 20.40
C UNK H 132 26.07 22.59 20.29
N UNK H 133 25.83 22.97 19.03
CA UNK H 133 24.81 23.95 18.74
C UNK H 133 23.45 23.27 18.63
N UNK H 134 48.52 32.49 -7.70
CA UNK H 134 48.35 31.11 -8.20
C UNK H 134 49.56 30.31 -7.86
N UNK H 135 50.57 31.01 -7.30
CA UNK H 135 51.96 30.51 -7.24
C UNK H 135 52.07 29.35 -6.24
N UNK H 136 51.77 29.64 -4.97
CA UNK H 136 51.92 28.67 -3.92
C UNK H 136 50.53 28.14 -3.55
N UNK H 137 50.34 26.83 -3.71
CA UNK H 137 49.21 26.14 -3.01
C UNK H 137 49.44 26.23 -1.49
N UNK H 138 50.70 26.11 -1.06
CA UNK H 138 51.19 26.48 0.30
C UNK H 138 50.47 25.87 1.46
N UNK H 139 50.03 24.62 1.37
CA UNK H 139 49.51 23.89 2.56
C UNK H 139 50.61 23.31 3.42
N UNK H 140 51.86 23.58 3.03
CA UNK H 140 53.07 23.54 3.84
C UNK H 140 52.85 24.16 5.19
N UNK H 141 52.98 23.32 6.23
CA UNK H 141 52.79 23.67 7.61
C UNK H 141 51.44 24.40 7.84
N UNK H 142 50.35 23.71 7.57
CA UNK H 142 49.01 24.28 7.75
C UNK H 142 48.23 23.63 8.95
N UNK H 143 48.53 22.38 9.30
CA UNK H 143 47.85 21.73 10.45
C UNK H 143 48.41 22.16 11.78
N UNK H 144 47.78 21.70 12.87
CA UNK H 144 48.24 22.04 14.21
C UNK H 144 48.81 20.88 15.00
N UNK H 145 47.90 19.96 15.34
CA UNK H 145 48.21 18.73 16.14
C UNK H 145 47.05 17.71 16.05
N UNK H 146 47.30 16.42 16.37
CA UNK H 146 46.50 15.24 15.83
C UNK H 146 45.78 14.41 16.91
N UNK H 147 55.93 -3.92 33.11
CA UNK H 147 56.38 -3.64 31.78
C UNK H 147 57.09 -2.26 31.59
N UNK H 148 58.10 -1.90 32.40
CA UNK H 148 58.93 -0.65 32.11
C UNK H 148 60.05 -0.94 31.09
N UNK H 149 60.85 -1.95 31.42
CA UNK H 149 61.96 -2.40 30.54
C UNK H 149 61.43 -3.00 29.23
N UNK H 150 60.31 -3.71 29.32
CA UNK H 150 59.58 -4.22 28.16
C UNK H 150 59.07 -3.07 27.29
N UNK H 151 58.58 -1.99 27.89
CA UNK H 151 58.13 -0.81 27.16
C UNK H 151 59.28 -0.13 26.43
N UNK H 152 60.41 0.01 27.13
CA UNK H 152 61.59 0.61 26.52
C UNK H 152 62.12 -0.20 25.33
N UNK H 153 62.28 -1.51 25.53
CA UNK H 153 62.80 -2.38 24.49
C UNK H 153 61.83 -2.53 23.32
N UNK H 154 60.54 -2.61 23.62
CA UNK H 154 59.50 -2.68 22.62
C UNK H 154 59.44 -1.38 21.82
N UNK H 155 59.64 -0.24 22.49
CA UNK H 155 59.64 1.06 21.83
C UNK H 155 60.84 1.21 20.91
N UNK H 156 62.00 0.76 21.37
CA UNK H 156 63.21 0.83 20.57
C UNK H 156 63.12 -0.08 19.31
N UNK H 157 62.70 -1.33 19.53
CA UNK H 157 62.58 -2.30 18.43
C UNK H 157 61.48 -1.86 17.46
N UNK H 158 60.40 -1.27 18.00
CA UNK H 158 59.29 -0.81 17.18
C UNK H 158 59.68 0.40 16.34
N UNK H 159 60.53 1.26 16.89
CA UNK H 159 61.00 2.42 16.15
C UNK H 159 61.93 2.00 15.00
N UNK H 160 62.81 1.02 15.30
CA UNK H 160 63.69 0.46 14.27
C UNK H 160 62.86 -0.18 13.15
N UNK H 161 61.81 -0.91 13.55
CA UNK H 161 60.95 -1.57 12.58
C UNK H 161 60.10 -0.59 11.81
N UNK H 162 59.71 0.51 12.43
CA UNK H 162 58.94 1.54 11.76
C UNK H 162 59.76 2.24 10.71
N UNK H 163 61.06 2.44 10.98
CA UNK H 163 61.94 3.03 9.99
C UNK H 163 62.12 2.04 8.83
N UNK H 164 62.46 0.80 9.20
CA UNK H 164 62.85 -0.19 8.22
C UNK H 164 61.67 -0.66 7.36
N UNK H 165 60.51 -0.89 7.98
CA UNK H 165 59.27 -1.29 7.30
C UNK H 165 58.77 -0.26 6.32
N UNK H 166 59.04 1.02 6.61
CA UNK H 166 58.75 2.07 5.69
C UNK H 166 59.97 2.34 4.74
N UNK H 167 61.13 1.74 5.05
CA UNK H 167 62.40 1.83 4.23
C UNK H 167 63.00 3.25 4.14
N UNK H 168 72.38 -7.19 -1.43
CA UNK H 168 72.56 -5.72 -1.41
C UNK H 168 71.29 -5.06 -0.92
N UNK H 169 70.33 -4.94 -1.86
CA UNK H 169 69.04 -4.40 -1.58
C UNK H 169 68.06 -5.49 -1.00
N UNK H 170 67.80 -6.47 -1.88
CA UNK H 170 66.80 -7.49 -1.57
C UNK H 170 67.29 -8.42 -0.44
N UNK H 171 68.61 -8.62 -0.33
CA UNK H 171 69.20 -9.35 0.79
C UNK H 171 68.99 -8.65 2.13
N UNK H 172 69.14 -7.30 2.10
CA UNK H 172 68.88 -6.48 3.27
C UNK H 172 67.41 -6.66 3.71
N UNK H 173 66.51 -6.61 2.71
CA UNK H 173 65.08 -6.76 2.99
C UNK H 173 64.72 -8.13 3.55
N UNK H 174 65.32 -9.20 3.02
CA UNK H 174 65.01 -10.53 3.46
C UNK H 174 65.58 -10.82 4.87
N UNK H 175 66.79 -10.31 5.13
CA UNK H 175 67.37 -10.45 6.46
C UNK H 175 66.56 -9.66 7.52
N UNK H 176 66.04 -8.50 7.09
CA UNK H 176 65.15 -7.73 7.95
C UNK H 176 63.83 -8.45 8.21
N UNK H 177 63.30 -9.15 7.21
CA UNK H 177 62.11 -9.99 7.37
C UNK H 177 62.35 -11.09 8.41
N UNK H 178 63.55 -11.69 8.34
CA UNK H 178 63.93 -12.71 9.32
C UNK H 178 63.99 -12.17 10.76
N UNK H 179 64.73 -11.06 10.92
CA UNK H 179 64.91 -10.42 12.23
C UNK H 179 63.55 -9.94 12.81
N UNK H 180 62.68 -9.45 11.94
CA UNK H 180 61.37 -8.99 12.34
C UNK H 180 60.47 -10.15 12.76
N UNK H 181 60.58 -11.29 12.07
CA UNK H 181 59.78 -12.44 12.47
C UNK H 181 60.22 -12.95 13.85
N UNK H 182 61.55 -12.94 14.07
CA UNK H 182 62.09 -13.39 15.35
C UNK H 182 61.66 -12.43 16.48
N UNK H 183 61.75 -11.14 16.22
CA UNK H 183 61.40 -10.15 17.22
C UNK H 183 59.91 -10.13 17.49
N UNK H 184 59.09 -10.40 16.47
CA UNK H 184 57.63 -10.49 16.62
C UNK H 184 57.25 -11.70 17.49
N UNK H 185 57.97 -12.81 17.27
CA UNK H 185 57.72 -13.99 18.07
C UNK H 185 58.13 -13.74 19.54
N UNK H 186 59.29 -13.09 19.73
CA UNK H 186 59.79 -12.79 21.07
C UNK H 186 58.86 -11.82 21.81
N UNK H 187 58.33 -10.85 21.08
CA UNK H 187 57.43 -9.89 21.67
C UNK H 187 56.11 -10.53 22.03
N UNK H 188 55.63 -11.49 21.20
CA UNK H 188 54.39 -12.21 21.50
C UNK H 188 54.57 -13.05 22.77
N UNK H 189 55.75 -13.71 22.86
CA UNK H 189 56.09 -14.50 24.04
C UNK H 189 56.16 -13.66 25.30
N UNK H 190 56.71 -12.44 25.19
CA UNK H 190 56.80 -11.57 26.35
C UNK H 190 55.43 -11.01 26.72
N UNK H 191 54.59 -10.79 25.71
CA UNK H 191 53.36 -10.06 25.92
C UNK H 191 52.23 -10.93 26.40
N UNK H 192 52.36 -12.26 26.26
CA UNK H 192 51.33 -13.13 26.83
C UNK H 192 51.04 -12.94 28.35
N UNK H 193 52.09 -12.56 29.14
CA UNK H 193 51.96 -12.26 30.58
C UNK H 193 51.08 -11.05 30.94
N UNK H 194 50.00 -2.32 24.01
CA UNK H 194 50.34 -3.68 24.45
C UNK H 194 49.83 -4.74 23.45
N UNK H 195 48.52 -5.06 23.53
CA UNK H 195 47.86 -5.94 22.54
C UNK H 195 47.87 -5.32 21.15
N UNK H 196 47.76 -3.99 21.16
CA UNK H 196 48.03 -3.13 20.00
C UNK H 196 49.40 -3.42 19.38
N UNK H 197 50.44 -3.53 20.19
CA UNK H 197 51.79 -3.75 19.71
C UNK H 197 51.87 -5.16 19.09
N UNK H 198 51.15 -6.14 19.65
CA UNK H 198 51.19 -7.51 19.13
C UNK H 198 50.48 -7.67 17.77
N UNK H 199 49.28 -7.08 17.72
CA UNK H 199 48.51 -7.07 16.49
C UNK H 199 49.20 -6.26 15.41
N UNK H 200 49.82 -5.15 15.80
CA UNK H 200 50.61 -4.30 14.91
C UNK H 200 51.83 -5.06 14.42
N UNK H 201 52.44 -5.88 15.24
CA UNK H 201 53.55 -6.71 14.82
C UNK H 201 53.16 -7.69 13.70
N UNK H 202 52.10 -8.44 13.97
CA UNK H 202 51.63 -9.44 13.02
C UNK H 202 51.16 -8.82 11.68
N UNK H 203 50.25 -7.87 11.82
CA UNK H 203 49.69 -7.24 10.66
C UNK H 203 50.74 -6.33 9.96
N UNK H 204 51.72 -5.82 10.71
CA UNK H 204 52.81 -5.03 10.11
C UNK H 204 53.67 -5.84 9.22
N UNK H 205 54.12 -6.98 9.78
CA UNK H 205 54.91 -7.92 9.00
C UNK H 205 54.15 -8.31 7.71
N UNK H 206 52.86 -8.68 7.88
CA UNK H 206 52.02 -9.13 6.75
C UNK H 206 51.95 -8.09 5.64
N UNK H 207 51.40 -6.96 6.02
CA UNK H 207 51.09 -5.92 5.05
C UNK H 207 52.35 -5.35 4.40
N UNK H 208 53.39 -5.06 5.22
CA UNK H 208 54.55 -4.39 4.70
C UNK H 208 55.38 -5.34 3.81
N UNK H 209 55.47 -6.62 4.22
CA UNK H 209 56.20 -7.58 3.41
C UNK H 209 55.48 -7.82 2.07
N UNK H 210 54.14 -7.89 2.13
CA UNK H 210 53.37 -8.11 0.92
C UNK H 210 53.49 -6.93 -0.02
N UNK H 211 53.44 -5.70 0.52
CA UNK H 211 53.51 -4.52 -0.29
C UNK H 211 54.90 -4.30 -0.89
N UNK H 212 55.94 -4.66 -0.14
CA UNK H 212 57.29 -4.59 -0.66
C UNK H 212 57.51 -5.61 -1.78
N UNK H 213 56.88 -6.80 -1.62
CA UNK H 213 57.02 -7.83 -2.63
C UNK H 213 56.28 -7.48 -3.93
N UNK H 214 55.07 -6.94 -3.79
CA UNK H 214 54.27 -6.56 -4.95
C UNK H 214 54.71 -5.21 -5.56
N UNK H 215 55.53 -4.44 -4.82
CA UNK H 215 56.04 -3.16 -5.32
C UNK H 215 57.49 -3.18 -5.80
N UNK H 216 58.18 -4.32 -5.61
CA UNK H 216 59.62 -4.43 -5.93
C UNK H 216 60.00 -4.13 -7.45
N UNK H 217 14.55 -23.63 20.06
CA UNK H 217 13.19 -23.20 20.45
C UNK H 217 12.18 -23.51 19.37
N UNK H 218 12.53 -24.54 18.58
CA UNK H 218 11.81 -24.87 17.36
C UNK H 218 10.43 -25.57 17.68
N UNK H 219 10.20 -25.73 18.99
CA UNK H 219 8.93 -26.15 19.61
C UNK H 219 7.69 -25.51 19.03
N UNK H 220 7.71 -24.15 18.87
CA UNK H 220 6.47 -23.36 18.54
C UNK H 220 6.01 -23.82 17.14
N UNK H 221 6.99 -23.68 16.22
CA UNK H 221 6.74 -23.90 14.80
C UNK H 221 6.41 -25.35 14.50
N UNK H 222 7.19 -26.25 15.13
CA UNK H 222 7.07 -27.68 14.91
C UNK H 222 5.69 -28.17 15.37
N UNK H 223 5.33 -27.72 16.59
CA UNK H 223 4.07 -28.11 17.21
C UNK H 223 2.88 -27.55 16.41
N UNK H 224 3.05 -26.36 15.80
CA UNK H 224 1.93 -25.81 15.10
C UNK H 224 1.72 -26.53 13.77
N UNK H 225 2.82 -26.91 13.08
CA UNK H 225 2.61 -27.69 11.84
C UNK H 225 1.96 -29.11 12.17
N UNK H 226 2.36 -29.64 13.37
CA UNK H 226 1.67 -30.83 13.93
C UNK H 226 0.15 -30.65 14.22
N UNK H 227 -0.21 -29.47 14.71
CA UNK H 227 -1.63 -29.10 15.01
C UNK H 227 -2.44 -29.01 13.76
N UNK H 228 -1.81 -28.45 12.69
CA UNK H 228 -2.46 -28.37 11.36
C UNK H 228 -2.75 -29.76 10.89
N UNK H 229 -1.71 -30.64 11.03
CA UNK H 229 -1.84 -32.04 10.59
C UNK H 229 -2.94 -32.78 11.38
N UNK H 230 -3.04 -32.49 12.67
CA UNK H 230 -3.99 -33.18 13.50
C UNK H 230 -5.41 -32.74 13.23
N UNK H 231 -5.62 -31.44 12.97
CA UNK H 231 -6.96 -30.97 12.59
C UNK H 231 -7.39 -31.54 11.23
N UNK H 232 -6.41 -31.62 10.30
CA UNK H 232 -6.71 -32.22 9.02
C UNK H 232 -7.01 -33.75 9.14
N UNK H 233 -6.38 -34.43 10.08
CA UNK H 233 -6.70 -35.82 10.38
C UNK H 233 -8.11 -35.96 10.94
N UNK H 234 -8.46 -35.04 11.84
CA UNK H 234 -9.78 -35.00 12.44
C UNK H 234 -10.90 -34.71 11.46
N UNK H 235 -10.56 -34.05 10.34
CA UNK H 235 -11.55 -33.80 9.29
C UNK H 235 -12.32 -35.00 8.70
N UNK H 236 -11.81 -36.23 8.80
CA UNK H 236 -12.63 -37.47 8.44
C UNK H 236 -12.04 -38.67 9.14
N UNK H 237 7.81 -31.46 -6.45
CA UNK H 237 8.62 -30.25 -6.23
C UNK H 237 7.89 -29.20 -5.41
N UNK H 238 6.73 -29.57 -4.84
CA UNK H 238 6.04 -28.76 -3.82
C UNK H 238 6.44 -29.12 -2.38
N UNK H 239 7.70 -29.54 -2.20
CA UNK H 239 8.27 -29.74 -0.88
C UNK H 239 8.78 -28.45 -0.26
N UNK H 240 8.69 -27.30 -0.96
CA UNK H 240 9.20 -26.00 -0.43
C UNK H 240 8.37 -25.54 0.77
N UNK H 241 7.16 -25.17 0.44
CA UNK H 241 6.21 -24.75 1.44
C UNK H 241 5.70 -25.92 2.38
N UNK H 242 5.60 -27.16 1.84
CA UNK H 242 5.10 -28.34 2.63
C UNK H 242 6.09 -28.91 3.63
N UNK H 243 7.31 -28.38 3.64
CA UNK H 243 8.25 -28.66 4.71
C UNK H 243 8.61 -27.39 5.49
N UNK H 244 8.84 -26.27 4.78
CA UNK H 244 9.32 -25.01 5.38
C UNK H 244 8.26 -23.95 5.60
N UNK H 245 7.01 -24.39 5.67
CA UNK H 245 5.84 -23.61 5.91
C UNK H 245 5.93 -22.86 7.28
N UNK H 246 5.87 -23.67 8.34
CA UNK H 246 5.78 -23.19 9.71
C UNK H 246 7.07 -22.45 10.26
N UNK H 247 12.66 -30.06 13.62
CA UNK H 247 13.96 -29.38 13.78
C UNK H 247 14.99 -29.82 12.72
N UNK H 248 15.03 -31.13 12.45
CA UNK H 248 15.91 -31.68 11.43
C UNK H 248 15.21 -32.02 10.11
N UNK H 249 13.87 -31.98 10.10
CA UNK H 249 13.14 -32.06 8.82
C UNK H 249 13.47 -30.83 7.90
N UNK H 250 13.68 -29.69 8.56
CA UNK H 250 14.17 -28.48 7.88
C UNK H 250 15.54 -28.72 7.30
N UNK H 251 16.40 -29.46 7.99
CA UNK H 251 17.76 -29.77 7.50
C UNK H 251 17.70 -30.66 6.29
N UNK H 252 16.86 -31.72 6.38
CA UNK H 252 16.68 -32.64 5.26
C UNK H 252 15.99 -31.99 4.04
N UNK H 253 15.31 -30.86 4.26
CA UNK H 253 14.80 -30.05 3.15
C UNK H 253 15.77 -28.96 2.64
N UNK H 254 16.59 -28.41 3.55
CA UNK H 254 17.47 -27.25 3.25
C UNK H 254 18.71 -27.69 2.52
N UNK H 255 19.36 -28.73 3.02
CA UNK H 255 20.54 -29.26 2.31
C UNK H 255 20.17 -30.02 1.00
N UNK H 256 18.91 -30.43 0.84
CA UNK H 256 18.41 -31.09 -0.41
C UNK H 256 18.16 -30.10 -1.55
N UNK H 257 18.78 -49.92 7.36
CA UNK H 257 18.83 -50.22 8.81
C UNK H 257 19.33 -49.01 9.63
N UNK H 258 20.55 -48.56 9.30
CA UNK H 258 21.14 -47.37 9.92
C UNK H 258 20.44 -46.10 9.45
N UNK H 259 20.07 -46.06 8.16
CA UNK H 259 19.33 -44.96 7.57
C UNK H 259 17.95 -44.84 8.22
N UNK H 260 17.29 -46.00 8.42
CA UNK H 260 15.98 -46.05 9.05
C UNK H 260 16.02 -45.57 10.50
N UNK H 261 17.01 -46.05 11.27
CA UNK H 261 17.13 -45.71 12.66
C UNK H 261 17.49 -44.22 12.88
N UNK H 262 18.45 -43.74 12.08
CA UNK H 262 18.86 -42.35 12.10
C UNK H 262 17.69 -41.43 11.71
N UNK H 263 16.92 -41.84 10.70
CA UNK H 263 15.77 -41.09 10.26
C UNK H 263 14.68 -41.06 11.34
N UNK H 264 14.49 -42.18 12.05
CA UNK H 264 13.48 -42.27 13.08
C UNK H 264 13.81 -41.35 14.25
N UNK H 265 15.09 -41.38 14.67
CA UNK H 265 15.50 -40.54 15.77
C UNK H 265 15.45 -39.04 15.40
N UNK H 266 15.87 -38.72 14.16
CA UNK H 266 15.91 -37.34 13.71
C UNK H 266 14.50 -36.76 13.48
N UNK H 267 13.55 -37.62 13.10
CA UNK H 267 12.15 -37.18 12.97
C UNK H 267 11.49 -37.00 14.33
N UNK H 268 11.85 -37.85 15.29
CA UNK H 268 11.36 -37.67 16.66
C UNK H 268 11.96 -36.40 17.31
N UNK H 269 13.13 -35.99 16.83
CA UNK H 269 13.80 -34.80 17.38
C UNK H 269 13.10 -33.46 17.14
N UNK H 270 12.05 -33.42 16.31
CA UNK H 270 11.36 -32.17 15.93
C UNK H 270 10.65 -31.43 17.06
N UNK I 1 13.89 56.42 -36.67
CA UNK I 1 12.38 56.73 -36.57
C UNK I 1 11.94 57.24 -35.19
N UNK I 2 12.05 56.35 -34.23
CA UNK I 2 11.69 56.63 -32.84
C UNK I 2 12.65 55.85 -31.89
N UNK I 3 13.82 56.42 -31.64
CA UNK I 3 14.89 55.83 -30.88
C UNK I 3 15.19 56.71 -29.69
N UNK I 4 14.44 56.54 -28.59
CA UNK I 4 14.58 57.49 -27.43
C UNK I 4 15.24 56.85 -26.24
N UNK I 5 15.50 57.71 -25.21
CA UNK I 5 16.19 57.35 -23.91
C UNK I 5 15.61 56.09 -23.15
N UNK I 6 15.43 46.88 -27.75
CA UNK I 6 15.71 47.79 -26.68
C UNK I 6 14.85 49.07 -26.82
N UNK I 7 15.43 50.09 -27.42
CA UNK I 7 14.76 51.43 -27.49
C UNK I 7 15.10 52.05 -28.83
N UNK I 8 14.40 51.75 -29.93
CA UNK I 8 14.88 52.15 -31.27
C UNK I 8 13.87 52.16 -32.34
N UNK I 9 14.34 52.42 -33.56
CA UNK I 9 13.56 52.74 -34.75
C UNK I 9 12.60 51.72 -35.35
N UNK I 10 36.05 57.02 -15.09
CA UNK I 10 37.36 56.78 -14.49
C UNK I 10 38.04 55.55 -15.08
N UNK I 11 37.51 54.38 -14.71
CA UNK I 11 37.98 53.13 -15.21
C UNK I 11 37.65 52.95 -16.72
N UNK I 12 36.45 53.34 -17.13
CA UNK I 12 36.08 53.32 -18.52
C UNK I 12 36.84 54.33 -19.38
N UNK I 13 37.08 55.52 -18.85
CA UNK I 13 37.89 56.53 -19.50
C UNK I 13 39.35 56.08 -19.60
N UNK I 14 39.83 55.36 -18.56
CA UNK I 14 41.17 54.72 -18.58
C UNK I 14 41.23 53.67 -19.65
N UNK I 15 40.12 52.92 -19.83
CA UNK I 15 40.01 51.88 -20.88
C UNK I 15 40.09 52.51 -22.24
N UNK I 16 39.40 53.65 -22.42
CA UNK I 16 39.41 54.38 -23.70
C UNK I 16 40.79 54.92 -24.05
N UNK I 17 41.42 55.56 -23.07
CA UNK I 17 42.72 56.20 -23.29
C UNK I 17 43.80 55.15 -23.56
N UNK I 18 43.77 54.09 -22.74
CA UNK I 18 44.78 53.07 -22.84
C UNK I 18 44.52 52.14 -24.02
N UNK I 19 43.27 51.98 -24.44
CA UNK I 19 42.96 51.24 -25.69
C UNK I 19 43.44 52.04 -26.90
N UNK I 20 43.29 53.37 -26.85
CA UNK I 20 43.84 54.29 -27.87
C UNK I 20 45.36 54.25 -27.91
N UNK I 21 45.98 54.05 -26.76
CA UNK I 21 47.43 53.94 -26.72
C UNK I 21 47.91 52.49 -27.25
N UNK I 22 47.50 51.46 -26.53
CA UNK I 22 48.06 50.08 -26.68
C UNK I 22 47.35 49.20 -27.68
N UNK I 23 46.39 49.77 -28.40
CA UNK I 23 45.75 49.09 -29.52
C UNK I 23 46.72 48.58 -30.61
N UNK I 24 47.62 49.45 -31.12
CA UNK I 24 48.84 48.97 -31.90
C UNK I 24 50.05 48.54 -31.02
N UNK I 25 54.19 53.49 -10.24
CA UNK I 25 53.04 52.64 -10.45
C UNK I 25 53.30 51.45 -11.36
N UNK I 26 53.80 51.65 -12.59
CA UNK I 26 54.19 50.48 -13.41
C UNK I 26 55.47 49.80 -12.91
N UNK I 27 56.21 50.46 -12.04
CA UNK I 27 57.29 49.83 -11.26
C UNK I 27 56.75 48.68 -10.37
N UNK I 28 55.60 48.95 -9.75
CA UNK I 28 54.91 47.95 -8.97
C UNK I 28 54.46 46.78 -9.88
N UNK I 29 54.07 47.09 -11.12
CA UNK I 29 53.70 46.06 -12.08
C UNK I 29 54.90 45.22 -12.50
N UNK I 30 56.06 45.82 -12.62
CA UNK I 30 57.31 45.10 -12.87
C UNK I 30 57.62 44.13 -11.73
N UNK I 31 57.47 44.63 -10.48
CA UNK I 31 57.66 43.80 -9.30
C UNK I 31 56.72 42.56 -9.31
N UNK I 32 55.44 42.86 -9.49
CA UNK I 32 54.40 41.84 -9.51
C UNK I 32 54.60 40.83 -10.61
N UNK I 33 54.86 41.30 -11.83
CA UNK I 33 54.91 40.45 -13.03
C UNK I 33 56.13 39.55 -12.96
N UNK I 34 57.28 40.15 -12.60
CA UNK I 34 58.52 39.38 -12.50
C UNK I 34 58.43 38.32 -11.39
N UNK I 35 57.80 38.73 -10.26
CA UNK I 35 57.64 37.82 -9.13
C UNK I 35 56.71 36.66 -9.51
N UNK I 36 55.65 36.95 -10.27
CA UNK I 36 54.69 35.94 -10.60
C UNK I 36 55.17 35.00 -11.70
N UNK I 37 56.01 35.48 -12.62
CA UNK I 37 56.56 34.59 -13.65
C UNK I 37 57.81 33.80 -13.17
N UNK I 38 58.48 34.35 -12.13
CA UNK I 38 59.63 33.66 -11.52
C UNK I 38 59.28 32.76 -10.33
N UNK I 39 58.05 32.22 -10.29
CA UNK I 39 57.65 31.40 -9.10
C UNK I 39 58.03 29.93 -9.26
N UNK I 40 22.20 28.82 -45.11
CA UNK I 40 23.64 28.96 -45.11
C UNK I 40 24.03 30.44 -44.90
N UNK I 41 23.20 31.34 -45.44
CA UNK I 41 23.68 32.57 -46.07
C UNK I 41 23.72 33.70 -45.05
N UNK I 42 22.54 33.98 -44.49
CA UNK I 42 22.38 35.06 -43.50
C UNK I 42 23.04 34.65 -42.22
N UNK I 43 23.67 35.58 -41.52
CA UNK I 43 24.51 35.17 -40.38
C UNK I 43 24.54 36.12 -39.29
N UNK I 44 24.25 35.66 -38.07
CA UNK I 44 24.30 36.51 -36.89
C UNK I 44 25.74 36.75 -36.43
N UNK I 45 26.50 37.55 -37.18
CA UNK I 45 27.89 37.80 -36.86
C UNK I 45 27.95 38.73 -35.62
N UNK I 46 29.03 38.53 -34.86
CA UNK I 46 29.39 39.26 -33.66
C UNK I 46 29.79 40.70 -34.02
N UNK I 47 30.10 41.52 -33.04
CA UNK I 47 30.55 42.90 -33.35
C UNK I 47 31.96 42.88 -33.93
N UNK I 48 32.63 41.72 -33.81
CA UNK I 48 33.87 41.41 -34.48
C UNK I 48 33.88 41.67 -36.03
N UNK I 49 32.72 41.63 -36.65
CA UNK I 49 32.60 41.82 -38.08
C UNK I 49 32.87 43.27 -38.51
N UNK I 50 32.14 44.23 -37.95
CA UNK I 50 32.35 45.68 -38.26
C UNK I 50 33.66 46.16 -37.67
N UNK I 51 34.16 45.48 -36.64
CA UNK I 51 35.44 45.82 -36.04
C UNK I 51 36.62 45.11 -36.73
N UNK I 52 36.34 44.34 -37.79
CA UNK I 52 37.37 43.77 -38.67
C UNK I 52 37.54 44.68 -39.91
N UNK I 53 38.09 45.88 -39.65
CA UNK I 53 38.27 46.88 -40.69
C UNK I 53 39.50 47.72 -40.32
N UNK I 54 43.95 49.22 -41.51
CA UNK I 54 42.84 49.29 -40.56
C UNK I 54 42.69 50.63 -39.91
N UNK I 55 42.62 51.73 -40.66
CA UNK I 55 42.45 53.07 -40.04
C UNK I 55 41.03 53.28 -39.50
N UNK I 56 40.09 52.55 -40.06
CA UNK I 56 38.70 52.61 -39.58
C UNK I 56 38.50 51.98 -38.19
N UNK I 57 38.92 50.73 -38.00
CA UNK I 57 38.79 50.04 -36.70
C UNK I 57 39.65 50.73 -35.60
N UNK I 58 40.84 51.14 -36.00
CA UNK I 58 41.73 51.89 -35.15
C UNK I 58 41.16 53.27 -34.79
N UNK I 59 40.50 53.90 -35.76
CA UNK I 59 39.87 55.19 -35.53
C UNK I 59 38.68 55.05 -34.56
N UNK I 60 37.94 53.96 -34.70
CA UNK I 60 36.77 53.72 -33.86
C UNK I 60 37.17 53.44 -32.42
N UNK I 61 38.11 52.49 -32.25
CA UNK I 61 38.60 52.14 -30.90
C UNK I 61 39.34 53.32 -30.29
N UNK I 62 39.89 54.21 -31.11
CA UNK I 62 40.54 55.42 -30.59
C UNK I 62 39.54 56.53 -30.25
N UNK I 63 38.93 57.05 -31.31
CA UNK I 63 38.20 58.32 -31.25
C UNK I 63 36.89 58.26 -30.47
N UNK I 64 36.20 57.13 -30.51
CA UNK I 64 34.90 57.04 -29.90
C UNK I 64 35.00 56.91 -28.37
N UNK I 65 35.29 58.03 -27.74
CA UNK I 65 35.22 58.15 -26.29
C UNK I 65 33.81 58.66 -25.92
N UNK I 66 32.83 57.76 -25.95
CA UNK I 66 31.44 58.07 -25.38
C UNK I 66 30.69 59.27 -25.97
N UNK I 67 32.84 54.97 -24.48
CA UNK I 67 31.72 54.02 -24.40
C UNK I 67 31.86 52.88 -25.41
N UNK I 68 32.64 53.07 -26.44
CA UNK I 68 33.07 51.94 -27.22
C UNK I 68 34.18 51.12 -26.64
N UNK I 69 34.88 51.66 -25.65
CA UNK I 69 35.88 50.94 -24.92
C UNK I 69 35.39 49.73 -24.11
N UNK I 70 34.40 50.03 -23.25
CA UNK I 70 33.78 49.03 -22.38
C UNK I 70 33.15 47.92 -23.26
N UNK I 71 32.36 48.41 -24.19
CA UNK I 71 31.64 47.59 -25.03
C UNK I 71 32.59 46.77 -25.92
N UNK I 72 33.68 47.38 -26.37
CA UNK I 72 34.58 46.68 -27.27
C UNK I 72 35.36 45.65 -26.55
N UNK I 73 35.50 45.79 -25.21
CA UNK I 73 36.07 44.69 -24.39
C UNK I 73 35.10 43.50 -24.32
N UNK I 74 33.84 43.81 -23.94
CA UNK I 74 32.78 42.80 -23.77
C UNK I 74 32.36 42.13 -25.08
N UNK I 75 32.73 42.70 -26.24
CA UNK I 75 32.38 42.17 -27.57
C UNK I 75 32.97 40.75 -27.78
N UNK I 76 34.27 40.68 -27.95
CA UNK I 76 34.93 39.34 -27.99
C UNK I 76 35.54 39.27 -26.58
N UNK I 77 34.64 38.86 -25.70
CA UNK I 77 34.98 38.62 -24.30
C UNK I 77 35.52 37.20 -24.15
N UNK I 78 36.51 36.86 -24.99
CA UNK I 78 37.23 35.63 -24.83
C UNK I 78 38.02 35.75 -23.52
N UNK I 79 37.50 35.08 -22.48
CA UNK I 79 37.85 35.38 -21.10
C UNK I 79 39.30 35.11 -20.77
N UNK I 80 39.93 34.21 -21.56
CA UNK I 80 41.41 33.98 -21.61
C UNK I 80 42.12 35.34 -21.83
N UNK I 81 41.95 35.78 -23.08
CA UNK I 81 42.60 36.97 -23.59
C UNK I 81 41.97 38.22 -22.89
N UNK I 82 40.69 38.14 -22.49
CA UNK I 82 40.03 39.26 -21.80
C UNK I 82 40.60 39.44 -20.38
N UNK I 83 40.88 38.34 -19.73
CA UNK I 83 41.42 38.42 -18.39
C UNK I 83 42.86 38.94 -18.45
N UNK I 84 43.65 38.39 -19.41
CA UNK I 84 45.03 38.81 -19.57
C UNK I 84 45.07 40.40 -19.85
N UNK I 85 44.16 40.81 -20.71
CA UNK I 85 44.14 42.18 -21.07
C UNK I 85 43.58 43.07 -19.93
N UNK I 86 42.69 42.58 -19.10
CA UNK I 86 42.24 43.35 -17.98
C UNK I 86 43.39 43.56 -16.98
N UNK I 87 44.24 42.54 -16.81
CA UNK I 87 45.43 42.75 -15.96
C UNK I 87 46.45 43.76 -16.55
N UNK I 88 46.73 43.64 -17.85
CA UNK I 88 47.68 44.61 -18.47
C UNK I 88 47.10 46.06 -18.59
N UNK I 89 45.78 46.13 -18.68
CA UNK I 89 45.13 47.41 -18.66
C UNK I 89 45.11 48.02 -17.27
N UNK I 90 45.04 47.21 -16.24
CA UNK I 90 45.27 47.74 -14.91
C UNK I 90 46.69 48.17 -14.77
N UNK I 91 47.64 47.52 -15.49
CA UNK I 91 49.02 48.03 -15.55
C UNK I 91 49.16 49.35 -16.30
N UNK I 92 48.18 49.66 -17.13
CA UNK I 92 48.07 51.03 -17.67
C UNK I 92 47.57 52.05 -16.64
N UNK I 93 46.98 51.58 -15.55
CA UNK I 93 46.50 52.45 -14.47
C UNK I 93 47.62 52.58 -13.44
N UNK I 94 1.74 41.55 -30.66
CA UNK I 94 2.55 40.50 -31.23
C UNK I 94 1.79 39.28 -31.55
N UNK I 95 0.53 39.15 -31.09
CA UNK I 95 -0.32 37.97 -31.27
C UNK I 95 -0.43 37.61 -32.75
N UNK I 96 -0.71 38.64 -33.57
CA UNK I 96 -0.80 38.59 -35.01
C UNK I 96 0.50 37.98 -35.69
N UNK I 97 1.57 38.67 -35.34
CA UNK I 97 2.89 38.42 -35.92
C UNK I 97 3.44 37.10 -35.45
N UNK I 98 3.22 36.81 -34.14
CA UNK I 98 3.68 35.54 -33.55
C UNK I 98 2.91 34.41 -34.21
N UNK I 99 1.61 34.61 -34.47
CA UNK I 99 0.83 33.55 -35.11
C UNK I 99 1.36 33.28 -36.51
N UNK I 100 1.68 34.36 -37.24
CA UNK I 100 2.17 34.16 -38.58
C UNK I 100 3.58 33.49 -38.63
N UNK I 101 4.44 33.90 -37.70
CA UNK I 101 5.77 33.36 -37.60
C UNK I 101 5.71 31.93 -37.20
N UNK I 102 4.84 31.58 -36.26
CA UNK I 102 4.66 30.19 -35.84
C UNK I 102 4.08 29.34 -36.98
N UNK I 103 3.26 29.92 -37.84
CA UNK I 103 2.80 29.21 -38.99
C UNK I 103 3.91 28.82 -39.92
N UNK I 104 4.69 29.89 -40.20
CA UNK I 104 5.89 29.73 -41.04
C UNK I 104 6.80 28.65 -40.49
N UNK I 105 6.92 28.59 -39.16
CA UNK I 105 7.64 27.52 -38.45
C UNK I 105 7.02 26.22 -38.77
N UNK I 106 5.69 26.18 -38.70
CA UNK I 106 4.96 24.96 -38.50
C UNK I 106 5.06 23.96 -39.63
N UNK I 107 4.99 24.43 -40.85
CA UNK I 107 4.89 23.45 -41.90
C UNK I 107 6.14 22.47 -42.17
N UNK I 108 7.24 23.09 -42.64
CA UNK I 108 8.05 22.53 -43.83
C UNK I 108 9.12 21.73 -43.17
N UNK I 109 11.36 58.41 -45.02
CA UNK I 109 11.58 57.38 -44.01
C UNK I 109 11.25 55.99 -44.54
N UNK I 110 9.98 55.94 -44.97
CA UNK I 110 9.37 54.77 -45.52
C UNK I 110 10.13 54.33 -46.81
N UNK I 111 10.62 55.28 -47.61
CA UNK I 111 11.43 54.99 -48.78
C UNK I 111 12.76 54.34 -48.46
N UNK I 112 13.42 54.82 -47.41
CA UNK I 112 14.71 54.27 -46.99
C UNK I 112 14.54 52.86 -46.42
N UNK I 113 13.51 52.71 -45.58
CA UNK I 113 13.27 51.43 -44.96
C UNK I 113 12.84 50.40 -46.05
N UNK I 114 12.06 50.85 -47.06
CA UNK I 114 11.64 49.99 -48.16
C UNK I 114 12.80 49.61 -49.07
N UNK I 115 13.75 50.51 -49.29
CA UNK I 115 14.95 50.18 -50.05
C UNK I 115 15.81 49.15 -49.27
N UNK I 116 15.86 49.30 -47.94
CA UNK I 116 16.59 48.35 -47.10
C UNK I 116 15.93 46.94 -47.14
N UNK I 117 14.62 46.86 -46.93
CA UNK I 117 13.91 45.57 -46.93
C UNK I 117 13.63 44.99 -48.35
N UNK I 118 13.85 45.79 -49.39
CA UNK I 118 13.88 45.27 -50.77
C UNK I 118 15.33 44.94 -51.16
N UNK I 119 16.31 45.38 -50.35
CA UNK I 119 17.68 44.82 -50.37
C UNK I 119 17.85 43.61 -49.39
N UNK I 120 16.78 42.84 -49.13
CA UNK I 120 16.81 41.65 -48.23
C UNK I 120 16.01 40.47 -48.79
N UNK I 121 6.94 53.15 -18.18
CA UNK I 121 7.64 53.57 -19.40
C UNK I 121 6.80 53.30 -20.67
N UNK I 122 7.31 53.69 -21.85
CA UNK I 122 6.63 53.44 -23.14
C UNK I 122 7.15 52.11 -23.80
N UNK I 123 7.32 51.11 -22.91
CA UNK I 123 7.81 49.78 -23.23
C UNK I 123 6.90 49.13 -24.34
N UNK I 124 5.61 49.33 -24.15
CA UNK I 124 4.64 48.77 -25.07
C UNK I 124 4.72 49.44 -26.44
N UNK I 125 4.98 50.75 -26.48
CA UNK I 125 5.15 51.46 -27.77
C UNK I 125 6.38 50.97 -28.49
N UNK I 126 7.44 50.65 -27.72
CA UNK I 126 8.64 50.10 -28.33
C UNK I 126 8.35 48.72 -28.98
N UNK I 127 7.63 47.90 -28.18
CA UNK I 127 7.29 46.60 -28.66
C UNK I 127 6.40 46.72 -29.96
N UNK I 128 5.51 47.70 -29.98
CA UNK I 128 4.66 47.92 -31.11
C UNK I 128 5.41 48.42 -32.34
N UNK I 129 6.44 49.24 -32.15
CA UNK I 129 7.22 49.69 -33.28
C UNK I 129 7.97 48.50 -33.87
N UNK I 130 8.45 47.62 -32.97
CA UNK I 130 9.14 46.40 -33.43
C UNK I 130 8.17 45.50 -34.22
N UNK I 131 6.95 45.36 -33.73
CA UNK I 131 5.92 44.60 -34.40
C UNK I 131 5.50 45.21 -35.74
N UNK I 132 5.50 46.52 -35.79
CA UNK I 132 5.16 47.25 -37.01
C UNK I 132 6.16 47.00 -38.10
N UNK I 133 7.43 47.18 -37.71
CA UNK I 133 8.50 46.95 -38.64
C UNK I 133 8.49 45.46 -39.13
N UNK I 134 8.41 44.55 -38.15
CA UNK I 134 8.45 43.16 -38.45
C UNK I 134 7.21 42.66 -39.21
N UNK I 135 6.09 43.39 -39.13
CA UNK I 135 4.86 42.98 -39.78
C UNK I 135 4.76 43.51 -41.19
N UNK I 136 5.21 44.76 -41.38
CA UNK I 136 5.31 45.31 -42.74
C UNK I 136 6.39 44.61 -43.55
N UNK I 137 7.40 44.04 -42.88
CA UNK I 137 8.36 43.16 -43.58
C UNK I 137 7.69 41.89 -44.08
N UNK I 138 6.72 41.41 -43.28
CA UNK I 138 5.97 40.22 -43.65
C UNK I 138 4.93 40.61 -44.68
N UNK I 139 57.04 52.77 -23.67
CA UNK I 139 56.48 51.43 -23.76
C UNK I 139 57.04 50.53 -22.64
N UNK I 140 56.69 50.87 -21.40
CA UNK I 140 57.19 50.11 -20.26
C UNK I 140 56.27 48.92 -20.00
N UNK I 141 55.05 49.24 -19.60
CA UNK I 141 54.12 48.23 -19.07
C UNK I 141 53.68 47.25 -20.19
N UNK I 142 53.19 47.85 -21.28
CA UNK I 142 52.66 47.07 -22.41
C UNK I 142 53.69 46.19 -23.13
N UNK I 143 54.80 46.76 -23.53
CA UNK I 143 55.85 45.98 -24.21
C UNK I 143 56.57 45.07 -23.24
N UNK I 144 56.61 45.46 -21.96
CA UNK I 144 57.23 44.60 -20.92
C UNK I 144 56.41 43.32 -20.74
N UNK I 145 55.10 43.46 -20.61
CA UNK I 145 54.27 42.29 -20.44
C UNK I 145 54.13 41.45 -21.73
N UNK I 146 54.10 42.14 -22.90
CA UNK I 146 54.02 41.46 -24.21
C UNK I 146 55.32 40.73 -24.55
N UNK I 147 56.44 41.13 -23.93
CA UNK I 147 57.66 40.39 -24.10
C UNK I 147 57.77 39.26 -23.05
N UNK I 148 57.30 39.53 -21.84
CA UNK I 148 57.45 38.58 -20.75
C UNK I 148 56.57 37.34 -20.91
N UNK I 149 55.26 37.54 -21.04
CA UNK I 149 54.33 36.36 -21.11
C UNK I 149 54.42 35.71 -22.45
N UNK I 150 55.12 36.39 -23.45
CA UNK I 150 55.46 35.76 -24.76
C UNK I 150 56.31 34.51 -24.53
N UNK I 151 57.18 34.54 -23.53
CA UNK I 151 57.97 33.40 -23.16
C UNK I 151 57.22 32.58 -22.10
N UNK I 152 15.24 28.33 -47.24
CA UNK I 152 14.27 29.12 -46.56
C UNK I 152 14.41 29.12 -44.95
N UNK I 153 15.12 28.20 -44.28
CA UNK I 153 14.97 28.09 -42.80
C UNK I 153 16.18 27.42 -42.08
N UNK I 154 16.25 27.29 -40.75
CA UNK I 154 17.48 26.69 -40.10
C UNK I 154 17.21 25.89 -38.86
N UNK I 155 18.13 24.98 -38.53
CA UNK I 155 18.05 24.17 -37.28
C UNK I 155 18.19 24.96 -36.02
N UNK I 156 19.27 25.74 -36.01
CA UNK I 156 19.65 26.50 -34.81
C UNK I 156 18.61 27.62 -34.54
N UNK I 157 18.01 28.14 -35.61
CA UNK I 157 16.96 29.15 -35.45
C UNK I 157 15.67 28.60 -34.79
N UNK I 158 15.09 27.53 -35.31
CA UNK I 158 13.90 26.90 -34.74
C UNK I 158 14.18 26.41 -33.32
N UNK I 159 15.33 25.78 -33.15
CA UNK I 159 15.70 25.28 -31.84
C UNK I 159 15.96 26.43 -30.79
N UNK I 160 16.55 27.53 -31.20
CA UNK I 160 16.81 28.67 -30.32
C UNK I 160 15.54 29.47 -29.98
N UNK I 161 14.63 29.57 -30.94
CA UNK I 161 13.30 30.19 -30.67
C UNK I 161 12.53 29.35 -29.68
N UNK I 162 12.51 28.03 -29.94
CA UNK I 162 11.81 27.11 -29.06
C UNK I 162 12.47 26.91 -27.69
N UNK I 163 13.79 27.16 -27.60
CA UNK I 163 14.59 26.93 -26.37
C UNK I 163 14.93 28.24 -25.61
N UNK I 164 14.47 29.37 -26.17
CA UNK I 164 14.41 30.64 -25.43
C UNK I 164 12.99 31.08 -25.12
N UNK I 165 12.00 30.72 -25.96
CA UNK I 165 10.63 31.33 -25.85
C UNK I 165 9.62 30.37 -25.33
N UNK I 166 9.87 29.61 -24.23
CA UNK I 166 8.77 28.64 -23.73
C UNK I 166 8.19 28.64 -22.17
N UNK I 167 -7.98 26.06 -37.98
CA UNK I 167 -9.29 25.85 -38.71
C UNK I 167 -10.30 26.75 -38.09
N UNK I 168 -10.84 26.29 -36.93
CA UNK I 168 -12.02 26.90 -36.25
C UNK I 168 -11.57 28.26 -35.69
N UNK I 169 -12.09 29.31 -36.34
CA UNK I 169 -11.83 30.68 -35.96
C UNK I 169 -12.82 31.15 -34.87
N UNK I 170 -12.24 31.47 -33.69
CA UNK I 170 -12.87 32.28 -32.66
C UNK I 170 -11.69 33.03 -31.91
N UNK I 171 -11.36 34.21 -32.41
CA UNK I 171 -10.09 34.89 -32.10
C UNK I 171 -10.39 36.22 -31.38
N UNK I 172 2.12 20.13 -36.53
CA UNK I 172 0.81 20.34 -35.82
C UNK I 172 0.87 21.37 -34.71
N UNK I 173 0.03 22.42 -34.68
CA UNK I 173 0.12 23.50 -33.66
C UNK I 173 -1.21 24.19 -33.36
N UNK I 174 -1.51 24.55 -32.13
CA UNK I 174 -2.75 25.28 -31.73
C UNK I 174 -2.35 26.53 -31.07
N UNK I 175 -3.04 27.62 -31.37
CA UNK I 175 -2.68 28.94 -30.80
C UNK I 175 -3.71 29.39 -29.76
N UNK I 176 -3.31 29.29 -28.51
CA UNK I 176 -4.20 29.65 -27.40
C UNK I 176 -4.37 31.12 -27.25
N UNK I 177 -7.72 32.96 -25.76
CA UNK I 177 -8.38 33.09 -27.07
C UNK I 177 -7.69 32.30 -28.21
N UNK I 178 -8.31 31.23 -28.67
CA UNK I 178 -7.60 30.16 -29.38
C UNK I 178 -8.05 30.03 -30.81
N UNK I 179 -7.21 29.36 -31.61
CA UNK I 179 -7.61 28.78 -32.91
C UNK I 179 -6.71 27.56 -33.13
N UNK I 180 -7.36 26.46 -33.46
CA UNK I 180 -6.80 25.16 -33.22
C UNK I 180 -6.28 24.67 -34.57
N UNK I 181 -5.28 23.79 -34.49
CA UNK I 181 -4.62 23.13 -35.62
C UNK I 181 -4.21 24.16 -36.70
N UNK I 182 -3.28 25.01 -36.30
CA UNK I 182 -2.61 25.94 -37.18
C UNK I 182 -1.31 25.32 -37.76
N UNK I 183 -1.41 24.50 -38.80
CA UNK I 183 -0.25 24.12 -39.57
C UNK I 183 -0.36 24.67 -41.01
N UNK I 184 29.92 56.18 -41.83
CA UNK I 184 30.42 54.93 -41.17
C UNK I 184 30.83 55.04 -39.68
N UNK I 185 31.54 56.13 -39.37
CA UNK I 185 32.24 56.25 -38.08
C UNK I 185 31.30 56.75 -37.02
N UNK I 186 30.84 57.96 -37.29
CA UNK I 186 29.97 58.70 -36.43
C UNK I 186 28.68 57.93 -36.12
N UNK I 187 28.16 57.26 -37.15
CA UNK I 187 26.96 56.46 -37.07
C UNK I 187 27.03 55.31 -36.06
N UNK I 188 28.01 54.43 -36.26
CA UNK I 188 28.19 53.23 -35.40
C UNK I 188 28.53 53.66 -33.98
N UNK I 189 29.33 54.74 -33.87
CA UNK I 189 29.66 55.31 -32.55
C UNK I 189 28.43 55.78 -31.81
N UNK I 190 27.56 56.54 -32.49
CA UNK I 190 26.35 57.08 -31.87
C UNK I 190 25.40 55.97 -31.49
N UNK I 191 25.35 54.93 -32.34
CA UNK I 191 24.44 53.80 -32.11
C UNK I 191 24.87 53.03 -30.87
N UNK I 192 26.17 52.83 -30.71
CA UNK I 192 26.59 52.12 -29.53
C UNK I 192 26.44 53.02 -28.36
N UNK I 193 26.78 54.29 -28.51
CA UNK I 193 26.79 55.23 -27.38
C UNK I 193 25.39 55.46 -26.82
N UNK I 194 24.35 55.22 -27.62
CA UNK I 194 23.00 55.19 -27.04
C UNK I 194 22.79 54.01 -26.03
N UNK I 195 23.38 52.84 -26.27
CA UNK I 195 23.32 51.72 -25.25
C UNK I 195 24.21 52.01 -24.00
N UNK I 196 2.46 32.41 -26.15
CA UNK I 196 1.47 31.83 -25.25
C UNK I 196 0.55 30.73 -25.85
N UNK I 197 1.12 29.75 -26.54
CA UNK I 197 0.42 28.80 -27.40
C UNK I 197 1.15 27.43 -27.42
N UNK I 198 0.50 26.37 -27.87
CA UNK I 198 1.10 25.03 -27.78
C UNK I 198 1.23 24.48 -29.22
N UNK I 199 2.46 24.46 -29.74
CA UNK I 199 2.73 23.61 -30.91
C UNK I 199 2.99 22.23 -30.39
N UNK I 200 2.04 21.32 -30.60
CA UNK I 200 2.31 19.91 -30.30
C UNK I 200 2.82 19.19 -31.57
N UNK I 201 3.89 19.67 -32.17
CA UNK I 201 4.36 19.10 -33.41
C UNK I 201 5.06 17.79 -33.02
N UNK I 202 4.71 16.73 -33.76
CA UNK I 202 5.01 15.35 -33.44
C UNK I 202 4.56 15.04 -32.02
N UNK I 203 3.63 15.82 -31.43
CA UNK I 203 2.95 15.58 -30.17
C UNK I 203 3.72 14.90 -29.08
N UNK I 204 5.05 14.99 -29.07
CA UNK I 204 5.72 14.63 -27.83
C UNK I 204 5.54 15.94 -26.90
N UNK I 205 5.97 17.21 -27.26
CA UNK I 205 5.25 18.46 -26.78
C UNK I 205 6.01 19.78 -27.03
N UNK I 206 5.37 20.93 -27.07
CA UNK I 206 6.09 22.16 -26.82
C UNK I 206 5.09 23.29 -26.54
N UNK I 207 4.98 23.67 -25.27
CA UNK I 207 4.11 24.78 -24.90
C UNK I 207 4.83 26.16 -24.81
N UNK I 208 4.98 26.86 -25.96
CA UNK I 208 5.81 28.02 -26.13
C UNK I 208 5.15 29.39 -25.76
N UNK I 209 5.90 30.33 -25.25
CA UNK I 209 5.52 31.70 -24.85
C UNK I 209 5.93 32.74 -25.95
N UNK I 210 13.53 33.76 -32.45
CA UNK I 210 14.30 35.05 -32.30
C UNK I 210 13.88 36.04 -33.34
N UNK I 211 14.26 37.29 -33.13
CA UNK I 211 14.09 38.29 -34.20
C UNK I 211 15.08 38.04 -35.35
N UNK I 212 16.17 37.37 -35.04
CA UNK I 212 17.13 36.87 -36.00
C UNK I 212 16.45 35.86 -36.95
N UNK I 213 15.55 35.05 -36.41
CA UNK I 213 14.78 34.10 -37.20
C UNK I 213 13.85 34.79 -38.16
N UNK I 214 13.23 35.89 -37.73
CA UNK I 214 12.31 36.62 -38.62
C UNK I 214 13.08 37.27 -39.72
N UNK I 215 14.20 37.94 -39.34
CA UNK I 215 15.01 38.67 -40.30
C UNK I 215 15.68 37.71 -41.31
N UNK I 216 15.93 36.48 -40.89
CA UNK I 216 16.43 35.46 -41.83
C UNK I 216 15.35 34.74 -42.58
N UNK I 217 14.12 34.82 -42.09
CA UNK I 217 12.97 34.29 -42.83
C UNK I 217 12.73 35.19 -44.02
N UNK I 218 12.64 36.49 -43.77
CA UNK I 218 12.41 37.44 -44.87
C UNK I 218 13.54 37.55 -45.90
N UNK I 219 14.74 37.04 -45.54
CA UNK I 219 15.87 36.99 -46.45
C UNK I 219 15.64 36.04 -47.65
N UNK I 220 26.77 50.68 -46.13
CA UNK I 220 25.98 49.49 -45.77
C UNK I 220 25.82 49.31 -44.22
N UNK I 221 26.41 50.23 -43.44
CA UNK I 221 26.59 50.00 -42.02
C UNK I 221 25.30 50.18 -41.23
N UNK I 222 24.41 51.04 -41.74
CA UNK I 222 23.08 51.18 -41.07
C UNK I 222 22.30 49.86 -41.28
N UNK I 223 22.44 49.24 -42.46
CA UNK I 223 21.76 47.99 -42.77
C UNK I 223 22.21 46.78 -41.87
N UNK I 224 23.51 46.54 -41.92
CA UNK I 224 24.01 45.38 -41.19
C UNK I 224 24.01 45.67 -39.66
N UNK I 225 24.13 46.93 -39.27
CA UNK I 225 23.94 47.27 -37.87
C UNK I 225 22.50 47.08 -37.44
N UNK I 226 21.54 47.31 -38.34
CA UNK I 226 20.14 46.97 -38.07
C UNK I 226 20.09 45.47 -37.78
N UNK I 227 20.77 44.65 -38.61
CA UNK I 227 20.78 43.17 -38.41
C UNK I 227 21.27 42.73 -36.96
N UNK I 228 22.52 43.16 -36.65
CA UNK I 228 23.25 42.84 -35.34
C UNK I 228 22.84 43.73 -34.12
N UNK I 229 21.79 44.54 -34.36
CA UNK I 229 21.11 45.18 -33.24
C UNK I 229 19.60 44.76 -33.20
N UNK I 230 19.09 44.12 -34.25
CA UNK I 230 17.68 43.74 -34.34
C UNK I 230 17.33 42.39 -33.80
N UNK I 231 18.20 41.44 -34.18
CA UNK I 231 18.25 40.10 -33.59
C UNK I 231 18.04 40.15 -32.00
N UNK I 232 19.05 40.75 -31.38
CA UNK I 232 19.16 40.66 -29.97
C UNK I 232 17.61 41.08 -29.48
N UNK J 1 -18.16 33.23 -30.00
CA UNK J 1 -17.60 32.04 -29.25
C UNK J 1 -16.41 32.47 -28.43
N UNK J 2 -15.85 33.59 -28.84
CA UNK J 2 -14.64 34.11 -28.27
C UNK J 2 -14.83 34.64 -26.86
N UNK J 3 -16.06 35.03 -26.53
CA UNK J 3 -16.37 35.55 -25.21
C UNK J 3 -16.27 34.47 -24.16
N UNK J 4 -16.59 33.22 -24.54
CA UNK J 4 -16.42 32.07 -23.63
C UNK J 4 -14.95 31.86 -23.31
N UNK J 5 -14.10 32.06 -24.32
CA UNK J 5 -12.65 31.96 -24.13
C UNK J 5 -12.15 33.11 -23.24
N UNK J 6 -12.71 34.32 -23.40
CA UNK J 6 -12.35 35.46 -22.55
C UNK J 6 -12.72 35.24 -21.08
N UNK J 7 -13.87 34.59 -20.89
CA UNK J 7 -14.35 34.26 -19.55
C UNK J 7 -13.48 33.19 -18.92
N UNK J 8 -13.11 32.16 -19.71
CA UNK J 8 -12.26 31.06 -19.23
C UNK J 8 -10.83 31.63 -18.91
N UNK J 9 -10.40 32.68 -19.63
CA UNK J 9 -9.10 33.36 -19.33
C UNK J 9 -9.18 34.12 -18.06
N UNK J 10 -10.28 34.89 -17.91
CA UNK J 10 -10.53 35.76 -16.74
C UNK J 10 -10.69 34.93 -15.46
N UNK J 11 -11.23 33.72 -15.59
CA UNK J 11 -11.42 32.85 -14.43
C UNK J 11 -10.32 31.76 -14.28
N UNK J 12 -9.41 31.62 -15.24
CA UNK J 12 -8.34 30.54 -15.21
C UNK J 12 -7.08 31.00 -14.47
N UNK J 13 -6.75 32.28 -14.65
CA UNK J 13 -5.67 32.91 -13.92
C UNK J 13 -5.97 34.39 -13.79
N UNK J 14 -18.42 26.24 -26.01
CA UNK J 14 -19.03 26.26 -24.55
C UNK J 14 -20.48 26.36 -24.57
N UNK J 15 -21.06 26.74 -25.71
CA UNK J 15 -22.46 27.06 -25.78
C UNK J 15 -23.30 26.10 -26.64
N UNK J 16 -23.09 26.18 -27.95
CA UNK J 16 -24.03 25.49 -28.87
C UNK J 16 -23.72 24.00 -28.93
N UNK J 17 -22.44 23.64 -28.89
CA UNK J 17 -22.08 22.22 -28.81
C UNK J 17 -22.45 21.65 -27.42
N UNK J 18 -22.47 22.47 -26.37
CA UNK J 18 -22.98 22.03 -25.04
C UNK J 18 -24.48 21.76 -25.06
N UNK J 19 -25.20 22.59 -25.81
CA UNK J 19 -26.63 22.35 -26.04
C UNK J 19 -26.85 21.06 -26.82
N UNK J 20 -26.01 20.81 -27.83
CA UNK J 20 -26.07 19.56 -28.60
C UNK J 20 -25.76 18.34 -27.74
N UNK J 21 -24.89 18.54 -26.72
CA UNK J 21 -24.59 17.49 -25.77
C UNK J 21 -25.78 17.18 -24.88
N UNK J 22 -26.42 18.26 -24.39
CA UNK J 22 -27.60 18.11 -23.56
C UNK J 22 -28.77 17.50 -24.34
N UNK J 23 -28.77 17.66 -25.67
CA UNK J 23 -29.73 16.95 -26.52
C UNK J 23 -29.57 15.44 -26.46
N UNK J 24 -28.42 14.96 -26.90
CA UNK J 24 -28.19 13.47 -26.96
C UNK J 24 -26.73 13.26 -27.27
N UNK J 25 -30.42 11.86 -16.67
CA UNK J 25 -31.48 11.92 -17.70
C UNK J 25 -31.23 13.02 -18.82
N UNK J 26 -30.09 12.90 -19.50
CA UNK J 26 -29.45 14.04 -20.22
C UNK J 26 -29.22 15.28 -19.23
N UNK J 27 -28.42 14.92 -18.22
CA UNK J 27 -28.08 15.64 -16.95
C UNK J 27 -27.19 16.78 -17.10
N UNK J 28 -27.46 17.82 -16.34
CA UNK J 28 -26.67 19.08 -16.39
C UNK J 28 -25.47 19.10 -15.44
N UNK J 29 -25.33 18.03 -14.62
CA UNK J 29 -24.22 17.90 -13.70
C UNK J 29 -22.85 17.95 -14.47
N UNK J 30 -22.83 17.21 -15.61
CA UNK J 30 -21.84 17.30 -16.74
C UNK J 30 -21.52 18.77 -17.07
N UNK J 31 -22.58 19.46 -17.49
CA UNK J 31 -22.49 20.85 -17.98
C UNK J 31 -22.08 21.78 -16.80
N UNK J 32 -22.52 21.46 -15.58
CA UNK J 32 -22.29 22.35 -14.40
C UNK J 32 -20.85 22.35 -14.00
N UNK J 33 -20.47 21.19 -13.48
CA UNK J 33 -19.12 21.13 -12.87
C UNK J 33 -18.07 20.90 -14.04
N UNK J 34 -18.48 20.94 -15.34
CA UNK J 34 -17.53 20.97 -16.52
C UNK J 34 -16.85 22.30 -16.74
N UNK J 35 -17.67 23.28 -17.06
CA UNK J 35 -17.11 24.60 -17.24
C UNK J 35 -17.09 25.45 -15.93
N UNK J 36 -16.98 24.84 -14.74
CA UNK J 36 -17.09 25.62 -13.50
C UNK J 36 -15.72 26.20 -13.01
N UNK J 37 -8.05 24.32 -14.99
CA UNK J 37 -8.89 24.62 -16.10
C UNK J 37 -8.43 23.84 -17.42
N UNK J 38 -9.50 23.35 -18.05
CA UNK J 38 -9.50 22.82 -19.43
C UNK J 38 -10.02 23.83 -20.36
N UNK J 39 -9.08 24.45 -21.16
CA UNK J 39 -9.41 25.39 -22.28
C UNK J 39 -10.26 24.51 -23.26
N UNK J 40 -11.58 24.70 -23.24
CA UNK J 40 -12.57 23.79 -23.90
C UNK J 40 -13.05 24.40 -25.13
N UNK J 41 -13.25 23.62 -26.19
CA UNK J 41 -13.36 24.26 -27.53
C UNK J 41 -14.67 23.98 -28.10
N UNK J 42 -15.24 24.99 -28.77
CA UNK J 42 -16.55 24.74 -29.30
C UNK J 42 -16.24 24.01 -30.66
N UNK J 43 -17.05 22.96 -30.97
CA UNK J 43 -16.99 22.21 -32.23
C UNK J 43 -15.60 21.59 -32.60
N UNK J 44 -15.10 20.59 -31.92
CA UNK J 44 -15.78 19.93 -30.87
C UNK J 44 -14.94 19.63 -29.60
N UNK J 45 -13.63 19.56 -29.67
CA UNK J 45 -12.84 18.80 -28.64
C UNK J 45 -12.71 19.66 -27.25
N UNK J 46 -11.99 19.15 -26.30
CA UNK J 46 -11.40 20.00 -25.23
C UNK J 46 -9.89 19.79 -25.04
N UNK J 47 -9.18 20.79 -24.56
CA UNK J 47 -7.80 20.60 -24.16
C UNK J 47 -7.58 20.80 -22.56
N UNK J 48 -6.88 19.89 -21.84
CA UNK J 48 -6.51 20.06 -20.38
C UNK J 48 -5.02 20.48 -20.15
N UNK J 49 -4.61 20.88 -18.92
CA UNK J 49 -3.24 21.40 -18.62
C UNK J 49 -2.45 20.93 -17.22
N UNK J 50 2.35 20.32 -20.89
CA UNK J 50 1.62 19.31 -20.15
C UNK J 50 0.12 19.24 -20.55
N UNK J 51 -0.13 19.24 -21.85
CA UNK J 51 -1.53 19.36 -22.36
C UNK J 51 -2.12 17.96 -22.65
N UNK J 52 -3.37 17.70 -22.27
CA UNK J 52 -3.97 16.44 -22.66
C UNK J 52 -5.25 16.69 -23.51
N UNK J 53 -5.24 16.18 -24.76
CA UNK J 53 -6.34 16.47 -25.75
C UNK J 53 -7.43 15.38 -25.70
N UNK J 54 -8.58 15.73 -25.13
CA UNK J 54 -9.63 14.74 -24.91
C UNK J 54 -10.86 15.22 -25.80
N UNK J 55 -11.59 14.26 -26.34
CA UNK J 55 -13.00 14.52 -26.79
C UNK J 55 -13.86 13.30 -26.59
N UNK J 56 -12.62 10.11 -25.68
CA UNK J 56 -12.22 9.12 -24.69
C UNK J 56 -10.57 9.27 -24.63
N UNK J 57 -10.17 10.54 -24.40
CA UNK J 57 -8.80 10.96 -24.31
C UNK J 57 -7.99 10.57 -25.59
N UNK J 58 -8.26 11.29 -26.68
CA UNK J 58 -7.61 11.11 -28.01
C UNK J 58 -6.07 11.09 -28.04
N UNK J 59 -5.45 11.98 -27.29
CA UNK J 59 -4.00 11.90 -27.08
C UNK J 59 -3.56 12.63 -25.82
N UNK J 60 -2.79 11.98 -24.95
CA UNK J 60 -2.30 12.58 -23.70
C UNK J 60 -0.74 12.61 -23.85
N UNK J 61 -0.08 13.45 -23.05
CA UNK J 61 1.25 13.98 -23.46
C UNK J 61 2.18 14.17 -22.31
N UNK J 62 3.02 15.22 -22.45
CA UNK J 62 3.92 15.83 -21.46
C UNK J 62 3.27 16.14 -20.13
N UNK J 63 -4.96 17.37 -13.43
CA UNK J 63 -5.51 17.83 -12.03
C UNK J 63 -6.47 16.70 -11.43
N UNK J 64 -7.26 17.05 -10.39
CA UNK J 64 -8.43 16.18 -9.99
C UNK J 64 -9.60 16.12 -11.13
N UNK J 65 -9.62 17.25 -11.79
CA UNK J 65 -10.20 17.46 -13.09
C UNK J 65 -9.91 16.40 -14.18
N UNK J 66 -8.74 15.77 -14.22
CA UNK J 66 -8.49 14.61 -15.11
C UNK J 66 -9.44 13.48 -14.77
N UNK J 67 -9.60 13.26 -13.45
CA UNK J 67 -10.56 12.21 -13.01
C UNK J 67 -12.02 12.53 -13.50
N UNK J 68 -12.42 13.75 -13.12
CA UNK J 68 -13.74 14.17 -13.47
C UNK J 68 -13.95 14.27 -15.07
N UNK J 69 -12.91 14.61 -15.83
CA UNK J 69 -13.00 14.71 -17.29
C UNK J 69 -13.05 13.40 -17.93
N UNK J 70 -12.37 12.41 -17.34
CA UNK J 70 -12.47 11.01 -17.88
C UNK J 70 -13.88 10.55 -17.68
N UNK J 71 -14.42 10.80 -16.47
CA UNK J 71 -15.76 10.38 -16.20
C UNK J 71 -16.80 11.15 -17.13
N UNK J 72 -16.52 12.42 -17.42
CA UNK J 72 -17.34 13.29 -18.27
C UNK J 72 -17.43 12.76 -19.75
N UNK J 73 -16.24 12.52 -20.30
CA UNK J 73 -16.12 11.97 -21.64
C UNK J 73 -16.91 10.67 -21.64
N UNK J 74 -16.67 9.84 -20.63
CA UNK J 74 -17.22 8.49 -20.68
C UNK J 74 -18.80 8.44 -20.62
N UNK J 75 -19.40 8.95 -19.55
CA UNK J 75 -20.88 8.81 -19.45
C UNK J 75 -21.61 9.94 -20.26
N UNK J 76 -20.84 10.80 -20.96
CA UNK J 76 -21.36 11.67 -22.05
C UNK J 76 -21.12 11.08 -23.46
N UNK J 77 -20.29 10.03 -23.56
CA UNK J 77 -20.32 9.18 -24.79
C UNK J 77 -21.11 7.94 -24.48
N UNK J 78 -22.21 8.13 -23.68
CA UNK J 78 -23.04 7.01 -22.98
C UNK J 78 -24.39 7.14 -23.25
#